data_1BE9
# 
_entry.id   1BE9 
# 
_audit_conform.dict_name       mmcif_pdbx.dic 
_audit_conform.dict_version    5.385 
_audit_conform.dict_location   http://mmcif.pdb.org/dictionaries/ascii/mmcif_pdbx.dic 
# 
loop_
_database_2.database_id 
_database_2.database_code 
_database_2.pdbx_database_accession 
_database_2.pdbx_DOI 
PDB   1BE9         pdb_00001be9 10.2210/pdb1be9/pdb 
WWPDB D_1000171651 ?            ?                   
# 
loop_
_pdbx_audit_revision_history.ordinal 
_pdbx_audit_revision_history.data_content_type 
_pdbx_audit_revision_history.major_revision 
_pdbx_audit_revision_history.minor_revision 
_pdbx_audit_revision_history.revision_date 
1 'Structure model' 1 0 1998-10-21 
2 'Structure model' 1 1 2008-03-24 
3 'Structure model' 1 2 2011-07-13 
4 'Structure model' 1 3 2018-03-07 
5 'Structure model' 1 4 2024-02-07 
# 
_pdbx_audit_revision_details.ordinal             1 
_pdbx_audit_revision_details.revision_ordinal    1 
_pdbx_audit_revision_details.data_content_type   'Structure model' 
_pdbx_audit_revision_details.provider            repository 
_pdbx_audit_revision_details.type                'Initial release' 
_pdbx_audit_revision_details.description         ? 
_pdbx_audit_revision_details.details             ? 
# 
loop_
_pdbx_audit_revision_group.ordinal 
_pdbx_audit_revision_group.revision_ordinal 
_pdbx_audit_revision_group.data_content_type 
_pdbx_audit_revision_group.group 
1 2 'Structure model' 'Version format compliance' 
2 3 'Structure model' 'Version format compliance' 
3 4 'Structure model' 'Data collection'           
4 4 'Structure model' Other                       
5 5 'Structure model' 'Data collection'           
6 5 'Structure model' 'Database references'       
# 
loop_
_pdbx_audit_revision_category.ordinal 
_pdbx_audit_revision_category.revision_ordinal 
_pdbx_audit_revision_category.data_content_type 
_pdbx_audit_revision_category.category 
1 4 'Structure model' diffrn_source        
2 4 'Structure model' pdbx_database_status 
3 5 'Structure model' chem_comp_atom       
4 5 'Structure model' chem_comp_bond       
5 5 'Structure model' database_2           
6 5 'Structure model' struct_ref_seq_dif   
# 
loop_
_pdbx_audit_revision_item.ordinal 
_pdbx_audit_revision_item.revision_ordinal 
_pdbx_audit_revision_item.data_content_type 
_pdbx_audit_revision_item.item 
1 4 'Structure model' '_diffrn_source.source'               
2 4 'Structure model' '_pdbx_database_status.process_site'  
3 5 'Structure model' '_database_2.pdbx_DOI'                
4 5 'Structure model' '_database_2.pdbx_database_accession' 
5 5 'Structure model' '_struct_ref_seq_dif.details'         
# 
_pdbx_database_status.status_code                     REL 
_pdbx_database_status.entry_id                        1BE9 
_pdbx_database_status.recvd_initial_deposition_date   1998-05-20 
_pdbx_database_status.deposit_site                    ? 
_pdbx_database_status.process_site                    BNL 
_pdbx_database_status.status_code_sf                  REL 
_pdbx_database_status.status_code_mr                  ? 
_pdbx_database_status.SG_entry                        ? 
_pdbx_database_status.pdb_format_compatible           Y 
_pdbx_database_status.status_code_cs                  ? 
_pdbx_database_status.methods_development_category    ? 
_pdbx_database_status.status_code_nmr_data            ? 
# 
loop_
_audit_author.name 
_audit_author.pdbx_ordinal 
'Doyle, D.A.'   1 
'Lee, A.'       2 
'Lewis, J.'     3 
'Kim, E.'       4 
'Sheng, M.'     5 
'Mackinnon, R.' 6 
# 
loop_
_citation.id 
_citation.title 
_citation.journal_abbrev 
_citation.journal_volume 
_citation.page_first 
_citation.page_last 
_citation.year 
_citation.journal_id_ASTM 
_citation.country 
_citation.journal_id_ISSN 
_citation.journal_id_CSD 
_citation.book_publisher 
_citation.pdbx_database_id_PubMed 
_citation.pdbx_database_id_DOI 
primary 
'Crystal structures of a complexed and peptide-free membrane protein-binding domain: molecular basis of peptide recognition by PDZ.' 
'Cell(Cambridge,Mass.)' 85  1067 1076 1996 CELLB5 US 0092-8674 0998 'Cell Press' 8674113 '10.1016/S0092-8674(00)81307-0' 
1       'Crystal Structure of the Hcask Pdz Domain Reveals the Structural Basis of Class II Pdz Domain Target Recognition' 
Nat.Struct.Biol.        5   317  ?    1998 NSBIEW US 1072-8368 2024 ?            ?       ?                               
2       'Cript, a Novel Postsynaptic Protein that Binds to the Third Pdz Domain of Psd-95/Sap90' Neuron                  20  693  
?    1998 NERNET US 0896-6273 2038 ?            ?       ?                               
3       'Crystal Structure of a Pdz Domain' Nature                  382 649  ?    1996 NATUAS UK 0028-0836 0006 ?            ? ? 
# 
loop_
_citation_author.citation_id 
_citation_author.name 
_citation_author.ordinal 
_citation_author.identifier_ORCID 
primary 'Doyle, D.A.'        1  ? 
primary 'Lee, A.'            2  ? 
primary 'Lewis, J.'          3  ? 
primary 'Kim, E.'            4  ? 
primary 'Sheng, M.'          5  ? 
primary 'MacKinnon, R.'      6  ? 
1       'Daniels, D.L.'      7  ? 
1       'Cohen, A.R.'        8  ? 
1       'Anderson, J.M.'     9  ? 
1       'Brunger, A.T.'      10 ? 
2       'Niethammer, M.'     11 ? 
2       'Valtschanoff, J.G.' 12 ? 
2       'Kapoor, T.M.'       13 ? 
2       'Allison, D.W.'      14 ? 
2       'Weinberg, T.M.'     15 ? 
2       'Craig, A.M.'        16 ? 
2       'Sheng, M.'          17 ? 
3       'Cabral, M.'         18 ? 
3       'Petosa, C.'         19 ? 
3       'Sutcliffe, M.J.'    20 ? 
3       'Raza, S.'           21 ? 
3       'Byron, O.'          22 ? 
3       'Poy, F.'            23 ? 
3       'Marfatia, S.M.'     24 ? 
3       'Chishti, A.H.'      25 ? 
3       'Liddington, R.C.'   26 ? 
# 
loop_
_entity.id 
_entity.type 
_entity.src_method 
_entity.pdbx_description 
_entity.formula_weight 
_entity.pdbx_number_of_molecules 
_entity.pdbx_ec 
_entity.pdbx_mutation 
_entity.pdbx_fragment 
_entity.details 
1 polymer man PSD-95 12750.126 1   ? ? 'THE THIRD PDZ DOMAIN OF PSD-95' ? 
2 polymer nat CRIPT  562.636   1   ? ? 'C-TERMINAL PEPTIDE'             ? 
3 water   nat water  18.015    146 ? ? ?                                ? 
# 
loop_
_entity_poly.entity_id 
_entity_poly.type 
_entity_poly.nstd_linkage 
_entity_poly.nstd_monomer 
_entity_poly.pdbx_seq_one_letter_code 
_entity_poly.pdbx_seq_one_letter_code_can 
_entity_poly.pdbx_strand_id 
_entity_poly.pdbx_target_identifier 
1 'polypeptide(L)' no no 
;GSPEFLGEEDIPREPRRIVIHRGSTGLGFNIIGGEDGEGIFISFILAGGPADLSGELRKGDQILSVNGVDLRNASHEQAA
IALKNAGQTVTIIAQYKPEEYSRFEANSRVNSSGRIVTN
;
;GSPEFLGEEDIPREPRRIVIHRGSTGLGFNIIGGEDGEGIFISFILAGGPADLSGELRKGDQILSVNGVDLRNASHEQAA
IALKNAGQTVTIIAQYKPEEYSRFEANSRVNSSGRIVTN
;
A ? 
2 'polypeptide(L)' no no KQTSV KQTSV B ? 
# 
_pdbx_entity_nonpoly.entity_id   3 
_pdbx_entity_nonpoly.name        water 
_pdbx_entity_nonpoly.comp_id     HOH 
# 
loop_
_entity_poly_seq.entity_id 
_entity_poly_seq.num 
_entity_poly_seq.mon_id 
_entity_poly_seq.hetero 
1 1   GLY n 
1 2   SER n 
1 3   PRO n 
1 4   GLU n 
1 5   PHE n 
1 6   LEU n 
1 7   GLY n 
1 8   GLU n 
1 9   GLU n 
1 10  ASP n 
1 11  ILE n 
1 12  PRO n 
1 13  ARG n 
1 14  GLU n 
1 15  PRO n 
1 16  ARG n 
1 17  ARG n 
1 18  ILE n 
1 19  VAL n 
1 20  ILE n 
1 21  HIS n 
1 22  ARG n 
1 23  GLY n 
1 24  SER n 
1 25  THR n 
1 26  GLY n 
1 27  LEU n 
1 28  GLY n 
1 29  PHE n 
1 30  ASN n 
1 31  ILE n 
1 32  ILE n 
1 33  GLY n 
1 34  GLY n 
1 35  GLU n 
1 36  ASP n 
1 37  GLY n 
1 38  GLU n 
1 39  GLY n 
1 40  ILE n 
1 41  PHE n 
1 42  ILE n 
1 43  SER n 
1 44  PHE n 
1 45  ILE n 
1 46  LEU n 
1 47  ALA n 
1 48  GLY n 
1 49  GLY n 
1 50  PRO n 
1 51  ALA n 
1 52  ASP n 
1 53  LEU n 
1 54  SER n 
1 55  GLY n 
1 56  GLU n 
1 57  LEU n 
1 58  ARG n 
1 59  LYS n 
1 60  GLY n 
1 61  ASP n 
1 62  GLN n 
1 63  ILE n 
1 64  LEU n 
1 65  SER n 
1 66  VAL n 
1 67  ASN n 
1 68  GLY n 
1 69  VAL n 
1 70  ASP n 
1 71  LEU n 
1 72  ARG n 
1 73  ASN n 
1 74  ALA n 
1 75  SER n 
1 76  HIS n 
1 77  GLU n 
1 78  GLN n 
1 79  ALA n 
1 80  ALA n 
1 81  ILE n 
1 82  ALA n 
1 83  LEU n 
1 84  LYS n 
1 85  ASN n 
1 86  ALA n 
1 87  GLY n 
1 88  GLN n 
1 89  THR n 
1 90  VAL n 
1 91  THR n 
1 92  ILE n 
1 93  ILE n 
1 94  ALA n 
1 95  GLN n 
1 96  TYR n 
1 97  LYS n 
1 98  PRO n 
1 99  GLU n 
1 100 GLU n 
1 101 TYR n 
1 102 SER n 
1 103 ARG n 
1 104 PHE n 
1 105 GLU n 
1 106 ALA n 
1 107 ASN n 
1 108 SER n 
1 109 ARG n 
1 110 VAL n 
1 111 ASN n 
1 112 SER n 
1 113 SER n 
1 114 GLY n 
1 115 ARG n 
1 116 ILE n 
1 117 VAL n 
1 118 THR n 
1 119 ASN n 
2 1   LYS n 
2 2   GLN n 
2 3   THR n 
2 4   SER n 
2 5   VAL n 
# 
_entity_src_gen.entity_id                          1 
_entity_src_gen.pdbx_src_id                        1 
_entity_src_gen.pdbx_alt_source_flag               sample 
_entity_src_gen.pdbx_seq_type                      ? 
_entity_src_gen.pdbx_beg_seq_num                   ? 
_entity_src_gen.pdbx_end_seq_num                   ? 
_entity_src_gen.gene_src_common_name               'Norway rat' 
_entity_src_gen.gene_src_genus                     Rattus 
_entity_src_gen.pdbx_gene_src_gene                 ? 
_entity_src_gen.gene_src_species                   ? 
_entity_src_gen.gene_src_strain                    ? 
_entity_src_gen.gene_src_tissue                    ? 
_entity_src_gen.gene_src_tissue_fraction           ? 
_entity_src_gen.gene_src_details                   ? 
_entity_src_gen.pdbx_gene_src_fragment             ? 
_entity_src_gen.pdbx_gene_src_scientific_name      'Rattus norvegicus' 
_entity_src_gen.pdbx_gene_src_ncbi_taxonomy_id     10116 
_entity_src_gen.pdbx_gene_src_variant              ? 
_entity_src_gen.pdbx_gene_src_cell_line            ? 
_entity_src_gen.pdbx_gene_src_atcc                 ? 
_entity_src_gen.pdbx_gene_src_organ                ? 
_entity_src_gen.pdbx_gene_src_organelle            ? 
_entity_src_gen.pdbx_gene_src_cell                 ? 
_entity_src_gen.pdbx_gene_src_cellular_location    ? 
_entity_src_gen.host_org_common_name               ? 
_entity_src_gen.pdbx_host_org_scientific_name      'Escherichia coli BL21' 
_entity_src_gen.pdbx_host_org_ncbi_taxonomy_id     511693 
_entity_src_gen.host_org_genus                     Escherichia 
_entity_src_gen.pdbx_host_org_gene                 ? 
_entity_src_gen.pdbx_host_org_organ                ? 
_entity_src_gen.host_org_species                   'Escherichia coli' 
_entity_src_gen.pdbx_host_org_tissue               ? 
_entity_src_gen.pdbx_host_org_tissue_fraction      ? 
_entity_src_gen.pdbx_host_org_strain               BL21 
_entity_src_gen.pdbx_host_org_variant              ? 
_entity_src_gen.pdbx_host_org_cell_line            ? 
_entity_src_gen.pdbx_host_org_atcc                 ? 
_entity_src_gen.pdbx_host_org_culture_collection   ? 
_entity_src_gen.pdbx_host_org_cell                 ? 
_entity_src_gen.pdbx_host_org_organelle            ? 
_entity_src_gen.pdbx_host_org_cellular_location    ? 
_entity_src_gen.pdbx_host_org_vector_type          ? 
_entity_src_gen.pdbx_host_org_vector               ? 
_entity_src_gen.host_org_details                   ? 
_entity_src_gen.expression_system_id               ? 
_entity_src_gen.plasmid_name                       PGEX-4T-1 
_entity_src_gen.plasmid_details                    ? 
_entity_src_gen.pdbx_description                   ? 
# 
loop_
_chem_comp.id 
_chem_comp.type 
_chem_comp.mon_nstd_flag 
_chem_comp.name 
_chem_comp.pdbx_synonyms 
_chem_comp.formula 
_chem_comp.formula_weight 
ALA 'L-peptide linking' y ALANINE         ? 'C3 H7 N O2'     89.093  
ARG 'L-peptide linking' y ARGININE        ? 'C6 H15 N4 O2 1' 175.209 
ASN 'L-peptide linking' y ASPARAGINE      ? 'C4 H8 N2 O3'    132.118 
ASP 'L-peptide linking' y 'ASPARTIC ACID' ? 'C4 H7 N O4'     133.103 
GLN 'L-peptide linking' y GLUTAMINE       ? 'C5 H10 N2 O3'   146.144 
GLU 'L-peptide linking' y 'GLUTAMIC ACID' ? 'C5 H9 N O4'     147.129 
GLY 'peptide linking'   y GLYCINE         ? 'C2 H5 N O2'     75.067  
HIS 'L-peptide linking' y HISTIDINE       ? 'C6 H10 N3 O2 1' 156.162 
HOH non-polymer         . WATER           ? 'H2 O'           18.015  
ILE 'L-peptide linking' y ISOLEUCINE      ? 'C6 H13 N O2'    131.173 
LEU 'L-peptide linking' y LEUCINE         ? 'C6 H13 N O2'    131.173 
LYS 'L-peptide linking' y LYSINE          ? 'C6 H15 N2 O2 1' 147.195 
MET 'L-peptide linking' y METHIONINE      ? 'C5 H11 N O2 S'  149.211 
PHE 'L-peptide linking' y PHENYLALANINE   ? 'C9 H11 N O2'    165.189 
PRO 'L-peptide linking' y PROLINE         ? 'C5 H9 N O2'     115.130 
SER 'L-peptide linking' y SERINE          ? 'C3 H7 N O3'     105.093 
THR 'L-peptide linking' y THREONINE       ? 'C4 H9 N O3'     119.119 
TYR 'L-peptide linking' y TYROSINE        ? 'C9 H11 N O3'    181.189 
VAL 'L-peptide linking' y VALINE          ? 'C5 H11 N O2'    117.146 
# 
loop_
_pdbx_poly_seq_scheme.asym_id 
_pdbx_poly_seq_scheme.entity_id 
_pdbx_poly_seq_scheme.seq_id 
_pdbx_poly_seq_scheme.mon_id 
_pdbx_poly_seq_scheme.ndb_seq_num 
_pdbx_poly_seq_scheme.pdb_seq_num 
_pdbx_poly_seq_scheme.auth_seq_num 
_pdbx_poly_seq_scheme.pdb_mon_id 
_pdbx_poly_seq_scheme.auth_mon_id 
_pdbx_poly_seq_scheme.pdb_strand_id 
_pdbx_poly_seq_scheme.pdb_ins_code 
_pdbx_poly_seq_scheme.hetero 
A 1 1   GLY 1   297 ?   ?   ?   A . n 
A 1 2   SER 2   298 ?   ?   ?   A . n 
A 1 3   PRO 3   299 ?   ?   ?   A . n 
A 1 4   GLU 4   300 ?   ?   ?   A . n 
A 1 5   PHE 5   301 301 PHE PHE A . n 
A 1 6   LEU 6   302 302 LEU LEU A . n 
A 1 7   GLY 7   303 303 GLY GLY A . n 
A 1 8   GLU 8   304 304 GLU GLU A . n 
A 1 9   GLU 9   305 305 GLU GLU A . n 
A 1 10  ASP 10  306 306 ASP ASP A . n 
A 1 11  ILE 11  307 307 ILE ILE A . n 
A 1 12  PRO 12  308 308 PRO PRO A . n 
A 1 13  ARG 13  309 309 ARG ARG A . n 
A 1 14  GLU 14  310 310 GLU GLU A . n 
A 1 15  PRO 15  311 311 PRO PRO A . n 
A 1 16  ARG 16  312 312 ARG ARG A . n 
A 1 17  ARG 17  313 313 ARG ARG A . n 
A 1 18  ILE 18  314 314 ILE ILE A . n 
A 1 19  VAL 19  315 315 VAL VAL A . n 
A 1 20  ILE 20  316 316 ILE ILE A . n 
A 1 21  HIS 21  317 317 HIS HIS A . n 
A 1 22  ARG 22  318 318 ARG ARG A . n 
A 1 23  GLY 23  319 319 GLY GLY A . n 
A 1 24  SER 24  320 320 SER SER A . n 
A 1 25  THR 25  321 321 THR THR A . n 
A 1 26  GLY 26  322 322 GLY GLY A . n 
A 1 27  LEU 27  323 323 LEU LEU A . n 
A 1 28  GLY 28  324 324 GLY GLY A . n 
A 1 29  PHE 29  325 325 PHE PHE A . n 
A 1 30  ASN 30  326 326 ASN ASN A . n 
A 1 31  ILE 31  327 327 ILE ILE A . n 
A 1 32  ILE 32  328 328 ILE ILE A . n 
A 1 33  GLY 33  329 329 GLY GLY A . n 
A 1 34  GLY 34  330 330 GLY GLY A . n 
A 1 35  GLU 35  331 331 GLU GLU A . n 
A 1 36  ASP 36  332 332 ASP ASP A . n 
A 1 37  GLY 37  333 333 GLY GLY A . n 
A 1 38  GLU 38  334 334 GLU GLU A . n 
A 1 39  GLY 39  335 335 GLY GLY A . n 
A 1 40  ILE 40  336 336 ILE ILE A . n 
A 1 41  PHE 41  337 337 PHE PHE A . n 
A 1 42  ILE 42  338 338 ILE ILE A . n 
A 1 43  SER 43  339 339 SER SER A . n 
A 1 44  PHE 44  340 340 PHE PHE A . n 
A 1 45  ILE 45  341 341 ILE ILE A . n 
A 1 46  LEU 46  342 342 LEU LEU A . n 
A 1 47  ALA 47  343 343 ALA ALA A . n 
A 1 48  GLY 48  344 344 GLY GLY A . n 
A 1 49  GLY 49  345 345 GLY GLY A . n 
A 1 50  PRO 50  346 346 PRO PRO A . n 
A 1 51  ALA 51  347 347 ALA ALA A . n 
A 1 52  ASP 52  348 348 ASP ASP A . n 
A 1 53  LEU 53  349 349 LEU LEU A . n 
A 1 54  SER 54  350 350 SER SER A . n 
A 1 55  GLY 55  351 351 GLY GLY A . n 
A 1 56  GLU 56  352 352 GLU GLU A . n 
A 1 57  LEU 57  353 353 LEU LEU A . n 
A 1 58  ARG 58  354 354 ARG ARG A . n 
A 1 59  LYS 59  355 355 LYS LYS A . n 
A 1 60  GLY 60  356 356 GLY GLY A . n 
A 1 61  ASP 61  357 357 ASP ASP A . n 
A 1 62  GLN 62  358 358 GLN GLN A . n 
A 1 63  ILE 63  359 359 ILE ILE A . n 
A 1 64  LEU 64  360 360 LEU LEU A . n 
A 1 65  SER 65  361 361 SER SER A . n 
A 1 66  VAL 66  362 362 VAL VAL A . n 
A 1 67  ASN 67  363 363 ASN ASN A . n 
A 1 68  GLY 68  364 364 GLY GLY A . n 
A 1 69  VAL 69  365 365 VAL VAL A . n 
A 1 70  ASP 70  366 366 ASP ASP A . n 
A 1 71  LEU 71  367 367 LEU LEU A . n 
A 1 72  ARG 72  368 368 ARG ARG A . n 
A 1 73  ASN 73  369 369 ASN ASN A . n 
A 1 74  ALA 74  370 370 ALA ALA A . n 
A 1 75  SER 75  371 371 SER SER A . n 
A 1 76  HIS 76  372 372 HIS HIS A . n 
A 1 77  GLU 77  373 373 GLU GLU A . n 
A 1 78  GLN 78  374 374 GLN GLN A . n 
A 1 79  ALA 79  375 375 ALA ALA A . n 
A 1 80  ALA 80  376 376 ALA ALA A . n 
A 1 81  ILE 81  377 377 ILE ILE A . n 
A 1 82  ALA 82  378 378 ALA ALA A . n 
A 1 83  LEU 83  379 379 LEU LEU A . n 
A 1 84  LYS 84  380 380 LYS LYS A . n 
A 1 85  ASN 85  381 381 ASN ASN A . n 
A 1 86  ALA 86  382 382 ALA ALA A . n 
A 1 87  GLY 87  383 383 GLY GLY A . n 
A 1 88  GLN 88  384 384 GLN GLN A . n 
A 1 89  THR 89  385 385 THR THR A . n 
A 1 90  VAL 90  386 386 VAL VAL A . n 
A 1 91  THR 91  387 387 THR THR A . n 
A 1 92  ILE 92  388 388 ILE ILE A . n 
A 1 93  ILE 93  389 389 ILE ILE A . n 
A 1 94  ALA 94  390 390 ALA ALA A . n 
A 1 95  GLN 95  391 391 GLN GLN A . n 
A 1 96  TYR 96  392 392 TYR TYR A . n 
A 1 97  LYS 97  393 393 LYS LYS A . n 
A 1 98  PRO 98  394 394 PRO PRO A . n 
A 1 99  GLU 99  395 395 GLU GLU A . n 
A 1 100 GLU 100 396 396 GLU GLU A . n 
A 1 101 TYR 101 397 397 TYR TYR A . n 
A 1 102 SER 102 398 398 SER SER A . n 
A 1 103 ARG 103 399 399 ARG ARG A . n 
A 1 104 PHE 104 400 400 PHE PHE A . n 
A 1 105 GLU 105 401 401 GLU GLU A . n 
A 1 106 ALA 106 402 402 ALA ALA A . n 
A 1 107 ASN 107 403 403 ASN ASN A . n 
A 1 108 SER 108 404 404 SER SER A . n 
A 1 109 ARG 109 405 405 ARG ARG A . n 
A 1 110 VAL 110 406 406 VAL VAL A . n 
A 1 111 ASN 111 407 407 ASN ASN A . n 
A 1 112 SER 112 408 408 SER SER A . n 
A 1 113 SER 113 409 409 SER SER A . n 
A 1 114 GLY 114 410 410 GLY GLY A . n 
A 1 115 ARG 115 411 411 ARG ARG A . n 
A 1 116 ILE 116 412 412 ILE ILE A . n 
A 1 117 VAL 117 413 413 VAL VAL A . n 
A 1 118 THR 118 414 414 THR THR A . n 
A 1 119 ASN 119 415 415 ASN ASN A . n 
B 2 1   LYS 1   5   5   LYS LYS B . n 
B 2 2   GLN 2   6   6   GLN GLN B . n 
B 2 3   THR 3   7   7   THR THR B . n 
B 2 4   SER 4   8   8   SER SER B . n 
B 2 5   VAL 5   9   9   VAL VAL B . n 
# 
loop_
_pdbx_nonpoly_scheme.asym_id 
_pdbx_nonpoly_scheme.entity_id 
_pdbx_nonpoly_scheme.mon_id 
_pdbx_nonpoly_scheme.ndb_seq_num 
_pdbx_nonpoly_scheme.pdb_seq_num 
_pdbx_nonpoly_scheme.auth_seq_num 
_pdbx_nonpoly_scheme.pdb_mon_id 
_pdbx_nonpoly_scheme.auth_mon_id 
_pdbx_nonpoly_scheme.pdb_strand_id 
_pdbx_nonpoly_scheme.pdb_ins_code 
C 3 HOH 1   1   1   HOH HOH A . 
C 3 HOH 2   2   2   HOH HOH A . 
C 3 HOH 3   3   3   HOH HOH A . 
C 3 HOH 4   4   4   HOH HOH A . 
C 3 HOH 5   5   5   HOH HOH A . 
C 3 HOH 6   6   6   HOH HOH A . 
C 3 HOH 7   7   7   HOH HOH A . 
C 3 HOH 8   8   8   HOH HOH A . 
C 3 HOH 9   9   9   HOH HOH A . 
C 3 HOH 10  10  10  HOH HOH A . 
C 3 HOH 11  11  11  HOH HOH A . 
C 3 HOH 12  12  12  HOH HOH A . 
C 3 HOH 13  13  13  HOH HOH A . 
C 3 HOH 14  14  14  HOH HOH A . 
C 3 HOH 15  15  15  HOH HOH A . 
C 3 HOH 16  16  16  HOH HOH A . 
C 3 HOH 17  17  17  HOH HOH A . 
C 3 HOH 18  18  18  HOH HOH A . 
C 3 HOH 19  19  19  HOH HOH A . 
C 3 HOH 20  20  20  HOH HOH A . 
C 3 HOH 21  21  21  HOH HOH A . 
C 3 HOH 22  22  22  HOH HOH A . 
C 3 HOH 23  23  23  HOH HOH A . 
C 3 HOH 24  24  24  HOH HOH A . 
C 3 HOH 25  25  25  HOH HOH A . 
C 3 HOH 26  26  26  HOH HOH A . 
C 3 HOH 27  27  27  HOH HOH A . 
C 3 HOH 28  28  28  HOH HOH A . 
C 3 HOH 29  29  29  HOH HOH A . 
C 3 HOH 30  30  30  HOH HOH A . 
C 3 HOH 31  31  31  HOH HOH A . 
C 3 HOH 32  32  32  HOH HOH A . 
C 3 HOH 33  33  33  HOH HOH A . 
C 3 HOH 34  34  34  HOH HOH A . 
C 3 HOH 35  35  35  HOH HOH A . 
C 3 HOH 36  36  36  HOH HOH A . 
C 3 HOH 37  37  37  HOH HOH A . 
C 3 HOH 38  38  38  HOH HOH A . 
C 3 HOH 39  39  39  HOH HOH A . 
C 3 HOH 40  40  40  HOH HOH A . 
C 3 HOH 41  41  41  HOH HOH A . 
C 3 HOH 42  42  42  HOH HOH A . 
C 3 HOH 43  43  43  HOH HOH A . 
C 3 HOH 44  44  44  HOH HOH A . 
C 3 HOH 45  45  45  HOH HOH A . 
C 3 HOH 46  46  46  HOH HOH A . 
C 3 HOH 47  47  47  HOH HOH A . 
C 3 HOH 48  48  48  HOH HOH A . 
C 3 HOH 49  49  49  HOH HOH A . 
C 3 HOH 50  50  50  HOH HOH A . 
C 3 HOH 51  51  51  HOH HOH A . 
C 3 HOH 52  52  52  HOH HOH A . 
C 3 HOH 53  53  53  HOH HOH A . 
C 3 HOH 54  54  54  HOH HOH A . 
C 3 HOH 55  55  55  HOH HOH A . 
C 3 HOH 56  58  58  HOH HOH A . 
C 3 HOH 57  59  59  HOH HOH A . 
C 3 HOH 58  60  60  HOH HOH A . 
C 3 HOH 59  61  61  HOH HOH A . 
C 3 HOH 60  62  62  HOH HOH A . 
C 3 HOH 61  63  63  HOH HOH A . 
C 3 HOH 62  64  64  HOH HOH A . 
C 3 HOH 63  65  65  HOH HOH A . 
C 3 HOH 64  66  66  HOH HOH A . 
C 3 HOH 65  67  67  HOH HOH A . 
C 3 HOH 66  68  68  HOH HOH A . 
C 3 HOH 67  69  69  HOH HOH A . 
C 3 HOH 68  70  70  HOH HOH A . 
C 3 HOH 69  71  71  HOH HOH A . 
C 3 HOH 70  72  72  HOH HOH A . 
C 3 HOH 71  73  73  HOH HOH A . 
C 3 HOH 72  74  74  HOH HOH A . 
C 3 HOH 73  75  75  HOH HOH A . 
C 3 HOH 74  76  76  HOH HOH A . 
C 3 HOH 75  77  77  HOH HOH A . 
C 3 HOH 76  78  78  HOH HOH A . 
C 3 HOH 77  79  79  HOH HOH A . 
C 3 HOH 78  80  80  HOH HOH A . 
C 3 HOH 79  81  81  HOH HOH A . 
C 3 HOH 80  82  82  HOH HOH A . 
C 3 HOH 81  83  83  HOH HOH A . 
C 3 HOH 82  84  84  HOH HOH A . 
C 3 HOH 83  86  86  HOH HOH A . 
C 3 HOH 84  87  87  HOH HOH A . 
C 3 HOH 85  88  88  HOH HOH A . 
C 3 HOH 86  90  90  HOH HOH A . 
C 3 HOH 87  91  91  HOH HOH A . 
C 3 HOH 88  92  92  HOH HOH A . 
C 3 HOH 89  93  93  HOH HOH A . 
C 3 HOH 90  94  94  HOH HOH A . 
C 3 HOH 91  95  95  HOH HOH A . 
C 3 HOH 92  96  96  HOH HOH A . 
C 3 HOH 93  97  97  HOH HOH A . 
C 3 HOH 94  98  98  HOH HOH A . 
C 3 HOH 95  99  99  HOH HOH A . 
C 3 HOH 96  100 100 HOH HOH A . 
C 3 HOH 97  102 102 HOH HOH A . 
C 3 HOH 98  103 103 HOH HOH A . 
C 3 HOH 99  104 104 HOH HOH A . 
C 3 HOH 100 105 105 HOH HOH A . 
C 3 HOH 101 106 106 HOH HOH A . 
C 3 HOH 102 107 107 HOH HOH A . 
C 3 HOH 103 108 108 HOH HOH A . 
C 3 HOH 104 109 109 HOH HOH A . 
C 3 HOH 105 110 110 HOH HOH A . 
C 3 HOH 106 111 111 HOH HOH A . 
C 3 HOH 107 112 112 HOH HOH A . 
C 3 HOH 108 113 113 HOH HOH A . 
C 3 HOH 109 114 114 HOH HOH A . 
C 3 HOH 110 115 115 HOH HOH A . 
C 3 HOH 111 116 116 HOH HOH A . 
C 3 HOH 112 117 117 HOH HOH A . 
C 3 HOH 113 119 119 HOH HOH A . 
C 3 HOH 114 120 120 HOH HOH A . 
C 3 HOH 115 122 122 HOH HOH A . 
C 3 HOH 116 123 123 HOH HOH A . 
C 3 HOH 117 124 124 HOH HOH A . 
C 3 HOH 118 125 125 HOH HOH A . 
C 3 HOH 119 126 126 HOH HOH A . 
C 3 HOH 120 127 127 HOH HOH A . 
C 3 HOH 121 128 128 HOH HOH A . 
C 3 HOH 122 129 129 HOH HOH A . 
C 3 HOH 123 130 130 HOH HOH A . 
C 3 HOH 124 131 131 HOH HOH A . 
C 3 HOH 125 132 132 HOH HOH A . 
C 3 HOH 126 133 133 HOH HOH A . 
C 3 HOH 127 134 134 HOH HOH A . 
C 3 HOH 128 135 135 HOH HOH A . 
C 3 HOH 129 136 136 HOH HOH A . 
C 3 HOH 130 137 137 HOH HOH A . 
C 3 HOH 131 138 138 HOH HOH A . 
C 3 HOH 132 140 140 HOH HOH A . 
C 3 HOH 133 141 141 HOH HOH A . 
C 3 HOH 134 142 142 HOH HOH A . 
C 3 HOH 135 143 143 HOH HOH A . 
C 3 HOH 136 144 144 HOH HOH A . 
C 3 HOH 137 146 146 HOH HOH A . 
D 3 HOH 1   56  56  HOH HOH B . 
D 3 HOH 2   57  57  HOH HOH B . 
D 3 HOH 3   85  85  HOH HOH B . 
D 3 HOH 4   89  89  HOH HOH B . 
D 3 HOH 5   101 101 HOH HOH B . 
D 3 HOH 6   118 118 HOH HOH B . 
D 3 HOH 7   121 121 HOH HOH B . 
D 3 HOH 8   139 139 HOH HOH B . 
D 3 HOH 9   145 145 HOH HOH B . 
# 
loop_
_pdbx_unobs_or_zero_occ_atoms.id 
_pdbx_unobs_or_zero_occ_atoms.PDB_model_num 
_pdbx_unobs_or_zero_occ_atoms.polymer_flag 
_pdbx_unobs_or_zero_occ_atoms.occupancy_flag 
_pdbx_unobs_or_zero_occ_atoms.auth_asym_id 
_pdbx_unobs_or_zero_occ_atoms.auth_comp_id 
_pdbx_unobs_or_zero_occ_atoms.auth_seq_id 
_pdbx_unobs_or_zero_occ_atoms.PDB_ins_code 
_pdbx_unobs_or_zero_occ_atoms.auth_atom_id 
_pdbx_unobs_or_zero_occ_atoms.label_alt_id 
_pdbx_unobs_or_zero_occ_atoms.label_asym_id 
_pdbx_unobs_or_zero_occ_atoms.label_comp_id 
_pdbx_unobs_or_zero_occ_atoms.label_seq_id 
_pdbx_unobs_or_zero_occ_atoms.label_atom_id 
1  1 Y 1 A PHE 301 ? CG  ? A PHE 5  CG  
2  1 Y 1 A PHE 301 ? CD1 ? A PHE 5  CD1 
3  1 Y 1 A PHE 301 ? CD2 ? A PHE 5  CD2 
4  1 Y 1 A PHE 301 ? CE1 ? A PHE 5  CE1 
5  1 Y 1 A PHE 301 ? CE2 ? A PHE 5  CE2 
6  1 Y 1 A PHE 301 ? CZ  ? A PHE 5  CZ  
7  1 Y 1 A ASP 332 ? CG  ? A ASP 36 CG  
8  1 Y 1 A ASP 332 ? OD1 ? A ASP 36 OD1 
9  1 Y 1 A ASP 332 ? OD2 ? A ASP 36 OD2 
10 1 Y 1 B LYS 5   ? CG  ? B LYS 1  CG  
11 1 Y 1 B LYS 5   ? CD  ? B LYS 1  CD  
12 1 Y 1 B LYS 5   ? CE  ? B LYS 1  CE  
13 1 Y 1 B LYS 5   ? NZ  ? B LYS 1  NZ  
# 
loop_
_software.name 
_software.classification 
_software.version 
_software.citation_id 
_software.pdbx_ordinal 
X-PLOR    'model building' 3.851 ? 1 
X-PLOR    refinement       3.851 ? 2 
MOSFLM    'data reduction' .     ? 3 
SCALEPACK 'data scaling'   .     ? 4 
X-PLOR    phasing          3.851 ? 5 
# 
_cell.entry_id           1BE9 
_cell.length_a           89.340 
_cell.length_b           89.340 
_cell.length_c           89.340 
_cell.angle_alpha        90.00 
_cell.angle_beta         90.00 
_cell.angle_gamma        90.00 
_cell.Z_PDB              24 
_cell.pdbx_unique_axis   ? 
_cell.length_a_esd       ? 
_cell.length_b_esd       ? 
_cell.length_c_esd       ? 
_cell.angle_alpha_esd    ? 
_cell.angle_beta_esd     ? 
_cell.angle_gamma_esd    ? 
# 
_symmetry.entry_id                         1BE9 
_symmetry.space_group_name_H-M             'P 41 3 2' 
_symmetry.pdbx_full_space_group_name_H-M   ? 
_symmetry.cell_setting                     ? 
_symmetry.Int_Tables_number                213 
_symmetry.space_group_name_Hall            ? 
# 
_exptl.entry_id          1BE9 
_exptl.method            'X-RAY DIFFRACTION' 
_exptl.crystals_number   1 
# 
_exptl_crystal.id                    1 
_exptl_crystal.density_meas          ? 
_exptl_crystal.density_Matthews      2.23 
_exptl_crystal.density_percent_sol   44.87 
_exptl_crystal.description           
'THE PEPTIDE-FREE PDZ3 MODEL WAS USED IN A RIGID BODY REFINEMENT, FOLLOWED BY CYCLES OF LEAST-SQUARES REFINEMENT AND MODEL BUILDING.' 
_exptl_crystal.F_000                 ? 
_exptl_crystal.preparation           ? 
# 
_exptl_crystal_grow.crystal_id      1 
_exptl_crystal_grow.method          ? 
_exptl_crystal_grow.temp            ? 
_exptl_crystal_grow.temp_details    ? 
_exptl_crystal_grow.pH              7.5 
_exptl_crystal_grow.pdbx_pH_range   ? 
_exptl_crystal_grow.pdbx_details    '0.8 M SODIUM CITRATE, 0.1 M HEPES, PH 7.5' 
# 
_diffrn.id                     1 
_diffrn.ambient_temp           100 
_diffrn.ambient_temp_details   ? 
_diffrn.crystal_id             1 
# 
_diffrn_detector.diffrn_id              1 
_diffrn_detector.detector               'IMAGE PLATE' 
_diffrn_detector.type                   MARRESEARCH 
_diffrn_detector.pdbx_collection_date   1996-01 
_diffrn_detector.details                COLLIMATOR 
# 
_diffrn_radiation.diffrn_id                        1 
_diffrn_radiation.wavelength_id                    1 
_diffrn_radiation.pdbx_monochromatic_or_laue_m_l   M 
_diffrn_radiation.monochromator                    'NI FILTER' 
_diffrn_radiation.pdbx_diffrn_protocol             ? 
_diffrn_radiation.pdbx_scattering_type             x-ray 
# 
_diffrn_radiation_wavelength.id           1 
_diffrn_radiation_wavelength.wavelength   1.5418 
_diffrn_radiation_wavelength.wt           1.0 
# 
_diffrn_source.diffrn_id                   1 
_diffrn_source.source                      'ROTATING ANODE' 
_diffrn_source.type                        SIEMENS 
_diffrn_source.pdbx_synchrotron_site       ? 
_diffrn_source.pdbx_synchrotron_beamline   ? 
_diffrn_source.pdbx_wavelength             1.5418 
_diffrn_source.pdbx_wavelength_list        ? 
# 
_reflns.entry_id                     1BE9 
_reflns.observed_criterion_sigma_I   2 
_reflns.observed_criterion_sigma_F   ? 
_reflns.d_resolution_low             20.0 
_reflns.d_resolution_high            1.82 
_reflns.number_obs                   11108 
_reflns.number_all                   ? 
_reflns.percent_possible_obs         95.7 
_reflns.pdbx_Rmerge_I_obs            0.0480000 
_reflns.pdbx_Rsym_value              ? 
_reflns.pdbx_netI_over_sigmaI        ? 
_reflns.B_iso_Wilson_estimate        ? 
_reflns.pdbx_redundancy              ? 
_reflns.R_free_details               ? 
_reflns.limit_h_max                  ? 
_reflns.limit_h_min                  ? 
_reflns.limit_k_max                  ? 
_reflns.limit_k_min                  ? 
_reflns.limit_l_max                  ? 
_reflns.limit_l_min                  ? 
_reflns.observed_criterion_F_max     ? 
_reflns.observed_criterion_F_min     ? 
_reflns.pdbx_chi_squared             ? 
_reflns.pdbx_scaling_rejects         ? 
_reflns.pdbx_diffrn_id               1 
_reflns.pdbx_ordinal                 1 
# 
_reflns_shell.d_res_high             1.82 
_reflns_shell.d_res_low              1.88 
_reflns_shell.percent_possible_all   92.6 
_reflns_shell.Rmerge_I_obs           0.1440000 
_reflns_shell.pdbx_Rsym_value        ? 
_reflns_shell.meanI_over_sigI_obs    ? 
_reflns_shell.pdbx_redundancy        ? 
_reflns_shell.percent_possible_obs   ? 
_reflns_shell.number_unique_all      ? 
_reflns_shell.number_measured_all    ? 
_reflns_shell.number_measured_obs    ? 
_reflns_shell.number_unique_obs      ? 
_reflns_shell.pdbx_chi_squared       ? 
_reflns_shell.pdbx_diffrn_id         ? 
_reflns_shell.pdbx_ordinal           1 
# 
_refine.entry_id                                 1BE9 
_refine.ls_number_reflns_obs                     ? 
_refine.ls_number_reflns_all                     ? 
_refine.pdbx_ls_sigma_I                          ? 
_refine.pdbx_ls_sigma_F                          ? 
_refine.pdbx_data_cutoff_high_absF               ? 
_refine.pdbx_data_cutoff_low_absF                ? 
_refine.pdbx_data_cutoff_high_rms_absF           ? 
_refine.ls_d_res_low                             20.00 
_refine.ls_d_res_high                            1.82 
_refine.ls_percent_reflns_obs                    ? 
_refine.ls_R_factor_obs                          ? 
_refine.ls_R_factor_all                          ? 
_refine.ls_R_factor_R_work                       0.207 
_refine.ls_R_factor_R_free                       0.278 
_refine.ls_R_factor_R_free_error                 ? 
_refine.ls_R_factor_R_free_error_details         ? 
_refine.ls_percent_reflns_R_free                 ? 
_refine.ls_number_reflns_R_free                  ? 
_refine.ls_number_parameters                     ? 
_refine.ls_number_restraints                     ? 
_refine.occupancy_min                            ? 
_refine.occupancy_max                            ? 
_refine.B_iso_mean                               ? 
_refine.aniso_B[1][1]                            ? 
_refine.aniso_B[2][2]                            ? 
_refine.aniso_B[3][3]                            ? 
_refine.aniso_B[1][2]                            ? 
_refine.aniso_B[1][3]                            ? 
_refine.aniso_B[2][3]                            ? 
_refine.solvent_model_details                    ? 
_refine.solvent_model_param_ksol                 ? 
_refine.solvent_model_param_bsol                 ? 
_refine.pdbx_ls_cross_valid_method               ? 
_refine.details                                  ? 
_refine.pdbx_starting_model                      ? 
_refine.pdbx_method_to_determine_struct          'DIFFERENCE FOURIER ANALYSIS' 
_refine.pdbx_isotropic_thermal_model             ? 
_refine.pdbx_stereochemistry_target_values       ? 
_refine.pdbx_stereochem_target_val_spec_case     ? 
_refine.pdbx_R_Free_selection_details            ? 
_refine.pdbx_overall_ESU_R_Free                  ? 
_refine.overall_SU_ML                            ? 
_refine.overall_SU_B                             ? 
_refine.pdbx_refine_id                           'X-RAY DIFFRACTION' 
_refine.ls_redundancy_reflns_obs                 ? 
_refine.pdbx_overall_phase_error                 ? 
_refine.B_iso_min                                ? 
_refine.B_iso_max                                ? 
_refine.correlation_coeff_Fo_to_Fc               ? 
_refine.correlation_coeff_Fo_to_Fc_free          ? 
_refine.pdbx_solvent_vdw_probe_radii             ? 
_refine.pdbx_solvent_ion_probe_radii             ? 
_refine.pdbx_solvent_shrinkage_radii             ? 
_refine.overall_SU_R_Cruickshank_DPI             ? 
_refine.overall_SU_R_free                        ? 
_refine.ls_wR_factor_R_free                      ? 
_refine.ls_wR_factor_R_work                      ? 
_refine.overall_FOM_free_R_set                   ? 
_refine.overall_FOM_work_R_set                   ? 
_refine.pdbx_overall_ESU_R                       ? 
_refine.pdbx_diffrn_id                           1 
_refine.pdbx_TLS_residual_ADP_flag               ? 
_refine.pdbx_overall_SU_R_free_Cruickshank_DPI   ? 
_refine.pdbx_overall_SU_R_Blow_DPI               ? 
_refine.pdbx_overall_SU_R_free_Blow_DPI          ? 
# 
_refine_hist.pdbx_refine_id                   'X-RAY DIFFRACTION' 
_refine_hist.cycle_id                         LAST 
_refine_hist.pdbx_number_atoms_protein        899 
_refine_hist.pdbx_number_atoms_nucleic_acid   0 
_refine_hist.pdbx_number_atoms_ligand         0 
_refine_hist.number_atoms_solvent             146 
_refine_hist.number_atoms_total               1045 
_refine_hist.d_res_high                       1.82 
_refine_hist.d_res_low                        20.00 
# 
_struct.entry_id                  1BE9 
_struct.title                     
'THE THIRD PDZ DOMAIN FROM THE SYNAPTIC PROTEIN PSD-95 IN COMPLEX WITH A C-TERMINAL PEPTIDE DERIVED FROM CRIPT.' 
_struct.pdbx_model_details        ? 
_struct.pdbx_CASP_flag            ? 
_struct.pdbx_model_type_details   ? 
# 
_struct_keywords.entry_id        1BE9 
_struct_keywords.pdbx_keywords   'PEPTIDE RECOGNITION' 
_struct_keywords.text            'PEPTIDE RECOGNITION, PROTEIN LOCALIZATION' 
# 
loop_
_struct_asym.id 
_struct_asym.pdbx_blank_PDB_chainid_flag 
_struct_asym.pdbx_modified 
_struct_asym.entity_id 
_struct_asym.details 
A N N 1 ? 
B N N 2 ? 
C N N 3 ? 
D N N 3 ? 
# 
loop_
_struct_ref.id 
_struct_ref.db_name 
_struct_ref.db_code 
_struct_ref.entity_id 
_struct_ref.pdbx_db_accession 
_struct_ref.pdbx_align_begin 
_struct_ref.pdbx_seq_one_letter_code 
_struct_ref.pdbx_db_isoform 
1 UNP DLG4_RAT 1 P31016 1 
;MDCLCIVTTKKYRYQDEDTPPLEHSPAHLPNQANSPPVIVNTDTLEAPGYELQVNGTEGEMEYEEITLERGNSGLGFSIA
GGTDNPHIGDDPSIFITKIIPGGAAAQDGRLRVNDSILFVNEVDVREVTHSAAVEALKEAGSIVRLYVMRRKPPAEKVME
IKLIKGPKGLGFSIAGGVGNQHIPGDNSIYVTKIIEGGAAHKDGRLQIGDKILAVNSVGLEDVMHEDAVAALKNTYDVVY
LKVAKPSNAYLSDSYAPPDITTSYSQHLDNEISHSSYLGTDYPTAMTPTSPRRYSPVAKDLLGEEDIPREPRRIVIHRGS
TGLGFNIVGGEDGEGIFISFILAGGPADLSGELRKGDQILSVNGVDLRNASHEQAAIALKNAGQTVTIIAQYKPEEYSRF
EAKIHDLREQLMNSSLGSGTASLRSNPKRGFYIRALFDYDKTKDCGFLSQALSFRFGDVLHVIDAGDEEWWQARRVHSDS
ETDDIGFIPSKRRVERREWSRLKAKDWGSSSGSQGREDSVLSYETVTQMEVHYARPIIILGPTKDRANDDLLSEFPDKFG
SCVPHTTRPKREYEIDGRDYHFVSSREKMEKDIQAHKFIEAGQYNSHLYGTSVQSVREVAEQGKHCILDVSANAVRRLQA
AHLHPIAIFIRPRSLENVLEINKRITEEQARKAFDRATKLEQEFTECFSAIVEGDSFEEIYHKVKRVIEDLSGPYIWVPA
RERL
;
? 
2 PDB 1BE9     2 1BE9   ? ? ? 
# 
loop_
_struct_ref_seq.align_id 
_struct_ref_seq.ref_id 
_struct_ref_seq.pdbx_PDB_id_code 
_struct_ref_seq.pdbx_strand_id 
_struct_ref_seq.seq_align_beg 
_struct_ref_seq.pdbx_seq_align_beg_ins_code 
_struct_ref_seq.seq_align_end 
_struct_ref_seq.pdbx_seq_align_end_ins_code 
_struct_ref_seq.pdbx_db_accession 
_struct_ref_seq.db_align_beg 
_struct_ref_seq.pdbx_db_align_beg_ins_code 
_struct_ref_seq.db_align_end 
_struct_ref_seq.pdbx_db_align_end_ins_code 
_struct_ref_seq.pdbx_auth_seq_align_beg 
_struct_ref_seq.pdbx_auth_seq_align_end 
1 1 1BE9 A 2 ? 118 ? P31016 295 ? 420 ? 298 414 
2 2 1BE9 B 1 ? 5   ? 1BE9   5   ? 9   ? 5   9   
# 
loop_
_struct_ref_seq_dif.align_id 
_struct_ref_seq_dif.pdbx_pdb_id_code 
_struct_ref_seq_dif.mon_id 
_struct_ref_seq_dif.pdbx_pdb_strand_id 
_struct_ref_seq_dif.seq_num 
_struct_ref_seq_dif.pdbx_pdb_ins_code 
_struct_ref_seq_dif.pdbx_seq_db_name 
_struct_ref_seq_dif.pdbx_seq_db_accession_code 
_struct_ref_seq_dif.db_mon_id 
_struct_ref_seq_dif.pdbx_seq_db_seq_num 
_struct_ref_seq_dif.details 
_struct_ref_seq_dif.pdbx_auth_seq_num 
_struct_ref_seq_dif.pdbx_ordinal 
1 1BE9 ?   A ?   ? UNP P31016 VAL 297 deletion ?   1  
1 1BE9 ?   A ?   ? UNP P31016 ALA 298 deletion ?   2  
1 1BE9 ?   A ?   ? UNP P31016 LYS 299 deletion ?   3  
1 1BE9 GLU A 4   ? UNP P31016 ASP 300 conflict 300 4  
1 1BE9 PHE A 5   ? UNP P31016 LEU 301 conflict 301 5  
1 1BE9 ILE A 32  ? UNP P31016 VAL 328 conflict 328 6  
1 1BE9 ?   A ?   ? UNP P31016 LYS 403 deletion ?   7  
1 1BE9 ?   A ?   ? UNP P31016 ILE 404 deletion ?   8  
1 1BE9 ?   A ?   ? UNP P31016 HIS 405 deletion ?   9  
1 1BE9 ?   A ?   ? UNP P31016 ASP 406 deletion ?   10 
1 1BE9 ?   A ?   ? UNP P31016 LEU 407 deletion ?   11 
1 1BE9 ?   A ?   ? UNP P31016 ARG 408 deletion ?   12 
1 1BE9 ASN A 107 ? UNP P31016 GLU 409 conflict 403 13 
1 1BE9 SER A 108 ? UNP P31016 GLN 410 conflict 404 14 
1 1BE9 ARG A 109 ? UNP P31016 LEU 411 conflict 405 15 
1 1BE9 VAL A 110 ? UNP P31016 MET 412 conflict 406 16 
1 1BE9 GLY A 114 ? UNP P31016 LEU 416 conflict 410 17 
1 1BE9 ARG A 115 ? UNP P31016 GLY 417 conflict 411 18 
1 1BE9 ILE A 116 ? UNP P31016 SER 418 conflict 412 19 
1 1BE9 VAL A 117 ? UNP P31016 GLY 419 conflict 413 20 
# 
_pdbx_struct_assembly.id                   1 
_pdbx_struct_assembly.details              author_and_software_defined_assembly 
_pdbx_struct_assembly.method_details       PISA 
_pdbx_struct_assembly.oligomeric_details   dimeric 
_pdbx_struct_assembly.oligomeric_count     2 
# 
loop_
_pdbx_struct_assembly_prop.biol_id 
_pdbx_struct_assembly_prop.type 
_pdbx_struct_assembly_prop.value 
_pdbx_struct_assembly_prop.details 
1 'ABSA (A^2)' 760  ? 
1 MORE         -3   ? 
1 'SSA (A^2)'  6510 ? 
# 
_pdbx_struct_assembly_gen.assembly_id       1 
_pdbx_struct_assembly_gen.oper_expression   1 
_pdbx_struct_assembly_gen.asym_id_list      A,B,C,D 
# 
_pdbx_struct_oper_list.id                   1 
_pdbx_struct_oper_list.type                 'identity operation' 
_pdbx_struct_oper_list.name                 1_555 
_pdbx_struct_oper_list.symmetry_operation   x,y,z 
_pdbx_struct_oper_list.matrix[1][1]         1.0000000000 
_pdbx_struct_oper_list.matrix[1][2]         0.0000000000 
_pdbx_struct_oper_list.matrix[1][3]         0.0000000000 
_pdbx_struct_oper_list.vector[1]            0.0000000000 
_pdbx_struct_oper_list.matrix[2][1]         0.0000000000 
_pdbx_struct_oper_list.matrix[2][2]         1.0000000000 
_pdbx_struct_oper_list.matrix[2][3]         0.0000000000 
_pdbx_struct_oper_list.vector[2]            0.0000000000 
_pdbx_struct_oper_list.matrix[3][1]         0.0000000000 
_pdbx_struct_oper_list.matrix[3][2]         0.0000000000 
_pdbx_struct_oper_list.matrix[3][3]         1.0000000000 
_pdbx_struct_oper_list.vector[3]            0.0000000000 
# 
_struct_biol.id        1 
_struct_biol.details   ? 
# 
loop_
_struct_conf.conf_type_id 
_struct_conf.id 
_struct_conf.pdbx_PDB_helix_id 
_struct_conf.beg_label_comp_id 
_struct_conf.beg_label_asym_id 
_struct_conf.beg_label_seq_id 
_struct_conf.pdbx_beg_PDB_ins_code 
_struct_conf.end_label_comp_id 
_struct_conf.end_label_asym_id 
_struct_conf.end_label_seq_id 
_struct_conf.pdbx_end_PDB_ins_code 
_struct_conf.beg_auth_comp_id 
_struct_conf.beg_auth_asym_id 
_struct_conf.beg_auth_seq_id 
_struct_conf.end_auth_comp_id 
_struct_conf.end_auth_asym_id 
_struct_conf.end_auth_seq_id 
_struct_conf.pdbx_PDB_helix_class 
_struct_conf.details 
_struct_conf.pdbx_PDB_helix_length 
HELX_P HELX_P1 1 LEU A 6  ? GLU A 8   ? LEU A 302 GLU A 304 5 ? 3 
HELX_P HELX_P2 2 PRO A 50 ? SER A 54  ? PRO A 346 SER A 350 1 ? 5 
HELX_P HELX_P3 3 HIS A 76 ? LYS A 84  ? HIS A 372 LYS A 380 1 ? 9 
HELX_P HELX_P4 4 PRO A 98 ? ARG A 103 ? PRO A 394 ARG A 399 1 ? 6 
# 
_struct_conf_type.id          HELX_P 
_struct_conf_type.criteria    ? 
_struct_conf_type.reference   ? 
# 
loop_
_struct_sheet.id 
_struct_sheet.type 
_struct_sheet.number_strands 
_struct_sheet.details 
A ? 3 ? 
B ? 2 ? 
C ? 2 ? 
# 
loop_
_struct_sheet_order.sheet_id 
_struct_sheet_order.range_id_1 
_struct_sheet_order.range_id_2 
_struct_sheet_order.offset 
_struct_sheet_order.sense 
A 1 2 ? anti-parallel 
A 2 3 ? anti-parallel 
B 1 2 ? anti-parallel 
C 1 2 ? anti-parallel 
# 
loop_
_struct_sheet_range.sheet_id 
_struct_sheet_range.id 
_struct_sheet_range.beg_label_comp_id 
_struct_sheet_range.beg_label_asym_id 
_struct_sheet_range.beg_label_seq_id 
_struct_sheet_range.pdbx_beg_PDB_ins_code 
_struct_sheet_range.end_label_comp_id 
_struct_sheet_range.end_label_asym_id 
_struct_sheet_range.end_label_seq_id 
_struct_sheet_range.pdbx_end_PDB_ins_code 
_struct_sheet_range.beg_auth_comp_id 
_struct_sheet_range.beg_auth_asym_id 
_struct_sheet_range.beg_auth_seq_id 
_struct_sheet_range.end_auth_comp_id 
_struct_sheet_range.end_auth_asym_id 
_struct_sheet_range.end_auth_seq_id 
A 1 ARG A 16  ? HIS A 21  ? ARG A 312 HIS A 317 
A 2 THR A 89  ? TYR A 96  ? THR A 385 TYR A 392 
A 3 ASP A 61  ? VAL A 66  ? ASP A 357 VAL A 362 
B 1 SER A 108 ? VAL A 110 ? SER A 404 VAL A 406 
B 2 ILE A 116 ? THR A 118 ? ILE A 412 THR A 414 
C 1 PHE A 29  ? GLY A 33  ? PHE A 325 GLY A 329 
C 2 ILE A 40  ? ILE A 45  ? ILE A 336 ILE A 341 
# 
loop_
_pdbx_struct_sheet_hbond.sheet_id 
_pdbx_struct_sheet_hbond.range_id_1 
_pdbx_struct_sheet_hbond.range_id_2 
_pdbx_struct_sheet_hbond.range_1_label_atom_id 
_pdbx_struct_sheet_hbond.range_1_label_comp_id 
_pdbx_struct_sheet_hbond.range_1_label_asym_id 
_pdbx_struct_sheet_hbond.range_1_label_seq_id 
_pdbx_struct_sheet_hbond.range_1_PDB_ins_code 
_pdbx_struct_sheet_hbond.range_1_auth_atom_id 
_pdbx_struct_sheet_hbond.range_1_auth_comp_id 
_pdbx_struct_sheet_hbond.range_1_auth_asym_id 
_pdbx_struct_sheet_hbond.range_1_auth_seq_id 
_pdbx_struct_sheet_hbond.range_2_label_atom_id 
_pdbx_struct_sheet_hbond.range_2_label_comp_id 
_pdbx_struct_sheet_hbond.range_2_label_asym_id 
_pdbx_struct_sheet_hbond.range_2_label_seq_id 
_pdbx_struct_sheet_hbond.range_2_PDB_ins_code 
_pdbx_struct_sheet_hbond.range_2_auth_atom_id 
_pdbx_struct_sheet_hbond.range_2_auth_comp_id 
_pdbx_struct_sheet_hbond.range_2_auth_asym_id 
_pdbx_struct_sheet_hbond.range_2_auth_seq_id 
A 1 2 O ARG A 16  ? O ARG A 312 N ALA A 94  ? N ALA A 390 
A 2 3 O ILE A 93  ? O ILE A 389 N SER A 65  ? N SER A 361 
B 1 2 O ARG A 109 ? O ARG A 405 N VAL A 117 ? N VAL A 413 
C 1 2 O ASN A 30  ? O ASN A 326 N PHE A 44  ? N PHE A 340 
# 
_struct_site.id                   PEP 
_struct_site.pdbx_evidence_code   Unknown 
_struct_site.pdbx_auth_asym_id    ? 
_struct_site.pdbx_auth_comp_id    ? 
_struct_site.pdbx_auth_seq_id     ? 
_struct_site.pdbx_auth_ins_code   ? 
_struct_site.pdbx_num_residues    9 
_struct_site.details              'RESIDUES INVOLVED IN THE BINDING OF THE FOUR C-TERMINAL RESIDUES OF CRIPT.' 
# 
loop_
_struct_site_gen.id 
_struct_site_gen.site_id 
_struct_site_gen.pdbx_num_res 
_struct_site_gen.label_comp_id 
_struct_site_gen.label_asym_id 
_struct_site_gen.label_seq_id 
_struct_site_gen.pdbx_auth_ins_code 
_struct_site_gen.auth_comp_id 
_struct_site_gen.auth_asym_id 
_struct_site_gen.auth_seq_id 
_struct_site_gen.label_atom_id 
_struct_site_gen.label_alt_id 
_struct_site_gen.symmetry 
_struct_site_gen.details 
1 PEP 9 GLY A 26 ? GLY A 322 . ? 1_555 ? 
2 PEP 9 LEU A 27 ? LEU A 323 . ? 1_555 ? 
3 PEP 9 GLY A 28 ? GLY A 324 . ? 1_555 ? 
4 PEP 9 PHE A 29 ? PHE A 325 . ? 1_555 ? 
5 PEP 9 ASN A 30 ? ASN A 326 . ? 1_555 ? 
6 PEP 9 ILE A 31 ? ILE A 327 . ? 1_555 ? 
7 PEP 9 SER A 43 ? SER A 339 . ? 1_555 ? 
8 PEP 9 HIS A 76 ? HIS A 372 . ? 1_555 ? 
9 PEP 9 LEU A 83 ? LEU A 379 . ? 1_555 ? 
# 
_pdbx_validate_torsion.id              1 
_pdbx_validate_torsion.PDB_model_num   1 
_pdbx_validate_torsion.auth_comp_id    GLU 
_pdbx_validate_torsion.auth_asym_id    A 
_pdbx_validate_torsion.auth_seq_id     334 
_pdbx_validate_torsion.PDB_ins_code    ? 
_pdbx_validate_torsion.label_alt_id    ? 
_pdbx_validate_torsion.phi             7.04 
_pdbx_validate_torsion.psi             -59.02 
# 
loop_
_pdbx_unobs_or_zero_occ_residues.id 
_pdbx_unobs_or_zero_occ_residues.PDB_model_num 
_pdbx_unobs_or_zero_occ_residues.polymer_flag 
_pdbx_unobs_or_zero_occ_residues.occupancy_flag 
_pdbx_unobs_or_zero_occ_residues.auth_asym_id 
_pdbx_unobs_or_zero_occ_residues.auth_comp_id 
_pdbx_unobs_or_zero_occ_residues.auth_seq_id 
_pdbx_unobs_or_zero_occ_residues.PDB_ins_code 
_pdbx_unobs_or_zero_occ_residues.label_asym_id 
_pdbx_unobs_or_zero_occ_residues.label_comp_id 
_pdbx_unobs_or_zero_occ_residues.label_seq_id 
1 1 Y 1 A GLY 297 ? A GLY 1 
2 1 Y 1 A SER 298 ? A SER 2 
3 1 Y 1 A PRO 299 ? A PRO 3 
4 1 Y 1 A GLU 300 ? A GLU 4 
# 
loop_
_chem_comp_atom.comp_id 
_chem_comp_atom.atom_id 
_chem_comp_atom.type_symbol 
_chem_comp_atom.pdbx_aromatic_flag 
_chem_comp_atom.pdbx_stereo_config 
_chem_comp_atom.pdbx_ordinal 
ALA N    N N N 1   
ALA CA   C N S 2   
ALA C    C N N 3   
ALA O    O N N 4   
ALA CB   C N N 5   
ALA OXT  O N N 6   
ALA H    H N N 7   
ALA H2   H N N 8   
ALA HA   H N N 9   
ALA HB1  H N N 10  
ALA HB2  H N N 11  
ALA HB3  H N N 12  
ALA HXT  H N N 13  
ARG N    N N N 14  
ARG CA   C N S 15  
ARG C    C N N 16  
ARG O    O N N 17  
ARG CB   C N N 18  
ARG CG   C N N 19  
ARG CD   C N N 20  
ARG NE   N N N 21  
ARG CZ   C N N 22  
ARG NH1  N N N 23  
ARG NH2  N N N 24  
ARG OXT  O N N 25  
ARG H    H N N 26  
ARG H2   H N N 27  
ARG HA   H N N 28  
ARG HB2  H N N 29  
ARG HB3  H N N 30  
ARG HG2  H N N 31  
ARG HG3  H N N 32  
ARG HD2  H N N 33  
ARG HD3  H N N 34  
ARG HE   H N N 35  
ARG HH11 H N N 36  
ARG HH12 H N N 37  
ARG HH21 H N N 38  
ARG HH22 H N N 39  
ARG HXT  H N N 40  
ASN N    N N N 41  
ASN CA   C N S 42  
ASN C    C N N 43  
ASN O    O N N 44  
ASN CB   C N N 45  
ASN CG   C N N 46  
ASN OD1  O N N 47  
ASN ND2  N N N 48  
ASN OXT  O N N 49  
ASN H    H N N 50  
ASN H2   H N N 51  
ASN HA   H N N 52  
ASN HB2  H N N 53  
ASN HB3  H N N 54  
ASN HD21 H N N 55  
ASN HD22 H N N 56  
ASN HXT  H N N 57  
ASP N    N N N 58  
ASP CA   C N S 59  
ASP C    C N N 60  
ASP O    O N N 61  
ASP CB   C N N 62  
ASP CG   C N N 63  
ASP OD1  O N N 64  
ASP OD2  O N N 65  
ASP OXT  O N N 66  
ASP H    H N N 67  
ASP H2   H N N 68  
ASP HA   H N N 69  
ASP HB2  H N N 70  
ASP HB3  H N N 71  
ASP HD2  H N N 72  
ASP HXT  H N N 73  
GLN N    N N N 74  
GLN CA   C N S 75  
GLN C    C N N 76  
GLN O    O N N 77  
GLN CB   C N N 78  
GLN CG   C N N 79  
GLN CD   C N N 80  
GLN OE1  O N N 81  
GLN NE2  N N N 82  
GLN OXT  O N N 83  
GLN H    H N N 84  
GLN H2   H N N 85  
GLN HA   H N N 86  
GLN HB2  H N N 87  
GLN HB3  H N N 88  
GLN HG2  H N N 89  
GLN HG3  H N N 90  
GLN HE21 H N N 91  
GLN HE22 H N N 92  
GLN HXT  H N N 93  
GLU N    N N N 94  
GLU CA   C N S 95  
GLU C    C N N 96  
GLU O    O N N 97  
GLU CB   C N N 98  
GLU CG   C N N 99  
GLU CD   C N N 100 
GLU OE1  O N N 101 
GLU OE2  O N N 102 
GLU OXT  O N N 103 
GLU H    H N N 104 
GLU H2   H N N 105 
GLU HA   H N N 106 
GLU HB2  H N N 107 
GLU HB3  H N N 108 
GLU HG2  H N N 109 
GLU HG3  H N N 110 
GLU HE2  H N N 111 
GLU HXT  H N N 112 
GLY N    N N N 113 
GLY CA   C N N 114 
GLY C    C N N 115 
GLY O    O N N 116 
GLY OXT  O N N 117 
GLY H    H N N 118 
GLY H2   H N N 119 
GLY HA2  H N N 120 
GLY HA3  H N N 121 
GLY HXT  H N N 122 
HIS N    N N N 123 
HIS CA   C N S 124 
HIS C    C N N 125 
HIS O    O N N 126 
HIS CB   C N N 127 
HIS CG   C Y N 128 
HIS ND1  N Y N 129 
HIS CD2  C Y N 130 
HIS CE1  C Y N 131 
HIS NE2  N Y N 132 
HIS OXT  O N N 133 
HIS H    H N N 134 
HIS H2   H N N 135 
HIS HA   H N N 136 
HIS HB2  H N N 137 
HIS HB3  H N N 138 
HIS HD1  H N N 139 
HIS HD2  H N N 140 
HIS HE1  H N N 141 
HIS HE2  H N N 142 
HIS HXT  H N N 143 
HOH O    O N N 144 
HOH H1   H N N 145 
HOH H2   H N N 146 
ILE N    N N N 147 
ILE CA   C N S 148 
ILE C    C N N 149 
ILE O    O N N 150 
ILE CB   C N S 151 
ILE CG1  C N N 152 
ILE CG2  C N N 153 
ILE CD1  C N N 154 
ILE OXT  O N N 155 
ILE H    H N N 156 
ILE H2   H N N 157 
ILE HA   H N N 158 
ILE HB   H N N 159 
ILE HG12 H N N 160 
ILE HG13 H N N 161 
ILE HG21 H N N 162 
ILE HG22 H N N 163 
ILE HG23 H N N 164 
ILE HD11 H N N 165 
ILE HD12 H N N 166 
ILE HD13 H N N 167 
ILE HXT  H N N 168 
LEU N    N N N 169 
LEU CA   C N S 170 
LEU C    C N N 171 
LEU O    O N N 172 
LEU CB   C N N 173 
LEU CG   C N N 174 
LEU CD1  C N N 175 
LEU CD2  C N N 176 
LEU OXT  O N N 177 
LEU H    H N N 178 
LEU H2   H N N 179 
LEU HA   H N N 180 
LEU HB2  H N N 181 
LEU HB3  H N N 182 
LEU HG   H N N 183 
LEU HD11 H N N 184 
LEU HD12 H N N 185 
LEU HD13 H N N 186 
LEU HD21 H N N 187 
LEU HD22 H N N 188 
LEU HD23 H N N 189 
LEU HXT  H N N 190 
LYS N    N N N 191 
LYS CA   C N S 192 
LYS C    C N N 193 
LYS O    O N N 194 
LYS CB   C N N 195 
LYS CG   C N N 196 
LYS CD   C N N 197 
LYS CE   C N N 198 
LYS NZ   N N N 199 
LYS OXT  O N N 200 
LYS H    H N N 201 
LYS H2   H N N 202 
LYS HA   H N N 203 
LYS HB2  H N N 204 
LYS HB3  H N N 205 
LYS HG2  H N N 206 
LYS HG3  H N N 207 
LYS HD2  H N N 208 
LYS HD3  H N N 209 
LYS HE2  H N N 210 
LYS HE3  H N N 211 
LYS HZ1  H N N 212 
LYS HZ2  H N N 213 
LYS HZ3  H N N 214 
LYS HXT  H N N 215 
MET N    N N N 216 
MET CA   C N S 217 
MET C    C N N 218 
MET O    O N N 219 
MET CB   C N N 220 
MET CG   C N N 221 
MET SD   S N N 222 
MET CE   C N N 223 
MET OXT  O N N 224 
MET H    H N N 225 
MET H2   H N N 226 
MET HA   H N N 227 
MET HB2  H N N 228 
MET HB3  H N N 229 
MET HG2  H N N 230 
MET HG3  H N N 231 
MET HE1  H N N 232 
MET HE2  H N N 233 
MET HE3  H N N 234 
MET HXT  H N N 235 
PHE N    N N N 236 
PHE CA   C N S 237 
PHE C    C N N 238 
PHE O    O N N 239 
PHE CB   C N N 240 
PHE CG   C Y N 241 
PHE CD1  C Y N 242 
PHE CD2  C Y N 243 
PHE CE1  C Y N 244 
PHE CE2  C Y N 245 
PHE CZ   C Y N 246 
PHE OXT  O N N 247 
PHE H    H N N 248 
PHE H2   H N N 249 
PHE HA   H N N 250 
PHE HB2  H N N 251 
PHE HB3  H N N 252 
PHE HD1  H N N 253 
PHE HD2  H N N 254 
PHE HE1  H N N 255 
PHE HE2  H N N 256 
PHE HZ   H N N 257 
PHE HXT  H N N 258 
PRO N    N N N 259 
PRO CA   C N S 260 
PRO C    C N N 261 
PRO O    O N N 262 
PRO CB   C N N 263 
PRO CG   C N N 264 
PRO CD   C N N 265 
PRO OXT  O N N 266 
PRO H    H N N 267 
PRO HA   H N N 268 
PRO HB2  H N N 269 
PRO HB3  H N N 270 
PRO HG2  H N N 271 
PRO HG3  H N N 272 
PRO HD2  H N N 273 
PRO HD3  H N N 274 
PRO HXT  H N N 275 
SER N    N N N 276 
SER CA   C N S 277 
SER C    C N N 278 
SER O    O N N 279 
SER CB   C N N 280 
SER OG   O N N 281 
SER OXT  O N N 282 
SER H    H N N 283 
SER H2   H N N 284 
SER HA   H N N 285 
SER HB2  H N N 286 
SER HB3  H N N 287 
SER HG   H N N 288 
SER HXT  H N N 289 
THR N    N N N 290 
THR CA   C N S 291 
THR C    C N N 292 
THR O    O N N 293 
THR CB   C N R 294 
THR OG1  O N N 295 
THR CG2  C N N 296 
THR OXT  O N N 297 
THR H    H N N 298 
THR H2   H N N 299 
THR HA   H N N 300 
THR HB   H N N 301 
THR HG1  H N N 302 
THR HG21 H N N 303 
THR HG22 H N N 304 
THR HG23 H N N 305 
THR HXT  H N N 306 
TYR N    N N N 307 
TYR CA   C N S 308 
TYR C    C N N 309 
TYR O    O N N 310 
TYR CB   C N N 311 
TYR CG   C Y N 312 
TYR CD1  C Y N 313 
TYR CD2  C Y N 314 
TYR CE1  C Y N 315 
TYR CE2  C Y N 316 
TYR CZ   C Y N 317 
TYR OH   O N N 318 
TYR OXT  O N N 319 
TYR H    H N N 320 
TYR H2   H N N 321 
TYR HA   H N N 322 
TYR HB2  H N N 323 
TYR HB3  H N N 324 
TYR HD1  H N N 325 
TYR HD2  H N N 326 
TYR HE1  H N N 327 
TYR HE2  H N N 328 
TYR HH   H N N 329 
TYR HXT  H N N 330 
VAL N    N N N 331 
VAL CA   C N S 332 
VAL C    C N N 333 
VAL O    O N N 334 
VAL CB   C N N 335 
VAL CG1  C N N 336 
VAL CG2  C N N 337 
VAL OXT  O N N 338 
VAL H    H N N 339 
VAL H2   H N N 340 
VAL HA   H N N 341 
VAL HB   H N N 342 
VAL HG11 H N N 343 
VAL HG12 H N N 344 
VAL HG13 H N N 345 
VAL HG21 H N N 346 
VAL HG22 H N N 347 
VAL HG23 H N N 348 
VAL HXT  H N N 349 
# 
loop_
_chem_comp_bond.comp_id 
_chem_comp_bond.atom_id_1 
_chem_comp_bond.atom_id_2 
_chem_comp_bond.value_order 
_chem_comp_bond.pdbx_aromatic_flag 
_chem_comp_bond.pdbx_stereo_config 
_chem_comp_bond.pdbx_ordinal 
ALA N   CA   sing N N 1   
ALA N   H    sing N N 2   
ALA N   H2   sing N N 3   
ALA CA  C    sing N N 4   
ALA CA  CB   sing N N 5   
ALA CA  HA   sing N N 6   
ALA C   O    doub N N 7   
ALA C   OXT  sing N N 8   
ALA CB  HB1  sing N N 9   
ALA CB  HB2  sing N N 10  
ALA CB  HB3  sing N N 11  
ALA OXT HXT  sing N N 12  
ARG N   CA   sing N N 13  
ARG N   H    sing N N 14  
ARG N   H2   sing N N 15  
ARG CA  C    sing N N 16  
ARG CA  CB   sing N N 17  
ARG CA  HA   sing N N 18  
ARG C   O    doub N N 19  
ARG C   OXT  sing N N 20  
ARG CB  CG   sing N N 21  
ARG CB  HB2  sing N N 22  
ARG CB  HB3  sing N N 23  
ARG CG  CD   sing N N 24  
ARG CG  HG2  sing N N 25  
ARG CG  HG3  sing N N 26  
ARG CD  NE   sing N N 27  
ARG CD  HD2  sing N N 28  
ARG CD  HD3  sing N N 29  
ARG NE  CZ   sing N N 30  
ARG NE  HE   sing N N 31  
ARG CZ  NH1  sing N N 32  
ARG CZ  NH2  doub N N 33  
ARG NH1 HH11 sing N N 34  
ARG NH1 HH12 sing N N 35  
ARG NH2 HH21 sing N N 36  
ARG NH2 HH22 sing N N 37  
ARG OXT HXT  sing N N 38  
ASN N   CA   sing N N 39  
ASN N   H    sing N N 40  
ASN N   H2   sing N N 41  
ASN CA  C    sing N N 42  
ASN CA  CB   sing N N 43  
ASN CA  HA   sing N N 44  
ASN C   O    doub N N 45  
ASN C   OXT  sing N N 46  
ASN CB  CG   sing N N 47  
ASN CB  HB2  sing N N 48  
ASN CB  HB3  sing N N 49  
ASN CG  OD1  doub N N 50  
ASN CG  ND2  sing N N 51  
ASN ND2 HD21 sing N N 52  
ASN ND2 HD22 sing N N 53  
ASN OXT HXT  sing N N 54  
ASP N   CA   sing N N 55  
ASP N   H    sing N N 56  
ASP N   H2   sing N N 57  
ASP CA  C    sing N N 58  
ASP CA  CB   sing N N 59  
ASP CA  HA   sing N N 60  
ASP C   O    doub N N 61  
ASP C   OXT  sing N N 62  
ASP CB  CG   sing N N 63  
ASP CB  HB2  sing N N 64  
ASP CB  HB3  sing N N 65  
ASP CG  OD1  doub N N 66  
ASP CG  OD2  sing N N 67  
ASP OD2 HD2  sing N N 68  
ASP OXT HXT  sing N N 69  
GLN N   CA   sing N N 70  
GLN N   H    sing N N 71  
GLN N   H2   sing N N 72  
GLN CA  C    sing N N 73  
GLN CA  CB   sing N N 74  
GLN CA  HA   sing N N 75  
GLN C   O    doub N N 76  
GLN C   OXT  sing N N 77  
GLN CB  CG   sing N N 78  
GLN CB  HB2  sing N N 79  
GLN CB  HB3  sing N N 80  
GLN CG  CD   sing N N 81  
GLN CG  HG2  sing N N 82  
GLN CG  HG3  sing N N 83  
GLN CD  OE1  doub N N 84  
GLN CD  NE2  sing N N 85  
GLN NE2 HE21 sing N N 86  
GLN NE2 HE22 sing N N 87  
GLN OXT HXT  sing N N 88  
GLU N   CA   sing N N 89  
GLU N   H    sing N N 90  
GLU N   H2   sing N N 91  
GLU CA  C    sing N N 92  
GLU CA  CB   sing N N 93  
GLU CA  HA   sing N N 94  
GLU C   O    doub N N 95  
GLU C   OXT  sing N N 96  
GLU CB  CG   sing N N 97  
GLU CB  HB2  sing N N 98  
GLU CB  HB3  sing N N 99  
GLU CG  CD   sing N N 100 
GLU CG  HG2  sing N N 101 
GLU CG  HG3  sing N N 102 
GLU CD  OE1  doub N N 103 
GLU CD  OE2  sing N N 104 
GLU OE2 HE2  sing N N 105 
GLU OXT HXT  sing N N 106 
GLY N   CA   sing N N 107 
GLY N   H    sing N N 108 
GLY N   H2   sing N N 109 
GLY CA  C    sing N N 110 
GLY CA  HA2  sing N N 111 
GLY CA  HA3  sing N N 112 
GLY C   O    doub N N 113 
GLY C   OXT  sing N N 114 
GLY OXT HXT  sing N N 115 
HIS N   CA   sing N N 116 
HIS N   H    sing N N 117 
HIS N   H2   sing N N 118 
HIS CA  C    sing N N 119 
HIS CA  CB   sing N N 120 
HIS CA  HA   sing N N 121 
HIS C   O    doub N N 122 
HIS C   OXT  sing N N 123 
HIS CB  CG   sing N N 124 
HIS CB  HB2  sing N N 125 
HIS CB  HB3  sing N N 126 
HIS CG  ND1  sing Y N 127 
HIS CG  CD2  doub Y N 128 
HIS ND1 CE1  doub Y N 129 
HIS ND1 HD1  sing N N 130 
HIS CD2 NE2  sing Y N 131 
HIS CD2 HD2  sing N N 132 
HIS CE1 NE2  sing Y N 133 
HIS CE1 HE1  sing N N 134 
HIS NE2 HE2  sing N N 135 
HIS OXT HXT  sing N N 136 
HOH O   H1   sing N N 137 
HOH O   H2   sing N N 138 
ILE N   CA   sing N N 139 
ILE N   H    sing N N 140 
ILE N   H2   sing N N 141 
ILE CA  C    sing N N 142 
ILE CA  CB   sing N N 143 
ILE CA  HA   sing N N 144 
ILE C   O    doub N N 145 
ILE C   OXT  sing N N 146 
ILE CB  CG1  sing N N 147 
ILE CB  CG2  sing N N 148 
ILE CB  HB   sing N N 149 
ILE CG1 CD1  sing N N 150 
ILE CG1 HG12 sing N N 151 
ILE CG1 HG13 sing N N 152 
ILE CG2 HG21 sing N N 153 
ILE CG2 HG22 sing N N 154 
ILE CG2 HG23 sing N N 155 
ILE CD1 HD11 sing N N 156 
ILE CD1 HD12 sing N N 157 
ILE CD1 HD13 sing N N 158 
ILE OXT HXT  sing N N 159 
LEU N   CA   sing N N 160 
LEU N   H    sing N N 161 
LEU N   H2   sing N N 162 
LEU CA  C    sing N N 163 
LEU CA  CB   sing N N 164 
LEU CA  HA   sing N N 165 
LEU C   O    doub N N 166 
LEU C   OXT  sing N N 167 
LEU CB  CG   sing N N 168 
LEU CB  HB2  sing N N 169 
LEU CB  HB3  sing N N 170 
LEU CG  CD1  sing N N 171 
LEU CG  CD2  sing N N 172 
LEU CG  HG   sing N N 173 
LEU CD1 HD11 sing N N 174 
LEU CD1 HD12 sing N N 175 
LEU CD1 HD13 sing N N 176 
LEU CD2 HD21 sing N N 177 
LEU CD2 HD22 sing N N 178 
LEU CD2 HD23 sing N N 179 
LEU OXT HXT  sing N N 180 
LYS N   CA   sing N N 181 
LYS N   H    sing N N 182 
LYS N   H2   sing N N 183 
LYS CA  C    sing N N 184 
LYS CA  CB   sing N N 185 
LYS CA  HA   sing N N 186 
LYS C   O    doub N N 187 
LYS C   OXT  sing N N 188 
LYS CB  CG   sing N N 189 
LYS CB  HB2  sing N N 190 
LYS CB  HB3  sing N N 191 
LYS CG  CD   sing N N 192 
LYS CG  HG2  sing N N 193 
LYS CG  HG3  sing N N 194 
LYS CD  CE   sing N N 195 
LYS CD  HD2  sing N N 196 
LYS CD  HD3  sing N N 197 
LYS CE  NZ   sing N N 198 
LYS CE  HE2  sing N N 199 
LYS CE  HE3  sing N N 200 
LYS NZ  HZ1  sing N N 201 
LYS NZ  HZ2  sing N N 202 
LYS NZ  HZ3  sing N N 203 
LYS OXT HXT  sing N N 204 
MET N   CA   sing N N 205 
MET N   H    sing N N 206 
MET N   H2   sing N N 207 
MET CA  C    sing N N 208 
MET CA  CB   sing N N 209 
MET CA  HA   sing N N 210 
MET C   O    doub N N 211 
MET C   OXT  sing N N 212 
MET CB  CG   sing N N 213 
MET CB  HB2  sing N N 214 
MET CB  HB3  sing N N 215 
MET CG  SD   sing N N 216 
MET CG  HG2  sing N N 217 
MET CG  HG3  sing N N 218 
MET SD  CE   sing N N 219 
MET CE  HE1  sing N N 220 
MET CE  HE2  sing N N 221 
MET CE  HE3  sing N N 222 
MET OXT HXT  sing N N 223 
PHE N   CA   sing N N 224 
PHE N   H    sing N N 225 
PHE N   H2   sing N N 226 
PHE CA  C    sing N N 227 
PHE CA  CB   sing N N 228 
PHE CA  HA   sing N N 229 
PHE C   O    doub N N 230 
PHE C   OXT  sing N N 231 
PHE CB  CG   sing N N 232 
PHE CB  HB2  sing N N 233 
PHE CB  HB3  sing N N 234 
PHE CG  CD1  doub Y N 235 
PHE CG  CD2  sing Y N 236 
PHE CD1 CE1  sing Y N 237 
PHE CD1 HD1  sing N N 238 
PHE CD2 CE2  doub Y N 239 
PHE CD2 HD2  sing N N 240 
PHE CE1 CZ   doub Y N 241 
PHE CE1 HE1  sing N N 242 
PHE CE2 CZ   sing Y N 243 
PHE CE2 HE2  sing N N 244 
PHE CZ  HZ   sing N N 245 
PHE OXT HXT  sing N N 246 
PRO N   CA   sing N N 247 
PRO N   CD   sing N N 248 
PRO N   H    sing N N 249 
PRO CA  C    sing N N 250 
PRO CA  CB   sing N N 251 
PRO CA  HA   sing N N 252 
PRO C   O    doub N N 253 
PRO C   OXT  sing N N 254 
PRO CB  CG   sing N N 255 
PRO CB  HB2  sing N N 256 
PRO CB  HB3  sing N N 257 
PRO CG  CD   sing N N 258 
PRO CG  HG2  sing N N 259 
PRO CG  HG3  sing N N 260 
PRO CD  HD2  sing N N 261 
PRO CD  HD3  sing N N 262 
PRO OXT HXT  sing N N 263 
SER N   CA   sing N N 264 
SER N   H    sing N N 265 
SER N   H2   sing N N 266 
SER CA  C    sing N N 267 
SER CA  CB   sing N N 268 
SER CA  HA   sing N N 269 
SER C   O    doub N N 270 
SER C   OXT  sing N N 271 
SER CB  OG   sing N N 272 
SER CB  HB2  sing N N 273 
SER CB  HB3  sing N N 274 
SER OG  HG   sing N N 275 
SER OXT HXT  sing N N 276 
THR N   CA   sing N N 277 
THR N   H    sing N N 278 
THR N   H2   sing N N 279 
THR CA  C    sing N N 280 
THR CA  CB   sing N N 281 
THR CA  HA   sing N N 282 
THR C   O    doub N N 283 
THR C   OXT  sing N N 284 
THR CB  OG1  sing N N 285 
THR CB  CG2  sing N N 286 
THR CB  HB   sing N N 287 
THR OG1 HG1  sing N N 288 
THR CG2 HG21 sing N N 289 
THR CG2 HG22 sing N N 290 
THR CG2 HG23 sing N N 291 
THR OXT HXT  sing N N 292 
TYR N   CA   sing N N 293 
TYR N   H    sing N N 294 
TYR N   H2   sing N N 295 
TYR CA  C    sing N N 296 
TYR CA  CB   sing N N 297 
TYR CA  HA   sing N N 298 
TYR C   O    doub N N 299 
TYR C   OXT  sing N N 300 
TYR CB  CG   sing N N 301 
TYR CB  HB2  sing N N 302 
TYR CB  HB3  sing N N 303 
TYR CG  CD1  doub Y N 304 
TYR CG  CD2  sing Y N 305 
TYR CD1 CE1  sing Y N 306 
TYR CD1 HD1  sing N N 307 
TYR CD2 CE2  doub Y N 308 
TYR CD2 HD2  sing N N 309 
TYR CE1 CZ   doub Y N 310 
TYR CE1 HE1  sing N N 311 
TYR CE2 CZ   sing Y N 312 
TYR CE2 HE2  sing N N 313 
TYR CZ  OH   sing N N 314 
TYR OH  HH   sing N N 315 
TYR OXT HXT  sing N N 316 
VAL N   CA   sing N N 317 
VAL N   H    sing N N 318 
VAL N   H2   sing N N 319 
VAL CA  C    sing N N 320 
VAL CA  CB   sing N N 321 
VAL CA  HA   sing N N 322 
VAL C   O    doub N N 323 
VAL C   OXT  sing N N 324 
VAL CB  CG1  sing N N 325 
VAL CB  CG2  sing N N 326 
VAL CB  HB   sing N N 327 
VAL CG1 HG11 sing N N 328 
VAL CG1 HG12 sing N N 329 
VAL CG1 HG13 sing N N 330 
VAL CG2 HG21 sing N N 331 
VAL CG2 HG22 sing N N 332 
VAL CG2 HG23 sing N N 333 
VAL OXT HXT  sing N N 334 
# 
_atom_sites.entry_id                    1BE9 
_atom_sites.fract_transf_matrix[1][1]   -0.00234262 
_atom_sites.fract_transf_matrix[1][2]   -0.00217109 
_atom_sites.fract_transf_matrix[1][3]   0.01072762 
_atom_sites.fract_transf_matrix[2][1]   -0.01090846 
_atom_sites.fract_transf_matrix[2][2]   0.00136017 
_atom_sites.fract_transf_matrix[2][3]   -0.00210684 
_atom_sites.fract_transf_matrix[3][1]   -0.00089496 
_atom_sites.fract_transf_matrix[3][2]   -0.01089585 
_atom_sites.fract_transf_matrix[3][3]   -0.00240057 
_atom_sites.fract_transf_vector[1]      0.448363 
_atom_sites.fract_transf_vector[2]      0.667669 
_atom_sites.fract_transf_vector[3]      0.362254 
# 
loop_
_atom_type.symbol 
C 
N 
O 
# 
loop_
_atom_site.group_PDB 
_atom_site.id 
_atom_site.type_symbol 
_atom_site.label_atom_id 
_atom_site.label_alt_id 
_atom_site.label_comp_id 
_atom_site.label_asym_id 
_atom_site.label_entity_id 
_atom_site.label_seq_id 
_atom_site.pdbx_PDB_ins_code 
_atom_site.Cartn_x 
_atom_site.Cartn_y 
_atom_site.Cartn_z 
_atom_site.occupancy 
_atom_site.B_iso_or_equiv 
_atom_site.pdbx_formal_charge 
_atom_site.auth_seq_id 
_atom_site.auth_comp_id 
_atom_site.auth_asym_id 
_atom_site.auth_atom_id 
_atom_site.pdbx_PDB_model_num 
ATOM   1    N N   . PHE A 1 5   ? -10.145 -14.613 16.147  1.00 46.74 ? 301 PHE A N   1 
ATOM   2    C CA  . PHE A 1 5   ? -10.777 -15.334 15.001  1.00 47.04 ? 301 PHE A CA  1 
ATOM   3    C C   . PHE A 1 5   ? -10.049 -15.140 13.677  1.00 47.68 ? 301 PHE A C   1 
ATOM   4    O O   . PHE A 1 5   ? -9.083  -15.838 13.381  1.00 48.40 ? 301 PHE A O   1 
ATOM   5    C CB  . PHE A 1 5   ? -12.239 -14.909 14.844  1.00 47.19 ? 301 PHE A CB  1 
ATOM   6    N N   . LEU A 1 6   ? -10.537 -14.204 12.870  1.00 47.77 ? 302 LEU A N   1 
ATOM   7    C CA  . LEU A 1 6   ? -9.932  -13.923 11.574  1.00 48.13 ? 302 LEU A CA  1 
ATOM   8    C C   . LEU A 1 6   ? -8.417  -13.796 11.701  1.00 48.63 ? 302 LEU A C   1 
ATOM   9    O O   . LEU A 1 6   ? -7.669  -14.375 10.912  1.00 47.21 ? 302 LEU A O   1 
ATOM   10   C CB  . LEU A 1 6   ? -10.499 -12.621 10.995  1.00 49.52 ? 302 LEU A CB  1 
ATOM   11   C CG  . LEU A 1 6   ? -12.021 -12.435 10.973  1.00 49.38 ? 302 LEU A CG  1 
ATOM   12   C CD1 . LEU A 1 6   ? -12.362 -11.019 10.513  1.00 50.42 ? 302 LEU A CD1 1 
ATOM   13   C CD2 . LEU A 1 6   ? -12.643 -13.457 10.044  1.00 48.37 ? 302 LEU A CD2 1 
ATOM   14   N N   . GLY A 1 7   ? -7.984  -13.039 12.711  1.00 49.39 ? 303 GLY A N   1 
ATOM   15   C CA  . GLY A 1 7   ? -6.570  -12.788 12.957  1.00 49.20 ? 303 GLY A CA  1 
ATOM   16   C C   . GLY A 1 7   ? -5.627  -13.975 12.962  1.00 48.54 ? 303 GLY A C   1 
ATOM   17   O O   . GLY A 1 7   ? -4.408  -13.814 13.079  1.00 47.23 ? 303 GLY A O   1 
ATOM   18   N N   . GLU A 1 8   ? -6.181  -15.171 12.833  1.00 48.36 ? 304 GLU A N   1 
ATOM   19   C CA  . GLU A 1 8   ? -5.367  -16.372 12.825  1.00 48.84 ? 304 GLU A CA  1 
ATOM   20   C C   . GLU A 1 8   ? -5.354  -16.992 11.432  1.00 46.67 ? 304 GLU A C   1 
ATOM   21   O O   . GLU A 1 8   ? -4.675  -17.989 11.188  1.00 48.06 ? 304 GLU A O   1 
ATOM   22   C CB  . GLU A 1 8   ? -5.905  -17.341 13.876  1.00 54.47 ? 304 GLU A CB  1 
ATOM   23   C CG  . GLU A 1 8   ? -6.028  -16.665 15.242  1.00 59.72 ? 304 GLU A CG  1 
ATOM   24   C CD  . GLU A 1 8   ? -6.770  -17.491 16.270  1.00 63.78 ? 304 GLU A CD  1 
ATOM   25   O OE1 . GLU A 1 8   ? -7.533  -18.404 15.881  1.00 65.46 ? 304 GLU A OE1 1 
ATOM   26   O OE2 . GLU A 1 8   ? -6.587  -17.220 17.478  1.00 65.83 ? 304 GLU A OE2 1 
ATOM   27   N N   . GLU A 1 9   ? -6.103  -16.379 10.520  1.00 40.78 ? 305 GLU A N   1 
ATOM   28   C CA  . GLU A 1 9   ? -6.170  -16.843 9.140   1.00 36.71 ? 305 GLU A CA  1 
ATOM   29   C C   . GLU A 1 9   ? -5.069  -16.140 8.368   1.00 32.98 ? 305 GLU A C   1 
ATOM   30   O O   . GLU A 1 9   ? -4.772  -14.973 8.626   1.00 30.51 ? 305 GLU A O   1 
ATOM   31   C CB  . GLU A 1 9   ? -7.525  -16.493 8.526   1.00 38.76 ? 305 GLU A CB  1 
ATOM   32   C CG  . GLU A 1 9   ? -8.713  -16.872 9.389   1.00 40.45 ? 305 GLU A CG  1 
ATOM   33   C CD  . GLU A 1 9   ? -10.032 -16.610 8.698   1.00 40.61 ? 305 GLU A CD  1 
ATOM   34   O OE1 . GLU A 1 9   ? -10.075 -15.731 7.810   1.00 39.25 ? 305 GLU A OE1 1 
ATOM   35   O OE2 . GLU A 1 9   ? -11.024 -17.286 9.044   1.00 44.78 ? 305 GLU A OE2 1 
ATOM   36   N N   . ASP A 1 10  ? -4.468  -16.841 7.417   1.00 28.60 ? 306 ASP A N   1 
ATOM   37   C CA  . ASP A 1 10  ? -3.387  -16.259 6.637   1.00 30.37 ? 306 ASP A CA  1 
ATOM   38   C C   . ASP A 1 10  ? -3.875  -15.134 5.736   1.00 28.08 ? 306 ASP A C   1 
ATOM   39   O O   . ASP A 1 10  ? -4.946  -15.225 5.141   1.00 26.38 ? 306 ASP A O   1 
ATOM   40   C CB  . ASP A 1 10  ? -2.707  -17.339 5.792   1.00 34.12 ? 306 ASP A CB  1 
ATOM   41   C CG  . ASP A 1 10  ? -2.097  -18.446 6.639   1.00 39.04 ? 306 ASP A CG  1 
ATOM   42   O OD1 . ASP A 1 10  ? -1.746  -18.185 7.816   1.00 36.45 ? 306 ASP A OD1 1 
ATOM   43   O OD2 . ASP A 1 10  ? -1.972  -19.580 6.125   1.00 41.96 ? 306 ASP A OD2 1 
ATOM   44   N N   . ILE A 1 11  ? -3.087  -14.067 5.650   1.00 25.30 ? 307 ILE A N   1 
ATOM   45   C CA  . ILE A 1 11  ? -3.435  -12.938 4.797   1.00 21.89 ? 307 ILE A CA  1 
ATOM   46   C C   . ILE A 1 11  ? -3.091  -13.324 3.352   1.00 20.31 ? 307 ILE A C   1 
ATOM   47   O O   . ILE A 1 11  ? -1.983  -13.768 3.070   1.00 17.92 ? 307 ILE A O   1 
ATOM   48   C CB  . ILE A 1 11  ? -2.645  -11.669 5.214   1.00 21.13 ? 307 ILE A CB  1 
ATOM   49   C CG1 . ILE A 1 11  ? -3.025  -11.276 6.649   1.00 21.72 ? 307 ILE A CG1 1 
ATOM   50   C CG2 . ILE A 1 11  ? -2.952  -10.516 4.258   1.00 18.43 ? 307 ILE A CG2 1 
ATOM   51   C CD1 . ILE A 1 11  ? -2.211  -10.132 7.228   1.00 23.93 ? 307 ILE A CD1 1 
ATOM   52   N N   . PRO A 1 12  ? -4.052  -13.183 2.421   1.00 18.93 ? 308 PRO A N   1 
ATOM   53   C CA  . PRO A 1 12  ? -3.778  -13.537 1.022   1.00 18.88 ? 308 PRO A CA  1 
ATOM   54   C C   . PRO A 1 12  ? -2.526  -12.845 0.486   1.00 17.94 ? 308 PRO A C   1 
ATOM   55   O O   . PRO A 1 12  ? -2.350  -11.639 0.658   1.00 13.21 ? 308 PRO A O   1 
ATOM   56   C CB  . PRO A 1 12  ? -5.048  -13.107 0.290   1.00 18.25 ? 308 PRO A CB  1 
ATOM   57   C CG  . PRO A 1 12  ? -6.116  -13.149 1.353   1.00 16.52 ? 308 PRO A CG  1 
ATOM   58   C CD  . PRO A 1 12  ? -5.434  -12.708 2.611   1.00 15.24 ? 308 PRO A CD  1 
ATOM   59   N N   . ARG A 1 13  ? -1.658  -13.614 -0.166  1.00 16.37 ? 309 ARG A N   1 
ATOM   60   C CA  . ARG A 1 13  ? -0.421  -13.052 -0.691  1.00 15.10 ? 309 ARG A CA  1 
ATOM   61   C C   . ARG A 1 13  ? -0.403  -12.876 -2.208  1.00 15.59 ? 309 ARG A C   1 
ATOM   62   O O   . ARG A 1 13  ? 0.594   -12.424 -2.775  1.00 15.12 ? 309 ARG A O   1 
ATOM   63   C CB  . ARG A 1 13  ? 0.770   -13.900 -0.222  1.00 16.26 ? 309 ARG A CB  1 
ATOM   64   C CG  . ARG A 1 13  ? 1.224   -13.539 1.192   1.00 17.86 ? 309 ARG A CG  1 
ATOM   65   C CD  . ARG A 1 13  ? 2.181   -14.563 1.753   1.00 16.83 ? 309 ARG A CD  1 
ATOM   66   N NE  . ARG A 1 13  ? 2.513   -14.285 3.149   1.00 17.91 ? 309 ARG A NE  1 
ATOM   67   C CZ  . ARG A 1 13  ? 3.568   -13.581 3.549   1.00 20.17 ? 309 ARG A CZ  1 
ATOM   68   N NH1 . ARG A 1 13  ? 4.404   -13.064 2.660   1.00 20.06 ? 309 ARG A NH1 1 
ATOM   69   N NH2 . ARG A 1 13  ? 3.801   -13.397 4.841   1.00 21.33 ? 309 ARG A NH2 1 
ATOM   70   N N   . GLU A 1 14  ? -1.507  -13.219 -2.866  1.00 16.80 ? 310 GLU A N   1 
ATOM   71   C CA  . GLU A 1 14  ? -1.585  -13.049 -4.319  1.00 18.33 ? 310 GLU A CA  1 
ATOM   72   C C   . GLU A 1 14  ? -2.031  -11.612 -4.646  1.00 16.50 ? 310 GLU A C   1 
ATOM   73   O O   . GLU A 1 14  ? -2.616  -10.931 -3.804  1.00 14.19 ? 310 GLU A O   1 
ATOM   74   C CB  . GLU A 1 14  ? -2.545  -14.075 -4.932  1.00 19.63 ? 310 GLU A CB  1 
ATOM   75   C CG  . GLU A 1 14  ? -4.000  -13.635 -5.118  1.00 30.81 ? 310 GLU A CG  1 
ATOM   76   C CD  . GLU A 1 14  ? -4.826  -14.699 -5.859  1.00 39.26 ? 310 GLU A CD  1 
ATOM   77   O OE1 . GLU A 1 14  ? -4.736  -15.902 -5.496  1.00 45.57 ? 310 GLU A OE1 1 
ATOM   78   O OE2 . GLU A 1 14  ? -5.569  -14.359 -6.818  1.00 42.33 ? 310 GLU A OE2 1 
ATOM   79   N N   . PRO A 1 15  ? -1.728  -11.133 -5.870  1.00 15.93 ? 311 PRO A N   1 
ATOM   80   C CA  . PRO A 1 15  ? -2.131  -9.768  -6.233  1.00 13.50 ? 311 PRO A CA  1 
ATOM   81   C C   . PRO A 1 15  ? -3.640  -9.610  -6.231  1.00 13.49 ? 311 PRO A C   1 
ATOM   82   O O   . PRO A 1 15  ? -4.373  -10.565 -6.503  1.00 16.15 ? 311 PRO A O   1 
ATOM   83   C CB  . PRO A 1 15  ? -1.545  -9.553  -7.631  1.00 14.51 ? 311 PRO A CB  1 
ATOM   84   C CG  . PRO A 1 15  ? -0.704  -10.726 -7.920  1.00 15.67 ? 311 PRO A CG  1 
ATOM   85   C CD  . PRO A 1 15  ? -1.004  -11.819 -6.944  1.00 14.21 ? 311 PRO A CD  1 
ATOM   86   N N   . ARG A 1 16  ? -4.089  -8.399  -5.900  1.00 11.90 ? 312 ARG A N   1 
ATOM   87   C CA  . ARG A 1 16  ? -5.501  -8.061  -5.852  1.00 13.21 ? 312 ARG A CA  1 
ATOM   88   C C   . ARG A 1 16  ? -5.751  -6.750  -6.588  1.00 13.50 ? 312 ARG A C   1 
ATOM   89   O O   . ARG A 1 16  ? -4.885  -5.880  -6.624  1.00 12.93 ? 312 ARG A O   1 
ATOM   90   C CB  . ARG A 1 16  ? -5.975  -7.868  -4.405  1.00 12.92 ? 312 ARG A CB  1 
ATOM   91   C CG  . ARG A 1 16  ? -5.879  -9.087  -3.508  1.00 15.05 ? 312 ARG A CG  1 
ATOM   92   C CD  . ARG A 1 16  ? -4.972  -8.836  -2.310  1.00 10.73 ? 312 ARG A CD  1 
ATOM   93   N NE  . ARG A 1 16  ? -5.210  -7.548  -1.672  1.00 10.18 ? 312 ARG A NE  1 
ATOM   94   C CZ  . ARG A 1 16  ? -4.245  -6.778  -1.187  1.00 12.03 ? 312 ARG A CZ  1 
ATOM   95   N NH1 . ARG A 1 16  ? -2.981  -7.168  -1.281  1.00 11.50 ? 312 ARG A NH1 1 
ATOM   96   N NH2 . ARG A 1 16  ? -4.536  -5.620  -0.611  1.00 10.70 ? 312 ARG A NH2 1 
ATOM   97   N N   . ARG A 1 17  ? -6.932  -6.607  -7.182  1.00 13.84 ? 313 ARG A N   1 
ATOM   98   C CA  . ARG A 1 17  ? -7.265  -5.347  -7.835  1.00 15.73 ? 313 ARG A CA  1 
ATOM   99   C C   . ARG A 1 17  ? -8.186  -4.605  -6.875  1.00 12.83 ? 313 ARG A C   1 
ATOM   100  O O   . ARG A 1 17  ? -9.122  -5.180  -6.334  1.00 14.36 ? 313 ARG A O   1 
ATOM   101  C CB  . ARG A 1 17  ? -7.983  -5.561  -9.160  1.00 17.02 ? 313 ARG A CB  1 
ATOM   102  C CG  . ARG A 1 17  ? -8.399  -4.244  -9.809  1.00 19.80 ? 313 ARG A CG  1 
ATOM   103  C CD  . ARG A 1 17  ? -9.355  -4.460  -10.966 1.00 21.89 ? 313 ARG A CD  1 
ATOM   104  N NE  . ARG A 1 17  ? -8.742  -5.241  -12.036 1.00 22.79 ? 313 ARG A NE  1 
ATOM   105  C CZ  . ARG A 1 17  ? -8.909  -6.551  -12.202 1.00 22.23 ? 313 ARG A CZ  1 
ATOM   106  N NH1 . ARG A 1 17  ? -9.674  -7.244  -11.367 1.00 19.04 ? 313 ARG A NH1 1 
ATOM   107  N NH2 . ARG A 1 17  ? -8.314  -7.168  -13.214 1.00 22.82 ? 313 ARG A NH2 1 
ATOM   108  N N   . ILE A 1 18  ? -7.897  -3.333  -6.642  1.00 15.57 ? 314 ILE A N   1 
ATOM   109  C CA  . ILE A 1 18  ? -8.713  -2.524  -5.746  1.00 16.15 ? 314 ILE A CA  1 
ATOM   110  C C   . ILE A 1 18  ? -9.113  -1.264  -6.498  1.00 15.41 ? 314 ILE A C   1 
ATOM   111  O O   . ILE A 1 18  ? -8.259  -0.524  -6.984  1.00 17.90 ? 314 ILE A O   1 
ATOM   112  C CB  . ILE A 1 18  ? -7.934  -2.115  -4.466  1.00 15.89 ? 314 ILE A CB  1 
ATOM   113  C CG1 . ILE A 1 18  ? -7.510  -3.362  -3.687  1.00 15.48 ? 314 ILE A CG1 1 
ATOM   114  C CG2 . ILE A 1 18  ? -8.803  -1.214  -3.594  1.00 13.51 ? 314 ILE A CG2 1 
ATOM   115  C CD1 . ILE A 1 18  ? -6.081  -3.828  -3.980  1.00 16.31 ? 314 ILE A CD1 1 
ATOM   116  N N   . VAL A 1 19  ? -10.413 -1.036  -6.615  1.00 16.89 ? 315 VAL A N   1 
ATOM   117  C CA  . VAL A 1 19  ? -10.895 0.149   -7.302  1.00 18.70 ? 315 VAL A CA  1 
ATOM   118  C C   . VAL A 1 19  ? -11.438 1.117   -6.270  1.00 17.83 ? 315 VAL A C   1 
ATOM   119  O O   . VAL A 1 19  ? -12.425 0.845   -5.589  1.00 18.32 ? 315 VAL A O   1 
ATOM   120  C CB  . VAL A 1 19  ? -11.990 -0.190  -8.321  1.00 20.18 ? 315 VAL A CB  1 
ATOM   121  C CG1 . VAL A 1 19  ? -12.524 1.088   -8.964  1.00 22.50 ? 315 VAL A CG1 1 
ATOM   122  C CG2 . VAL A 1 19  ? -11.424 -1.120  -9.384  1.00 14.77 ? 315 VAL A CG2 1 
ATOM   123  N N   . ILE A 1 20  ? -10.772 2.254   -6.157  1.00 19.96 ? 316 ILE A N   1 
ATOM   124  C CA  . ILE A 1 20  ? -11.162 3.265   -5.199  1.00 19.29 ? 316 ILE A CA  1 
ATOM   125  C C   . ILE A 1 20  ? -11.766 4.469   -5.903  1.00 18.88 ? 316 ILE A C   1 
ATOM   126  O O   . ILE A 1 20  ? -11.191 5.008   -6.846  1.00 17.02 ? 316 ILE A O   1 
ATOM   127  C CB  . ILE A 1 20  ? -9.946  3.712   -4.371  1.00 20.46 ? 316 ILE A CB  1 
ATOM   128  C CG1 . ILE A 1 20  ? -9.465  2.542   -3.506  1.00 18.40 ? 316 ILE A CG1 1 
ATOM   129  C CG2 . ILE A 1 20  ? -10.302 4.932   -3.530  1.00 19.54 ? 316 ILE A CG2 1 
ATOM   130  C CD1 . ILE A 1 20  ? -8.522  2.943   -2.403  1.00 18.49 ? 316 ILE A CD1 1 
ATOM   131  N N   . HIS A 1 21  ? -12.948 4.867   -5.448  1.00 18.87 ? 317 HIS A N   1 
ATOM   132  C CA  . HIS A 1 21  ? -13.621 6.027   -6.004  1.00 23.24 ? 317 HIS A CA  1 
ATOM   133  C C   . HIS A 1 21  ? -13.440 7.122   -4.962  1.00 21.52 ? 317 HIS A C   1 
ATOM   134  O O   . HIS A 1 21  ? -14.100 7.116   -3.927  1.00 26.66 ? 317 HIS A O   1 
ATOM   135  C CB  . HIS A 1 21  ? -15.102 5.711   -6.224  1.00 25.70 ? 317 HIS A CB  1 
ATOM   136  C CG  . HIS A 1 21  ? -15.326 4.502   -7.075  1.00 27.94 ? 317 HIS A CG  1 
ATOM   137  N ND1 . HIS A 1 21  ? -15.072 4.490   -8.427  1.00 26.80 ? 317 HIS A ND1 1 
ATOM   138  C CD2 . HIS A 1 21  ? -15.740 3.253   -6.754  1.00 28.12 ? 317 HIS A CD2 1 
ATOM   139  C CE1 . HIS A 1 21  ? -15.316 3.280   -8.907  1.00 29.48 ? 317 HIS A CE1 1 
ATOM   140  N NE2 . HIS A 1 21  ? -15.722 2.514   -7.912  1.00 30.52 ? 317 HIS A NE2 1 
ATOM   141  N N   . ARG A 1 22  ? -12.531 8.054   -5.228  1.00 20.49 ? 318 ARG A N   1 
ATOM   142  C CA  . ARG A 1 22  ? -12.249 9.120   -4.271  1.00 19.81 ? 318 ARG A CA  1 
ATOM   143  C C   . ARG A 1 22  ? -12.568 10.515  -4.777  1.00 18.16 ? 318 ARG A C   1 
ATOM   144  O O   . ARG A 1 22  ? -12.282 11.506  -4.103  1.00 19.50 ? 318 ARG A O   1 
ATOM   145  C CB  . ARG A 1 22  ? -10.777 9.059   -3.852  1.00 16.72 ? 318 ARG A CB  1 
ATOM   146  C CG  . ARG A 1 22  ? -9.821  8.859   -5.015  1.00 14.85 ? 318 ARG A CG  1 
ATOM   147  C CD  . ARG A 1 22  ? -9.449  10.191  -5.645  1.00 13.51 ? 318 ARG A CD  1 
ATOM   148  N NE  . ARG A 1 22  ? -8.279  10.079  -6.509  1.00 15.66 ? 318 ARG A NE  1 
ATOM   149  C CZ  . ARG A 1 22  ? -7.046  10.434  -6.156  1.00 17.94 ? 318 ARG A CZ  1 
ATOM   150  N NH1 . ARG A 1 22  ? -6.808  10.926  -4.947  1.00 18.48 ? 318 ARG A NH1 1 
ATOM   151  N NH2 . ARG A 1 22  ? -6.042  10.278  -7.012  1.00 18.05 ? 318 ARG A NH2 1 
ATOM   152  N N   . GLY A 1 23  ? -13.160 10.597  -5.960  1.00 17.11 ? 319 GLY A N   1 
ATOM   153  C CA  . GLY A 1 23  ? -13.489 11.902  -6.499  1.00 19.37 ? 319 GLY A CA  1 
ATOM   154  C C   . GLY A 1 23  ? -12.279 12.813  -6.469  1.00 19.56 ? 319 GLY A C   1 
ATOM   155  O O   . GLY A 1 23  ? -11.251 12.499  -7.068  1.00 19.45 ? 319 GLY A O   1 
ATOM   156  N N   . SER A 1 24  ? -12.387 13.934  -5.767  1.00 20.48 ? 320 SER A N   1 
ATOM   157  C CA  . SER A 1 24  ? -11.276 14.877  -5.702  1.00 22.84 ? 320 SER A CA  1 
ATOM   158  C C   . SER A 1 24  ? -10.709 15.002  -4.304  1.00 20.94 ? 320 SER A C   1 
ATOM   159  O O   . SER A 1 24  ? -10.391 16.095  -3.835  1.00 21.21 ? 320 SER A O   1 
ATOM   160  C CB  . SER A 1 24  ? -11.710 16.252  -6.212  1.00 22.02 ? 320 SER A CB  1 
ATOM   161  O OG  . SER A 1 24  ? -11.468 16.360  -7.601  1.00 21.22 ? 320 SER A OG  1 
ATOM   162  N N   . THR A 1 25  ? -10.574 13.864  -3.639  1.00 22.15 ? 321 THR A N   1 
ATOM   163  C CA  . THR A 1 25  ? -10.029 13.843  -2.296  1.00 18.92 ? 321 THR A CA  1 
ATOM   164  C C   . THR A 1 25  ? -8.831  12.900  -2.271  1.00 16.89 ? 321 THR A C   1 
ATOM   165  O O   . THR A 1 25  ? -8.619  12.126  -3.206  1.00 15.13 ? 321 THR A O   1 
ATOM   166  C CB  . THR A 1 25  ? -11.106 13.395  -1.275  1.00 24.16 ? 321 THR A CB  1 
ATOM   167  O OG1 . THR A 1 25  ? -11.587 12.084  -1.610  1.00 23.85 ? 321 THR A OG1 1 
ATOM   168  C CG2 . THR A 1 25  ? -12.283 14.376  -1.289  1.00 21.26 ? 321 THR A CG2 1 
ATOM   169  N N   . GLY A 1 26  ? -8.030  12.987  -1.218  1.00 16.33 ? 322 GLY A N   1 
ATOM   170  C CA  . GLY A 1 26  ? -6.872  12.125  -1.113  1.00 15.88 ? 322 GLY A CA  1 
ATOM   171  C C   . GLY A 1 26  ? -7.302  10.675  -1.000  1.00 16.25 ? 322 GLY A C   1 
ATOM   172  O O   . GLY A 1 26  ? -8.441  10.386  -0.645  1.00 16.85 ? 322 GLY A O   1 
ATOM   173  N N   . LEU A 1 27  ? -6.389  9.759   -1.306  1.00 16.16 ? 323 LEU A N   1 
ATOM   174  C CA  . LEU A 1 27  ? -6.679  8.334   -1.225  1.00 14.78 ? 323 LEU A CA  1 
ATOM   175  C C   . LEU A 1 27  ? -6.728  7.912   0.239   1.00 13.20 ? 323 LEU A C   1 
ATOM   176  O O   . LEU A 1 27  ? -7.399  6.943   0.598   1.00 14.11 ? 323 LEU A O   1 
ATOM   177  C CB  . LEU A 1 27  ? -5.613  7.538   -1.978  1.00 12.62 ? 323 LEU A CB  1 
ATOM   178  C CG  . LEU A 1 27  ? -5.811  7.597   -3.494  1.00 14.27 ? 323 LEU A CG  1 
ATOM   179  C CD1 . LEU A 1 27  ? -4.499  7.413   -4.215  1.00 10.09 ? 323 LEU A CD1 1 
ATOM   180  C CD2 . LEU A 1 27  ? -6.801  6.528   -3.904  1.00 15.83 ? 323 LEU A CD2 1 
ATOM   181  N N   . GLY A 1 28  ? -6.015  8.646   1.087   1.00 10.17 ? 324 GLY A N   1 
ATOM   182  C CA  . GLY A 1 28  ? -6.035  8.329   2.496   1.00 8.68  ? 324 GLY A CA  1 
ATOM   183  C C   . GLY A 1 28  ? -5.048  7.281   2.961   1.00 10.96 ? 324 GLY A C   1 
ATOM   184  O O   . GLY A 1 28  ? -5.381  6.439   3.804   1.00 12.00 ? 324 GLY A O   1 
ATOM   185  N N   . PHE A 1 29  ? -3.849  7.293   2.389   1.00 12.66 ? 325 PHE A N   1 
ATOM   186  C CA  . PHE A 1 29  ? -2.798  6.382   2.831   1.00 12.59 ? 325 PHE A CA  1 
ATOM   187  C C   . PHE A 1 29  ? -1.408  6.928   2.542   1.00 12.59 ? 325 PHE A C   1 
ATOM   188  O O   . PHE A 1 29  ? -1.234  7.840   1.731   1.00 11.46 ? 325 PHE A O   1 
ATOM   189  C CB  . PHE A 1 29  ? -2.984  4.958   2.274   1.00 11.85 ? 325 PHE A CB  1 
ATOM   190  C CG  . PHE A 1 29  ? -2.801  4.827   0.788   1.00 13.45 ? 325 PHE A CG  1 
ATOM   191  C CD1 . PHE A 1 29  ? -1.533  4.699   0.235   1.00 12.91 ? 325 PHE A CD1 1 
ATOM   192  C CD2 . PHE A 1 29  ? -3.908  4.718   -0.048  1.00 14.38 ? 325 PHE A CD2 1 
ATOM   193  C CE1 . PHE A 1 29  ? -1.365  4.460   -1.136  1.00 12.50 ? 325 PHE A CE1 1 
ATOM   194  C CE2 . PHE A 1 29  ? -3.753  4.479   -1.418  1.00 14.20 ? 325 PHE A CE2 1 
ATOM   195  C CZ  . PHE A 1 29  ? -2.476  4.346   -1.959  1.00 11.37 ? 325 PHE A CZ  1 
ATOM   196  N N   . ASN A 1 30  ? -0.435  6.384   3.265   1.00 15.98 ? 326 ASN A N   1 
ATOM   197  C CA  . ASN A 1 30  ? 0.971   6.780   3.174   1.00 18.26 ? 326 ASN A CA  1 
ATOM   198  C C   . ASN A 1 30  ? 1.776   5.722   2.422   1.00 14.20 ? 326 ASN A C   1 
ATOM   199  O O   . ASN A 1 30  ? 1.491   4.530   2.522   1.00 11.07 ? 326 ASN A O   1 
ATOM   200  C CB  . ASN A 1 30  ? 1.568   6.907   4.584   1.00 20.99 ? 326 ASN A CB  1 
ATOM   201  C CG  . ASN A 1 30  ? 1.425   8.297   5.175   1.00 23.08 ? 326 ASN A CG  1 
ATOM   202  O OD1 . ASN A 1 30  ? 0.502   9.042   4.850   1.00 20.96 ? 326 ASN A OD1 1 
ATOM   203  N ND2 . ASN A 1 30  ? 2.347   8.646   6.062   1.00 28.01 ? 326 ASN A ND2 1 
ATOM   204  N N   . ILE A 1 31  ? 2.782   6.162   1.679   1.00 13.72 ? 327 ILE A N   1 
ATOM   205  C CA  . ILE A 1 31  ? 3.642   5.236   0.958   1.00 14.13 ? 327 ILE A CA  1 
ATOM   206  C C   . ILE A 1 31  ? 5.090   5.481   1.360   1.00 12.55 ? 327 ILE A C   1 
ATOM   207  O O   . ILE A 1 31  ? 5.470   6.606   1.676   1.00 13.43 ? 327 ILE A O   1 
ATOM   208  C CB  . ILE A 1 31  ? 3.535   5.398   -0.592  1.00 16.22 ? 327 ILE A CB  1 
ATOM   209  C CG1 . ILE A 1 31  ? 3.890   6.830   -1.009  1.00 14.36 ? 327 ILE A CG1 1 
ATOM   210  C CG2 . ILE A 1 31  ? 2.138   5.023   -1.064  1.00 16.00 ? 327 ILE A CG2 1 
ATOM   211  C CD1 . ILE A 1 31  ? 4.334   6.945   -2.456  1.00 11.90 ? 327 ILE A CD1 1 
ATOM   212  N N   . ILE A 1 32  ? 5.874   4.409   1.373   1.00 12.94 ? 328 ILE A N   1 
ATOM   213  C CA  . ILE A 1 32  ? 7.301   4.462   1.679   1.00 14.88 ? 328 ILE A CA  1 
ATOM   214  C C   . ILE A 1 32  ? 7.987   3.631   0.589   1.00 16.30 ? 328 ILE A C   1 
ATOM   215  O O   . ILE A 1 32  ? 7.341   2.821   -0.078  1.00 12.07 ? 328 ILE A O   1 
ATOM   216  C CB  . ILE A 1 32  ? 7.636   3.842   3.056   1.00 15.57 ? 328 ILE A CB  1 
ATOM   217  C CG1 . ILE A 1 32  ? 7.208   2.378   3.089   1.00 18.59 ? 328 ILE A CG1 1 
ATOM   218  C CG2 . ILE A 1 32  ? 6.933   4.590   4.145   1.00 16.98 ? 328 ILE A CG2 1 
ATOM   219  C CD1 . ILE A 1 32  ? 7.217   1.780   4.466   1.00 27.69 ? 328 ILE A CD1 1 
ATOM   220  N N   . GLY A 1 33  ? 9.289   3.831   0.416   1.00 18.81 ? 329 GLY A N   1 
ATOM   221  C CA  . GLY A 1 33  ? 10.029  3.104   -0.598  1.00 20.74 ? 329 GLY A CA  1 
ATOM   222  C C   . GLY A 1 33  ? 10.248  3.927   -1.857  1.00 19.78 ? 329 GLY A C   1 
ATOM   223  O O   . GLY A 1 33  ? 9.997   5.134   -1.876  1.00 19.50 ? 329 GLY A O   1 
ATOM   224  N N   . GLY A 1 34  ? 10.699  3.275   -2.920  1.00 24.57 ? 330 GLY A N   1 
ATOM   225  C CA  . GLY A 1 34  ? 10.943  3.984   -4.159  1.00 29.06 ? 330 GLY A CA  1 
ATOM   226  C C   . GLY A 1 34  ? 12.392  4.400   -4.281  1.00 34.01 ? 330 GLY A C   1 
ATOM   227  O O   . GLY A 1 34  ? 12.754  5.175   -5.170  1.00 37.98 ? 330 GLY A O   1 
ATOM   228  N N   . GLU A 1 35  ? 13.224  3.904   -3.376  1.00 38.49 ? 331 GLU A N   1 
ATOM   229  C CA  . GLU A 1 35  ? 14.646  4.211   -3.421  1.00 44.72 ? 331 GLU A CA  1 
ATOM   230  C C   . GLU A 1 35  ? 15.427  2.963   -3.817  1.00 44.82 ? 331 GLU A C   1 
ATOM   231  O O   . GLU A 1 35  ? 15.412  1.948   -3.120  1.00 47.68 ? 331 GLU A O   1 
ATOM   232  C CB  . GLU A 1 35  ? 15.129  4.734   -2.066  1.00 46.07 ? 331 GLU A CB  1 
ATOM   233  C CG  . GLU A 1 35  ? 14.768  6.185   -1.850  1.00 53.49 ? 331 GLU A CG  1 
ATOM   234  C CD  . GLU A 1 35  ? 15.107  6.695   -0.471  1.00 61.07 ? 331 GLU A CD  1 
ATOM   235  O OE1 . GLU A 1 35  ? 15.838  5.995   0.275   1.00 65.76 ? 331 GLU A OE1 1 
ATOM   236  O OE2 . GLU A 1 35  ? 14.640  7.812   -0.126  1.00 64.90 ? 331 GLU A OE2 1 
ATOM   237  N N   . ASP A 1 36  ? 16.070  3.024   -4.972  1.00 46.50 ? 332 ASP A N   1 
ATOM   238  C CA  . ASP A 1 36  ? 16.882  1.913   -5.434  1.00 48.45 ? 332 ASP A CA  1 
ATOM   239  C C   . ASP A 1 36  ? 16.167  0.572   -5.580  1.00 48.79 ? 332 ASP A C   1 
ATOM   240  O O   . ASP A 1 36  ? 16.638  -0.435  -5.045  1.00 51.57 ? 332 ASP A O   1 
ATOM   241  C CB  . ASP A 1 36  ? 18.065  1.739   -4.495  1.00 48.50 ? 332 ASP A CB  1 
ATOM   242  N N   . GLY A 1 37  ? 15.038  0.546   -6.277  1.00 48.90 ? 333 GLY A N   1 
ATOM   243  C CA  . GLY A 1 37  ? 14.347  -0.722  -6.468  1.00 48.17 ? 333 GLY A CA  1 
ATOM   244  C C   . GLY A 1 37  ? 13.223  -1.016  -5.492  1.00 47.11 ? 333 GLY A C   1 
ATOM   245  O O   . GLY A 1 37  ? 12.064  -1.082  -5.897  1.00 50.84 ? 333 GLY A O   1 
ATOM   246  N N   . GLU A 1 38  ? 13.568  -1.200  -4.222  1.00 45.31 ? 334 GLU A N   1 
ATOM   247  C CA  . GLU A 1 38  ? 12.612  -1.483  -3.142  1.00 43.63 ? 334 GLU A CA  1 
ATOM   248  C C   . GLU A 1 38  ? 11.136  -1.739  -3.499  1.00 39.13 ? 334 GLU A C   1 
ATOM   249  O O   . GLU A 1 38  ? 10.580  -2.795  -3.183  1.00 40.54 ? 334 GLU A O   1 
ATOM   250  C CB  . GLU A 1 38  ? 12.664  -0.358  -2.098  1.00 47.36 ? 334 GLU A CB  1 
ATOM   251  C CG  . GLU A 1 38  ? 13.931  -0.343  -1.273  1.00 57.08 ? 334 GLU A CG  1 
ATOM   252  C CD  . GLU A 1 38  ? 14.299  -1.716  -0.749  1.00 65.38 ? 334 GLU A CD  1 
ATOM   253  O OE1 . GLU A 1 38  ? 13.374  -2.525  -0.474  1.00 68.10 ? 334 GLU A OE1 1 
ATOM   254  O OE2 . GLU A 1 38  ? 15.519  -1.997  -0.609  1.00 71.28 ? 334 GLU A OE2 1 
ATOM   255  N N   . GLY A 1 39  ? 10.491  -0.771  -4.141  1.00 31.77 ? 335 GLY A N   1 
ATOM   256  C CA  . GLY A 1 39  ? 9.089   -0.926  -4.483  1.00 22.95 ? 335 GLY A CA  1 
ATOM   257  C C   . GLY A 1 39  ? 8.314   0.088   -3.662  1.00 19.05 ? 335 GLY A C   1 
ATOM   258  O O   . GLY A 1 39  ? 8.897   0.722   -2.779  1.00 15.92 ? 335 GLY A O   1 
ATOM   259  N N   . ILE A 1 40  ? 7.021   0.249   -3.941  1.00 15.28 ? 336 ILE A N   1 
ATOM   260  C CA  . ILE A 1 40  ? 6.188   1.212   -3.215  1.00 14.99 ? 336 ILE A CA  1 
ATOM   261  C C   . ILE A 1 40  ? 5.242   0.478   -2.267  1.00 11.80 ? 336 ILE A C   1 
ATOM   262  O O   . ILE A 1 40  ? 4.416   -0.326  -2.699  1.00 12.20 ? 336 ILE A O   1 
ATOM   263  C CB  . ILE A 1 40  ? 5.361   2.095   -4.201  1.00 15.26 ? 336 ILE A CB  1 
ATOM   264  C CG1 . ILE A 1 40  ? 6.301   2.865   -5.147  1.00 14.11 ? 336 ILE A CG1 1 
ATOM   265  C CG2 . ILE A 1 40  ? 4.468   3.060   -3.420  1.00 13.09 ? 336 ILE A CG2 1 
ATOM   266  C CD1 . ILE A 1 40  ? 7.360   3.698   -4.449  1.00 12.36 ? 336 ILE A CD1 1 
ATOM   267  N N   . PHE A 1 41  ? 5.366   0.752   -0.971  1.00 12.24 ? 337 PHE A N   1 
ATOM   268  C CA  . PHE A 1 41  ? 4.526   0.084   0.024   1.00 12.77 ? 337 PHE A CA  1 
ATOM   269  C C   . PHE A 1 41  ? 3.640   1.028   0.825   1.00 11.75 ? 337 PHE A C   1 
ATOM   270  O O   . PHE A 1 41  ? 3.989   2.190   1.047   1.00 11.63 ? 337 PHE A O   1 
ATOM   271  C CB  . PHE A 1 41  ? 5.391   -0.710  1.011   1.00 9.54  ? 337 PHE A CB  1 
ATOM   272  C CG  . PHE A 1 41  ? 6.329   -1.675  0.354   1.00 13.93 ? 337 PHE A CG  1 
ATOM   273  C CD1 . PHE A 1 41  ? 7.455   -1.220  -0.325  1.00 14.14 ? 337 PHE A CD1 1 
ATOM   274  C CD2 . PHE A 1 41  ? 6.080   -3.046  0.402   1.00 16.95 ? 337 PHE A CD2 1 
ATOM   275  C CE1 . PHE A 1 41  ? 8.320   -2.115  -0.955  1.00 14.24 ? 337 PHE A CE1 1 
ATOM   276  C CE2 . PHE A 1 41  ? 6.936   -3.947  -0.221  1.00 14.83 ? 337 PHE A CE2 1 
ATOM   277  C CZ  . PHE A 1 41  ? 8.059   -3.479  -0.903  1.00 16.41 ? 337 PHE A CZ  1 
ATOM   278  N N   . ILE A 1 42  ? 2.489   0.511   1.252   1.00 8.82  ? 338 ILE A N   1 
ATOM   279  C CA  . ILE A 1 42  ? 1.572   1.285   2.068   1.00 12.07 ? 338 ILE A CA  1 
ATOM   280  C C   . ILE A 1 42  ? 2.077   1.167   3.506   1.00 12.41 ? 338 ILE A C   1 
ATOM   281  O O   . ILE A 1 42  ? 2.254   0.064   4.022   1.00 14.05 ? 338 ILE A O   1 
ATOM   282  C CB  . ILE A 1 42  ? 0.143   0.738   1.986   1.00 13.80 ? 338 ILE A CB  1 
ATOM   283  C CG1 . ILE A 1 42  ? -0.394  0.910   0.559   1.00 16.31 ? 338 ILE A CG1 1 
ATOM   284  C CG2 . ILE A 1 42  ? -0.739  1.461   3.007   1.00 13.32 ? 338 ILE A CG2 1 
ATOM   285  C CD1 . ILE A 1 42  ? -1.857  0.519   0.377   1.00 13.29 ? 338 ILE A CD1 1 
ATOM   286  N N   . SER A 1 43  ? 2.324   2.301   4.146   1.00 9.36  ? 339 SER A N   1 
ATOM   287  C CA  . SER A 1 43  ? 2.830   2.291   5.505   1.00 10.88 ? 339 SER A CA  1 
ATOM   288  C C   . SER A 1 43  ? 1.776   2.698   6.509   1.00 13.10 ? 339 SER A C   1 
ATOM   289  O O   . SER A 1 43  ? 1.957   2.516   7.715   1.00 14.09 ? 339 SER A O   1 
ATOM   290  C CB  . SER A 1 43  ? 4.003   3.259   5.633   1.00 13.04 ? 339 SER A CB  1 
ATOM   291  O OG  . SER A 1 43  ? 3.591   4.577   5.317   1.00 12.83 ? 339 SER A OG  1 
ATOM   292  N N   . PHE A 1 44  ? 0.677   3.247   6.013   1.00 12.55 ? 340 PHE A N   1 
ATOM   293  C CA  . PHE A 1 44  ? -0.373  3.739   6.897   1.00 11.75 ? 340 PHE A CA  1 
ATOM   294  C C   . PHE A 1 44  ? -1.682  3.946   6.145   1.00 8.95  ? 340 PHE A C   1 
ATOM   295  O O   . PHE A 1 44  ? -1.693  4.422   5.011   1.00 9.69  ? 340 PHE A O   1 
ATOM   296  C CB  . PHE A 1 44  ? 0.121   5.066   7.516   1.00 13.24 ? 340 PHE A CB  1 
ATOM   297  C CG  . PHE A 1 44  ? -0.903  5.800   8.345   1.00 10.45 ? 340 PHE A CG  1 
ATOM   298  C CD1 . PHE A 1 44  ? -1.893  6.574   7.739   1.00 12.05 ? 340 PHE A CD1 1 
ATOM   299  C CD2 . PHE A 1 44  ? -0.825  5.778   9.738   1.00 14.86 ? 340 PHE A CD2 1 
ATOM   300  C CE1 . PHE A 1 44  ? -2.788  7.315   8.509   1.00 11.97 ? 340 PHE A CE1 1 
ATOM   301  C CE2 . PHE A 1 44  ? -1.722  6.519   10.522  1.00 14.05 ? 340 PHE A CE2 1 
ATOM   302  C CZ  . PHE A 1 44  ? -2.701  7.289   9.904   1.00 10.29 ? 340 PHE A CZ  1 
ATOM   303  N N   . ILE A 1 45  ? -2.782  3.565   6.784   1.00 8.14  ? 341 ILE A N   1 
ATOM   304  C CA  . ILE A 1 45  ? -4.093  3.751   6.191   1.00 9.23  ? 341 ILE A CA  1 
ATOM   305  C C   . ILE A 1 45  ? -4.853  4.678   7.131   1.00 8.59  ? 341 ILE A C   1 
ATOM   306  O O   . ILE A 1 45  ? -5.008  4.395   8.316   1.00 10.00 ? 341 ILE A O   1 
ATOM   307  C CB  . ILE A 1 45  ? -4.840  2.414   6.026   1.00 8.49  ? 341 ILE A CB  1 
ATOM   308  C CG1 . ILE A 1 45  ? -3.918  1.393   5.337   1.00 12.43 ? 341 ILE A CG1 1 
ATOM   309  C CG2 . ILE A 1 45  ? -6.171  2.649   5.302   1.00 11.02 ? 341 ILE A CG2 1 
ATOM   310  C CD1 . ILE A 1 45  ? -4.395  0.842   3.998   1.00 14.65 ? 341 ILE A CD1 1 
ATOM   311  N N   . LEU A 1 46  ? -5.299  5.807   6.595   1.00 10.31 ? 342 LEU A N   1 
ATOM   312  C CA  . LEU A 1 46  ? -6.014  6.803   7.375   1.00 8.74  ? 342 LEU A CA  1 
ATOM   313  C C   . LEU A 1 46  ? -7.435  6.378   7.699   1.00 10.56 ? 342 LEU A C   1 
ATOM   314  O O   . LEU A 1 46  ? -8.186  5.968   6.817   1.00 11.56 ? 342 LEU A O   1 
ATOM   315  C CB  . LEU A 1 46  ? -6.038  8.124   6.609   1.00 10.69 ? 342 LEU A CB  1 
ATOM   316  C CG  . LEU A 1 46  ? -6.893  9.241   7.199   1.00 15.55 ? 342 LEU A CG  1 
ATOM   317  C CD1 . LEU A 1 46  ? -6.213  9.791   8.453   1.00 15.24 ? 342 LEU A CD1 1 
ATOM   318  C CD2 . LEU A 1 46  ? -7.081  10.330  6.164   1.00 13.96 ? 342 LEU A CD2 1 
ATOM   319  N N   . ALA A 1 47  ? -7.805  6.483   8.969   1.00 13.86 ? 343 ALA A N   1 
ATOM   320  C CA  . ALA A 1 47  ? -9.154  6.125   9.398   1.00 15.26 ? 343 ALA A CA  1 
ATOM   321  C C   . ALA A 1 47  ? -10.174 7.045   8.732   1.00 15.26 ? 343 ALA A C   1 
ATOM   322  O O   . ALA A 1 47  ? -10.064 8.273   8.811   1.00 14.40 ? 343 ALA A O   1 
ATOM   323  C CB  . ALA A 1 47  ? -9.267  6.240   10.915  1.00 14.86 ? 343 ALA A CB  1 
ATOM   324  N N   . GLY A 1 48  ? -11.158 6.448   8.068   1.00 13.89 ? 344 GLY A N   1 
ATOM   325  C CA  . GLY A 1 48  ? -12.190 7.237   7.425   1.00 12.93 ? 344 GLY A CA  1 
ATOM   326  C C   . GLY A 1 48  ? -11.900 7.629   5.994   1.00 14.71 ? 344 GLY A C   1 
ATOM   327  O O   . GLY A 1 48  ? -12.787 8.123   5.301   1.00 14.71 ? 344 GLY A O   1 
ATOM   328  N N   . GLY A 1 49  ? -10.669 7.419   5.543   1.00 12.42 ? 345 GLY A N   1 
ATOM   329  C CA  . GLY A 1 49  ? -10.323 7.771   4.180   1.00 14.06 ? 345 GLY A CA  1 
ATOM   330  C C   . GLY A 1 49  ? -10.855 6.781   3.151   1.00 13.40 ? 345 GLY A C   1 
ATOM   331  O O   . GLY A 1 49  ? -11.332 5.708   3.515   1.00 12.78 ? 345 GLY A O   1 
ATOM   332  N N   . PRO A 1 50  ? -10.823 7.133   1.854   1.00 13.39 ? 346 PRO A N   1 
ATOM   333  C CA  . PRO A 1 50  ? -11.304 6.251   0.786   1.00 13.69 ? 346 PRO A CA  1 
ATOM   334  C C   . PRO A 1 50  ? -10.647 4.872   0.812   1.00 13.67 ? 346 PRO A C   1 
ATOM   335  O O   . PRO A 1 50  ? -11.312 3.863   0.592   1.00 16.01 ? 346 PRO A O   1 
ATOM   336  C CB  . PRO A 1 50  ? -10.968 7.015   -0.496  1.00 15.27 ? 346 PRO A CB  1 
ATOM   337  C CG  . PRO A 1 50  ? -10.905 8.443   -0.072  1.00 16.21 ? 346 PRO A CG  1 
ATOM   338  C CD  . PRO A 1 50  ? -10.365 8.432   1.327   1.00 14.40 ? 346 PRO A CD  1 
ATOM   339  N N   . ALA A 1 51  ? -9.345  4.823   1.073   1.00 13.11 ? 347 ALA A N   1 
ATOM   340  C CA  . ALA A 1 51  ? -8.635  3.541   1.120   1.00 15.75 ? 347 ALA A CA  1 
ATOM   341  C C   . ALA A 1 51  ? -9.152  2.669   2.271   1.00 15.54 ? 347 ALA A C   1 
ATOM   342  O O   . ALA A 1 51  ? -9.283  1.454   2.138   1.00 17.98 ? 347 ALA A O   1 
ATOM   343  C CB  . ALA A 1 51  ? -7.125  3.771   1.263   1.00 13.50 ? 347 ALA A CB  1 
ATOM   344  N N   . ASP A 1 52  ? -9.434  3.297   3.406   1.00 16.82 ? 348 ASP A N   1 
ATOM   345  C CA  . ASP A 1 52  ? -9.965  2.584   4.564   1.00 17.75 ? 348 ASP A CA  1 
ATOM   346  C C   . ASP A 1 52  ? -11.370 2.045   4.231   1.00 19.21 ? 348 ASP A C   1 
ATOM   347  O O   . ASP A 1 52  ? -11.657 0.859   4.419   1.00 17.79 ? 348 ASP A O   1 
ATOM   348  C CB  . ASP A 1 52  ? -10.030 3.541   5.761   1.00 14.89 ? 348 ASP A CB  1 
ATOM   349  C CG  . ASP A 1 52  ? -10.615 2.896   7.004   1.00 16.16 ? 348 ASP A CG  1 
ATOM   350  O OD1 . ASP A 1 52  ? -10.497 1.663   7.178   1.00 14.85 ? 348 ASP A OD1 1 
ATOM   351  O OD2 . ASP A 1 52  ? -11.194 3.633   7.817   1.00 17.67 ? 348 ASP A OD2 1 
ATOM   352  N N   . LEU A 1 53  ? -12.229 2.924   3.717   1.00 17.94 ? 349 LEU A N   1 
ATOM   353  C CA  . LEU A 1 53  ? -13.598 2.567   3.359   1.00 21.74 ? 349 LEU A CA  1 
ATOM   354  C C   . LEU A 1 53  ? -13.684 1.498   2.265   1.00 23.67 ? 349 LEU A C   1 
ATOM   355  O O   . LEU A 1 53  ? -14.744 0.922   2.033   1.00 26.00 ? 349 LEU A O   1 
ATOM   356  C CB  . LEU A 1 53  ? -14.367 3.823   2.928   1.00 23.96 ? 349 LEU A CB  1 
ATOM   357  C CG  . LEU A 1 53  ? -14.420 4.986   3.929   1.00 27.19 ? 349 LEU A CG  1 
ATOM   358  C CD1 . LEU A 1 53  ? -15.476 5.983   3.490   1.00 30.00 ? 349 LEU A CD1 1 
ATOM   359  C CD2 . LEU A 1 53  ? -14.730 4.477   5.323   1.00 26.65 ? 349 LEU A CD2 1 
ATOM   360  N N   . SER A 1 54  ? -12.572 1.244   1.584   1.00 25.14 ? 350 SER A N   1 
ATOM   361  C CA  . SER A 1 54  ? -12.532 0.216   0.550   1.00 25.11 ? 350 SER A CA  1 
ATOM   362  C C   . SER A 1 54  ? -12.361 -1.130  1.256   1.00 25.71 ? 350 SER A C   1 
ATOM   363  O O   . SER A 1 54  ? -12.784 -2.177  0.751   1.00 25.29 ? 350 SER A O   1 
ATOM   364  C CB  . SER A 1 54  ? -11.351 0.453   -0.396  1.00 24.46 ? 350 SER A CB  1 
ATOM   365  O OG  . SER A 1 54  ? -10.207 -0.290  0.007   1.00 24.35 ? 350 SER A OG  1 
ATOM   366  N N   . GLY A 1 55  ? -11.738 -1.078  2.433   1.00 24.86 ? 351 GLY A N   1 
ATOM   367  C CA  . GLY A 1 55  ? -11.490 -2.265  3.230   1.00 19.53 ? 351 GLY A CA  1 
ATOM   368  C C   . GLY A 1 55  ? -10.672 -3.313  2.505   1.00 18.94 ? 351 GLY A C   1 
ATOM   369  O O   . GLY A 1 55  ? -10.629 -4.463  2.931   1.00 19.72 ? 351 GLY A O   1 
ATOM   370  N N   . GLU A 1 56  ? -10.009 -2.925  1.418   1.00 17.06 ? 352 GLU A N   1 
ATOM   371  C CA  . GLU A 1 56  ? -9.220  -3.872  0.638   1.00 17.95 ? 352 GLU A CA  1 
ATOM   372  C C   . GLU A 1 56  ? -7.715  -3.627  0.620   1.00 18.97 ? 352 GLU A C   1 
ATOM   373  O O   . GLU A 1 56  ? -6.978  -4.348  -0.051  1.00 17.08 ? 352 GLU A O   1 
ATOM   374  C CB  . GLU A 1 56  ? -9.707  -3.900  -0.805  1.00 19.10 ? 352 GLU A CB  1 
ATOM   375  C CG  . GLU A 1 56  ? -11.112 -4.400  -0.985  1.00 25.17 ? 352 GLU A CG  1 
ATOM   376  C CD  . GLU A 1 56  ? -11.636 -4.098  -2.373  1.00 31.33 ? 352 GLU A CD  1 
ATOM   377  O OE1 . GLU A 1 56  ? -12.163 -2.986  -2.581  1.00 33.99 ? 352 GLU A OE1 1 
ATOM   378  O OE2 . GLU A 1 56  ? -11.517 -4.969  -3.260  1.00 37.15 ? 352 GLU A OE2 1 
ATOM   379  N N   . LEU A 1 57  ? -7.262  -2.606  1.336   1.00 19.39 ? 353 LEU A N   1 
ATOM   380  C CA  . LEU A 1 57  ? -5.838  -2.287  1.389   1.00 17.30 ? 353 LEU A CA  1 
ATOM   381  C C   . LEU A 1 57  ? -5.371  -2.305  2.831   1.00 16.86 ? 353 LEU A C   1 
ATOM   382  O O   . LEU A 1 57  ? -6.168  -2.121  3.748   1.00 18.17 ? 353 LEU A O   1 
ATOM   383  C CB  . LEU A 1 57  ? -5.575  -0.902  0.801   1.00 18.00 ? 353 LEU A CB  1 
ATOM   384  C CG  . LEU A 1 57  ? -5.820  -0.687  -0.694  1.00 15.10 ? 353 LEU A CG  1 
ATOM   385  C CD1 . LEU A 1 57  ? -5.851  0.811   -0.984  1.00 17.34 ? 353 LEU A CD1 1 
ATOM   386  C CD2 . LEU A 1 57  ? -4.722  -1.359  -1.505  1.00 16.66 ? 353 LEU A CD2 1 
ATOM   387  N N   . ARG A 1 58  ? -4.077  -2.519  3.031   1.00 15.49 ? 354 ARG A N   1 
ATOM   388  C CA  . ARG A 1 58  ? -3.516  -2.543  4.373   1.00 15.04 ? 354 ARG A CA  1 
ATOM   389  C C   . ARG A 1 58  ? -2.023  -2.241  4.366   1.00 15.46 ? 354 ARG A C   1 
ATOM   390  O O   . ARG A 1 58  ? -1.355  -2.315  3.329   1.00 12.34 ? 354 ARG A O   1 
ATOM   391  C CB  . ARG A 1 58  ? -3.755  -3.905  5.021   1.00 16.16 ? 354 ARG A CB  1 
ATOM   392  C CG  . ARG A 1 58  ? -2.765  -4.971  4.597   1.00 17.70 ? 354 ARG A CG  1 
ATOM   393  C CD  . ARG A 1 58  ? -2.747  -6.126  5.579   1.00 27.69 ? 354 ARG A CD  1 
ATOM   394  N NE  . ARG A 1 58  ? -4.008  -6.865  5.601   1.00 31.67 ? 354 ARG A NE  1 
ATOM   395  C CZ  . ARG A 1 58  ? -4.655  -7.204  6.714   1.00 37.68 ? 354 ARG A CZ  1 
ATOM   396  N NH1 . ARG A 1 58  ? -4.163  -6.867  7.905   1.00 36.80 ? 354 ARG A NH1 1 
ATOM   397  N NH2 . ARG A 1 58  ? -5.796  -7.880  6.641   1.00 35.54 ? 354 ARG A NH2 1 
ATOM   398  N N   . LYS A 1 59  ? -1.508  -1.888  5.536   1.00 15.40 ? 355 LYS A N   1 
ATOM   399  C CA  . LYS A 1 59  ? -0.093  -1.603  5.688   1.00 15.69 ? 355 LYS A CA  1 
ATOM   400  C C   . LYS A 1 59  ? 0.654   -2.879  5.299   1.00 14.46 ? 355 LYS A C   1 
ATOM   401  O O   . LYS A 1 59  ? 0.237   -3.980  5.670   1.00 13.40 ? 355 LYS A O   1 
ATOM   402  C CB  . LYS A 1 59  ? 0.202   -1.235  7.140   1.00 14.55 ? 355 LYS A CB  1 
ATOM   403  C CG  . LYS A 1 59  ? 1.668   -1.086  7.450   1.00 17.13 ? 355 LYS A CG  1 
ATOM   404  C CD  . LYS A 1 59  ? 1.864   -0.526  8.842   1.00 17.26 ? 355 LYS A CD  1 
ATOM   405  C CE  . LYS A 1 59  ? 2.092   -1.642  9.847   1.00 21.10 ? 355 LYS A CE  1 
ATOM   406  N NZ  . LYS A 1 59  ? 2.835   -1.152  11.050  1.00 26.31 ? 355 LYS A NZ  1 
ATOM   407  N N   . GLY A 1 60  ? 1.745   -2.734  4.552   1.00 12.02 ? 356 GLY A N   1 
ATOM   408  C CA  . GLY A 1 60  ? 2.507   -3.902  4.130   1.00 13.41 ? 356 GLY A CA  1 
ATOM   409  C C   . GLY A 1 60  ? 2.219   -4.278  2.686   1.00 11.90 ? 356 GLY A C   1 
ATOM   410  O O   . GLY A 1 60  ? 2.948   -5.063  2.079   1.00 10.50 ? 356 GLY A O   1 
ATOM   411  N N   . ASP A 1 61  ? 1.143   -3.712  2.141   1.00 11.22 ? 357 ASP A N   1 
ATOM   412  C CA  . ASP A 1 61  ? 0.740   -3.941  0.760   1.00 8.99  ? 357 ASP A CA  1 
ATOM   413  C C   . ASP A 1 61  ? 1.677   -3.169  -0.159  1.00 12.51 ? 357 ASP A C   1 
ATOM   414  O O   . ASP A 1 61  ? 2.010   -2.012  0.115   1.00 11.87 ? 357 ASP A O   1 
ATOM   415  C CB  . ASP A 1 61  ? -0.672  -3.411  0.517   1.00 10.59 ? 357 ASP A CB  1 
ATOM   416  C CG  . ASP A 1 61  ? -1.745  -4.454  0.718   1.00 9.14  ? 357 ASP A CG  1 
ATOM   417  O OD1 . ASP A 1 61  ? -1.438  -5.662  0.718   1.00 8.93  ? 357 ASP A OD1 1 
ATOM   418  O OD2 . ASP A 1 61  ? -2.917  -4.054  0.875   1.00 14.55 ? 357 ASP A OD2 1 
ATOM   419  N N   . GLN A 1 62  ? 2.109   -3.802  -1.241  1.00 14.16 ? 358 GLN A N   1 
ATOM   420  C CA  . GLN A 1 62  ? 2.957   -3.121  -2.204  1.00 13.07 ? 358 GLN A CA  1 
ATOM   421  C C   . GLN A 1 62  ? 2.031   -2.706  -3.334  1.00 12.07 ? 358 GLN A C   1 
ATOM   422  O O   . GLN A 1 62  ? 1.160   -3.478  -3.738  1.00 10.43 ? 358 GLN A O   1 
ATOM   423  C CB  . GLN A 1 62  ? 4.046   -4.042  -2.759  1.00 14.39 ? 358 GLN A CB  1 
ATOM   424  C CG  . GLN A 1 62  ? 4.985   -3.302  -3.720  1.00 19.65 ? 358 GLN A CG  1 
ATOM   425  C CD  . GLN A 1 62  ? 5.925   -4.218  -4.496  1.00 19.32 ? 358 GLN A CD  1 
ATOM   426  O OE1 . GLN A 1 62  ? 5.949   -5.433  -4.295  1.00 13.89 ? 358 GLN A OE1 1 
ATOM   427  N NE2 . GLN A 1 62  ? 6.706   -3.626  -5.390  1.00 16.98 ? 358 GLN A NE2 1 
ATOM   428  N N   . ILE A 1 63  ? 2.197   -1.483  -3.828  1.00 12.70 ? 359 ILE A N   1 
ATOM   429  C CA  . ILE A 1 63  ? 1.368   -1.010  -4.932  1.00 13.71 ? 359 ILE A CA  1 
ATOM   430  C C   . ILE A 1 63  ? 2.086   -1.402  -6.212  1.00 11.02 ? 359 ILE A C   1 
ATOM   431  O O   . ILE A 1 63  ? 3.090   -0.790  -6.576  1.00 13.53 ? 359 ILE A O   1 
ATOM   432  C CB  . ILE A 1 63  ? 1.202   0.527   -4.941  1.00 17.06 ? 359 ILE A CB  1 
ATOM   433  C CG1 . ILE A 1 63  ? 0.837   1.050   -3.540  1.00 15.88 ? 359 ILE A CG1 1 
ATOM   434  C CG2 . ILE A 1 63  ? 0.159   0.910   -5.990  1.00 15.26 ? 359 ILE A CG2 1 
ATOM   435  C CD1 . ILE A 1 63  ? -0.550  0.668   -3.062  1.00 19.25 ? 359 ILE A CD1 1 
ATOM   436  N N   . LEU A 1 64  ? 1.576   -2.426  -6.887  1.00 12.57 ? 360 LEU A N   1 
ATOM   437  C CA  . LEU A 1 64  ? 2.193   -2.900  -8.117  1.00 13.57 ? 360 LEU A CA  1 
ATOM   438  C C   . LEU A 1 64  ? 1.921   -1.958  -9.282  1.00 14.87 ? 360 LEU A C   1 
ATOM   439  O O   . LEU A 1 64  ? 2.754   -1.798  -10.178 1.00 15.90 ? 360 LEU A O   1 
ATOM   440  C CB  . LEU A 1 64  ? 1.690   -4.305  -8.438  1.00 14.94 ? 360 LEU A CB  1 
ATOM   441  C CG  . LEU A 1 64  ? 1.978   -5.359  -7.360  1.00 12.51 ? 360 LEU A CG  1 
ATOM   442  C CD1 . LEU A 1 64  ? 1.854   -6.745  -7.969  1.00 14.64 ? 360 LEU A CD1 1 
ATOM   443  C CD2 . LEU A 1 64  ? 3.371   -5.153  -6.777  1.00 14.94 ? 360 LEU A CD2 1 
ATOM   444  N N   . SER A 1 65  ? 0.756   -1.322  -9.261  1.00 16.97 ? 361 SER A N   1 
ATOM   445  C CA  . SER A 1 65  ? 0.404   -0.387  -10.320 1.00 16.86 ? 361 SER A CA  1 
ATOM   446  C C   . SER A 1 65  ? -0.813  0.450   -9.953  1.00 16.92 ? 361 SER A C   1 
ATOM   447  O O   . SER A 1 65  ? -1.587  0.095   -9.064  1.00 14.15 ? 361 SER A O   1 
ATOM   448  C CB  . SER A 1 65  ? 0.127   -1.142  -11.622 1.00 14.21 ? 361 SER A CB  1 
ATOM   449  O OG  . SER A 1 65  ? -1.121  -1.806  -11.559 1.00 19.61 ? 361 SER A OG  1 
ATOM   450  N N   . VAL A 1 66  ? -0.952  1.575   -10.643 1.00 15.74 ? 362 VAL A N   1 
ATOM   451  C CA  . VAL A 1 66  ? -2.076  2.473   -10.454 1.00 18.66 ? 362 VAL A CA  1 
ATOM   452  C C   . VAL A 1 66  ? -2.622  2.774   -11.850 1.00 18.84 ? 362 VAL A C   1 
ATOM   453  O O   . VAL A 1 66  ? -1.919  3.315   -12.704 1.00 18.08 ? 362 VAL A O   1 
ATOM   454  C CB  . VAL A 1 66  ? -1.653  3.798   -9.743  1.00 19.71 ? 362 VAL A CB  1 
ATOM   455  C CG1 . VAL A 1 66  ? -0.637  4.559   -10.572 1.00 24.01 ? 362 VAL A CG1 1 
ATOM   456  C CG2 . VAL A 1 66  ? -2.876  4.660   -9.499  1.00 22.47 ? 362 VAL A CG2 1 
ATOM   457  N N   . ASN A 1 67  ? -3.870  2.388   -12.090 1.00 18.33 ? 363 ASN A N   1 
ATOM   458  C CA  . ASN A 1 67  ? -4.493  2.619   -13.385 1.00 19.63 ? 363 ASN A CA  1 
ATOM   459  C C   . ASN A 1 67  ? -3.611  2.103   -14.525 1.00 21.40 ? 363 ASN A C   1 
ATOM   460  O O   . ASN A 1 67  ? -3.354  2.813   -15.499 1.00 21.79 ? 363 ASN A O   1 
ATOM   461  C CB  . ASN A 1 67  ? -4.767  4.115   -13.575 1.00 20.86 ? 363 ASN A CB  1 
ATOM   462  C CG  . ASN A 1 67  ? -5.865  4.630   -12.662 1.00 21.20 ? 363 ASN A CG  1 
ATOM   463  O OD1 . ASN A 1 67  ? -6.511  3.859   -11.957 1.00 22.32 ? 363 ASN A OD1 1 
ATOM   464  N ND2 . ASN A 1 67  ? -6.080  5.941   -12.672 1.00 20.10 ? 363 ASN A ND2 1 
ATOM   465  N N   . GLY A 1 68  ? -3.137  0.867   -14.395 1.00 21.91 ? 364 GLY A N   1 
ATOM   466  C CA  . GLY A 1 68  ? -2.308  0.284   -15.436 1.00 20.55 ? 364 GLY A CA  1 
ATOM   467  C C   . GLY A 1 68  ? -0.844  0.683   -15.422 1.00 21.12 ? 364 GLY A C   1 
ATOM   468  O O   . GLY A 1 68  ? -0.015  0.007   -16.032 1.00 21.54 ? 364 GLY A O   1 
ATOM   469  N N   . VAL A 1 69  ? -0.509  1.773   -14.738 1.00 19.93 ? 365 VAL A N   1 
ATOM   470  C CA  . VAL A 1 69  ? 0.881   2.207   -14.676 1.00 19.08 ? 365 VAL A CA  1 
ATOM   471  C C   . VAL A 1 69  ? 1.682   1.395   -13.657 1.00 20.44 ? 365 VAL A C   1 
ATOM   472  O O   . VAL A 1 69  ? 1.422   1.437   -12.452 1.00 18.40 ? 365 VAL A O   1 
ATOM   473  C CB  . VAL A 1 69  ? 0.984   3.697   -14.322 1.00 17.84 ? 365 VAL A CB  1 
ATOM   474  C CG1 . VAL A 1 69  ? 2.427   4.163   -14.451 1.00 15.43 ? 365 VAL A CG1 1 
ATOM   475  C CG2 . VAL A 1 69  ? 0.085   4.498   -15.241 1.00 21.64 ? 365 VAL A CG2 1 
ATOM   476  N N   . ASP A 1 70  ? 2.656   0.651   -14.164 1.00 18.04 ? 366 ASP A N   1 
ATOM   477  C CA  . ASP A 1 70  ? 3.527   -0.188  -13.350 1.00 19.44 ? 366 ASP A CA  1 
ATOM   478  C C   . ASP A 1 70  ? 4.332   0.676   -12.380 1.00 20.23 ? 366 ASP A C   1 
ATOM   479  O O   . ASP A 1 70  ? 5.063   1.579   -12.794 1.00 20.94 ? 366 ASP A O   1 
ATOM   480  C CB  . ASP A 1 70  ? 4.469   -0.968  -14.271 1.00 20.05 ? 366 ASP A CB  1 
ATOM   481  C CG  . ASP A 1 70  ? 5.280   -2.016  -13.540 1.00 20.79 ? 366 ASP A CG  1 
ATOM   482  O OD1 . ASP A 1 70  ? 5.088   -2.189  -12.320 1.00 16.73 ? 366 ASP A OD1 1 
ATOM   483  O OD2 . ASP A 1 70  ? 6.118   -2.671  -14.202 1.00 25.68 ? 366 ASP A OD2 1 
ATOM   484  N N   . LEU A 1 71  ? 4.196   0.402   -11.087 1.00 18.10 ? 367 LEU A N   1 
ATOM   485  C CA  . LEU A 1 71  ? 4.920   1.168   -10.082 1.00 15.06 ? 367 LEU A CA  1 
ATOM   486  C C   . LEU A 1 71  ? 5.955   0.323   -9.351  1.00 15.66 ? 367 LEU A C   1 
ATOM   487  O O   . LEU A 1 71  ? 6.578   0.788   -8.402  1.00 16.78 ? 367 LEU A O   1 
ATOM   488  C CB  . LEU A 1 71  ? 3.942   1.746   -9.062  1.00 17.69 ? 367 LEU A CB  1 
ATOM   489  C CG  . LEU A 1 71  ? 2.959   2.811   -9.550  1.00 18.58 ? 367 LEU A CG  1 
ATOM   490  C CD1 . LEU A 1 71  ? 2.173   3.350   -8.366  1.00 17.30 ? 367 LEU A CD1 1 
ATOM   491  C CD2 . LEU A 1 71  ? 3.718   3.927   -10.252 1.00 16.88 ? 367 LEU A CD2 1 
ATOM   492  N N   . ARG A 1 72  ? 6.147   -0.916  -9.788  1.00 18.04 ? 368 ARG A N   1 
ATOM   493  C CA  . ARG A 1 72  ? 7.098   -1.803  -9.124  1.00 19.28 ? 368 ARG A CA  1 
ATOM   494  C C   . ARG A 1 72  ? 8.488   -1.209  -8.978  1.00 19.39 ? 368 ARG A C   1 
ATOM   495  O O   . ARG A 1 72  ? 9.143   -1.385  -7.948  1.00 20.04 ? 368 ARG A O   1 
ATOM   496  C CB  . ARG A 1 72  ? 7.168   -3.137  -9.859  1.00 17.34 ? 368 ARG A CB  1 
ATOM   497  C CG  . ARG A 1 72  ? 5.996   -4.040  -9.530  1.00 16.27 ? 368 ARG A CG  1 
ATOM   498  C CD  . ARG A 1 72  ? 6.003   -5.296  -10.380 1.00 20.42 ? 368 ARG A CD  1 
ATOM   499  N NE  . ARG A 1 72  ? 6.102   -4.986  -11.801 1.00 18.88 ? 368 ARG A NE  1 
ATOM   500  C CZ  . ARG A 1 72  ? 6.819   -5.689  -12.668 1.00 16.32 ? 368 ARG A CZ  1 
ATOM   501  N NH1 . ARG A 1 72  ? 7.502   -6.748  -12.257 1.00 18.04 ? 368 ARG A NH1 1 
ATOM   502  N NH2 . ARG A 1 72  ? 6.853   -5.331  -13.943 1.00 15.98 ? 368 ARG A NH2 1 
ATOM   503  N N   . ASN A 1 73  ? 8.932   -0.486  -9.997  1.00 20.09 ? 369 ASN A N   1 
ATOM   504  C CA  . ASN A 1 73  ? 10.255  0.126   -9.959  1.00 21.99 ? 369 ASN A CA  1 
ATOM   505  C C   . ASN A 1 73  ? 10.205  1.647   -10.025 1.00 21.05 ? 369 ASN A C   1 
ATOM   506  O O   . ASN A 1 73  ? 11.108  2.291   -10.554 1.00 23.68 ? 369 ASN A O   1 
ATOM   507  C CB  . ASN A 1 73  ? 11.100  -0.430  -11.101 1.00 24.40 ? 369 ASN A CB  1 
ATOM   508  C CG  . ASN A 1 73  ? 11.199  -1.938  -11.051 1.00 26.56 ? 369 ASN A CG  1 
ATOM   509  O OD1 . ASN A 1 73  ? 12.145  -2.490  -10.481 1.00 31.85 ? 369 ASN A OD1 1 
ATOM   510  N ND2 . ASN A 1 73  ? 10.214  -2.619  -11.634 1.00 23.39 ? 369 ASN A ND2 1 
ATOM   511  N N   . ALA A 1 74  ? 9.142   2.217   -9.475  1.00 20.28 ? 370 ALA A N   1 
ATOM   512  C CA  . ALA A 1 74  ? 8.971   3.662   -9.469  1.00 18.65 ? 370 ALA A CA  1 
ATOM   513  C C   . ALA A 1 74  ? 9.830   4.300   -8.383  1.00 17.03 ? 370 ALA A C   1 
ATOM   514  O O   . ALA A 1 74  ? 10.217  3.639   -7.428  1.00 16.36 ? 370 ALA A O   1 
ATOM   515  C CB  . ALA A 1 74  ? 7.512   3.997   -9.230  1.00 14.10 ? 370 ALA A CB  1 
ATOM   516  N N   . SER A 1 75  ? 10.145  5.583   -8.544  1.00 16.37 ? 371 SER A N   1 
ATOM   517  C CA  . SER A 1 75  ? 10.907  6.297   -7.530  1.00 15.12 ? 371 SER A CA  1 
ATOM   518  C C   . SER A 1 75  ? 9.830   6.825   -6.585  1.00 15.55 ? 371 SER A C   1 
ATOM   519  O O   . SER A 1 75  ? 8.647   6.828   -6.929  1.00 16.15 ? 371 SER A O   1 
ATOM   520  C CB  . SER A 1 75  ? 11.684  7.458   -8.145  1.00 16.99 ? 371 SER A CB  1 
ATOM   521  O OG  . SER A 1 75  ? 10.851  8.224   -8.992  1.00 22.49 ? 371 SER A OG  1 
ATOM   522  N N   . HIS A 1 76  ? 10.224  7.270   -5.401  1.00 16.60 ? 372 HIS A N   1 
ATOM   523  C CA  . HIS A 1 76  ? 9.245   7.759   -4.443  1.00 16.83 ? 372 HIS A CA  1 
ATOM   524  C C   . HIS A 1 76  ? 8.326   8.861   -4.954  1.00 19.05 ? 372 HIS A C   1 
ATOM   525  O O   . HIS A 1 76  ? 7.101   8.693   -4.975  1.00 17.13 ? 372 HIS A O   1 
ATOM   526  C CB  . HIS A 1 76  ? 9.932   8.249   -3.168  1.00 18.31 ? 372 HIS A CB  1 
ATOM   527  C CG  . HIS A 1 76  ? 8.971   8.508   -2.050  1.00 16.27 ? 372 HIS A CG  1 
ATOM   528  N ND1 . HIS A 1 76  ? 8.649   7.558   -1.102  1.00 15.35 ? 372 HIS A ND1 1 
ATOM   529  C CD2 . HIS A 1 76  ? 8.238   9.608   -1.736  1.00 16.64 ? 372 HIS A CD2 1 
ATOM   530  C CE1 . HIS A 1 76  ? 7.761   8.053   -0.267  1.00 17.77 ? 372 HIS A CE1 1 
ATOM   531  N NE2 . HIS A 1 76  ? 7.493   9.297   -0.626  1.00 16.13 ? 372 HIS A NE2 1 
ATOM   532  N N   . GLU A 1 77  ? 8.902   9.989   -5.363  1.00 17.98 ? 373 GLU A N   1 
ATOM   533  C CA  . GLU A 1 77  ? 8.088   11.104  -5.831  1.00 21.43 ? 373 GLU A CA  1 
ATOM   534  C C   . GLU A 1 77  ? 7.222   10.784  -7.034  1.00 18.53 ? 373 GLU A C   1 
ATOM   535  O O   . GLU A 1 77  ? 6.044   11.141  -7.048  1.00 22.40 ? 373 GLU A O   1 
ATOM   536  C CB  . GLU A 1 77  ? 8.951   12.335  -6.135  1.00 24.74 ? 373 GLU A CB  1 
ATOM   537  C CG  . GLU A 1 77  ? 8.208   13.654  -5.901  1.00 31.92 ? 373 GLU A CG  1 
ATOM   538  C CD  . GLU A 1 77  ? 8.831   14.847  -6.623  1.00 37.31 ? 373 GLU A CD  1 
ATOM   539  O OE1 . GLU A 1 77  ? 10.048  14.799  -6.918  1.00 43.29 ? 373 GLU A OE1 1 
ATOM   540  O OE2 . GLU A 1 77  ? 8.102   15.835  -6.893  1.00 34.25 ? 373 GLU A OE2 1 
ATOM   541  N N   . GLN A 1 78  ? 7.785   10.117  -8.040  1.00 16.93 ? 374 GLN A N   1 
ATOM   542  C CA  . GLN A 1 78  ? 7.014   9.767   -9.241  1.00 16.67 ? 374 GLN A CA  1 
ATOM   543  C C   . GLN A 1 78  ? 5.813   8.889   -8.853  1.00 14.57 ? 374 GLN A C   1 
ATOM   544  O O   . GLN A 1 78  ? 4.724   9.053   -9.394  1.00 15.06 ? 374 GLN A O   1 
ATOM   545  C CB  . GLN A 1 78  ? 7.889   9.021   -10.268 1.00 18.40 ? 374 GLN A CB  1 
ATOM   546  C CG  . GLN A 1 78  ? 8.431   9.816   -11.476 1.00 15.08 ? 374 GLN A CG  1 
ATOM   547  C CD  . GLN A 1 78  ? 7.790   11.179  -11.700 1.00 19.83 ? 374 GLN A CD  1 
ATOM   548  O OE1 . GLN A 1 78  ? 6.734   11.292  -12.330 1.00 19.49 ? 374 GLN A OE1 1 
ATOM   549  N NE2 . GLN A 1 78  ? 8.443   12.224  -11.205 1.00 19.93 ? 374 GLN A NE2 1 
ATOM   550  N N   . ALA A 1 79  ? 6.018   7.955   -7.924  1.00 14.19 ? 375 ALA A N   1 
ATOM   551  C CA  . ALA A 1 79  ? 4.935   7.083   -7.458  1.00 14.92 ? 375 ALA A CA  1 
ATOM   552  C C   . ALA A 1 79  ? 3.853   7.930   -6.796  1.00 12.85 ? 375 ALA A C   1 
ATOM   553  O O   . ALA A 1 79  ? 2.658   7.719   -7.013  1.00 14.07 ? 375 ALA A O   1 
ATOM   554  C CB  . ALA A 1 79  ? 5.464   6.060   -6.457  1.00 13.41 ? 375 ALA A CB  1 
ATOM   555  N N   . ALA A 1 80  ? 4.286   8.885   -5.975  1.00 17.76 ? 376 ALA A N   1 
ATOM   556  C CA  . ALA A 1 80  ? 3.364   9.780   -5.292  1.00 16.53 ? 376 ALA A CA  1 
ATOM   557  C C   . ALA A 1 80  ? 2.595   10.570  -6.346  1.00 18.32 ? 376 ALA A C   1 
ATOM   558  O O   . ALA A 1 80  ? 1.364   10.654  -6.303  1.00 17.47 ? 376 ALA A O   1 
ATOM   559  C CB  . ALA A 1 80  ? 4.133   10.722  -4.377  1.00 15.46 ? 376 ALA A CB  1 
ATOM   560  N N   . ILE A 1 81  ? 3.328   11.140  -7.299  1.00 17.97 ? 377 ILE A N   1 
ATOM   561  C CA  . ILE A 1 81  ? 2.717   11.914  -8.368  1.00 17.69 ? 377 ILE A CA  1 
ATOM   562  C C   . ILE A 1 81  ? 1.701   11.054  -9.110  1.00 17.01 ? 377 ILE A C   1 
ATOM   563  O O   . ILE A 1 81  ? 0.603   11.511  -9.417  1.00 17.92 ? 377 ILE A O   1 
ATOM   564  C CB  . ILE A 1 81  ? 3.788   12.437  -9.372  1.00 20.00 ? 377 ILE A CB  1 
ATOM   565  C CG1 . ILE A 1 81  ? 4.575   13.592  -8.739  1.00 22.35 ? 377 ILE A CG1 1 
ATOM   566  C CG2 . ILE A 1 81  ? 3.121   12.918  -10.663 1.00 18.02 ? 377 ILE A CG2 1 
ATOM   567  C CD1 . ILE A 1 81  ? 5.889   13.887  -9.432  1.00 22.52 ? 377 ILE A CD1 1 
ATOM   568  N N   . ALA A 1 82  ? 2.061   9.805   -9.391  1.00 14.50 ? 378 ALA A N   1 
ATOM   569  C CA  . ALA A 1 82  ? 1.161   8.906   -10.103 1.00 13.34 ? 378 ALA A CA  1 
ATOM   570  C C   . ALA A 1 82  ? -0.151  8.709   -9.347  1.00 16.03 ? 378 ALA A C   1 
ATOM   571  O O   . ALA A 1 82  ? -1.228  8.763   -9.937  1.00 16.68 ? 378 ALA A O   1 
ATOM   572  C CB  . ALA A 1 82  ? 1.839   7.553   -10.338 1.00 12.33 ? 378 ALA A CB  1 
ATOM   573  N N   . LEU A 1 83  ? -0.059  8.486   -8.040  1.00 17.75 ? 379 LEU A N   1 
ATOM   574  C CA  . LEU A 1 83  ? -1.246  8.278   -7.208  1.00 18.33 ? 379 LEU A CA  1 
ATOM   575  C C   . LEU A 1 83  ? -2.099  9.536   -7.061  1.00 16.28 ? 379 LEU A C   1 
ATOM   576  O O   . LEU A 1 83  ? -3.317  9.497   -7.220  1.00 14.91 ? 379 LEU A O   1 
ATOM   577  C CB  . LEU A 1 83  ? -0.830  7.784   -5.818  1.00 16.79 ? 379 LEU A CB  1 
ATOM   578  C CG  . LEU A 1 83  ? -0.268  6.359   -5.786  1.00 17.42 ? 379 LEU A CG  1 
ATOM   579  C CD1 . LEU A 1 83  ? 0.546   6.162   -4.511  1.00 19.45 ? 379 LEU A CD1 1 
ATOM   580  C CD2 . LEU A 1 83  ? -1.405  5.348   -5.867  1.00 14.08 ? 379 LEU A CD2 1 
ATOM   581  N N   . LYS A 1 84  ? -1.448  10.647  -6.747  1.00 17.24 ? 380 LYS A N   1 
ATOM   582  C CA  . LYS A 1 84  ? -2.142  11.916  -6.560  1.00 19.43 ? 380 LYS A CA  1 
ATOM   583  C C   . LYS A 1 84  ? -2.843  12.380  -7.836  1.00 21.25 ? 380 LYS A C   1 
ATOM   584  O O   . LYS A 1 84  ? -3.907  13.004  -7.790  1.00 19.79 ? 380 LYS A O   1 
ATOM   585  C CB  . LYS A 1 84  ? -1.145  12.991  -6.114  1.00 18.95 ? 380 LYS A CB  1 
ATOM   586  C CG  . LYS A 1 84  ? -0.675  12.856  -4.679  1.00 17.09 ? 380 LYS A CG  1 
ATOM   587  C CD  . LYS A 1 84  ? 0.268   13.983  -4.294  1.00 17.79 ? 380 LYS A CD  1 
ATOM   588  C CE  . LYS A 1 84  ? 0.587   13.945  -2.809  1.00 21.67 ? 380 LYS A CE  1 
ATOM   589  N NZ  . LYS A 1 84  ? 1.595   14.968  -2.429  1.00 23.84 ? 380 LYS A NZ  1 
ATOM   590  N N   . ASN A 1 85  ? -2.244  12.070  -8.978  1.00 20.25 ? 381 ASN A N   1 
ATOM   591  C CA  . ASN A 1 85  ? -2.802  12.491  -10.250 1.00 22.95 ? 381 ASN A CA  1 
ATOM   592  C C   . ASN A 1 85  ? -3.479  11.335  -10.966 1.00 22.49 ? 381 ASN A C   1 
ATOM   593  O O   . ASN A 1 85  ? -3.736  11.402  -12.165 1.00 24.63 ? 381 ASN A O   1 
ATOM   594  C CB  . ASN A 1 85  ? -1.689  13.079  -11.130 1.00 28.19 ? 381 ASN A CB  1 
ATOM   595  C CG  . ASN A 1 85  ? -0.958  14.249  -10.463 1.00 33.23 ? 381 ASN A CG  1 
ATOM   596  O OD1 . ASN A 1 85  ? -1.435  15.382  -10.481 1.00 40.51 ? 381 ASN A OD1 1 
ATOM   597  N ND2 . ASN A 1 85  ? 0.204   13.974  -9.881  1.00 33.48 ? 381 ASN A ND2 1 
ATOM   598  N N   . ALA A 1 86  ? -3.785  10.282  -10.221 1.00 19.98 ? 382 ALA A N   1 
ATOM   599  C CA  . ALA A 1 86  ? -4.408  9.097   -10.791 1.00 21.10 ? 382 ALA A CA  1 
ATOM   600  C C   . ALA A 1 86  ? -5.810  9.320   -11.356 1.00 22.39 ? 382 ALA A C   1 
ATOM   601  O O   . ALA A 1 86  ? -6.253  8.573   -12.230 1.00 25.99 ? 382 ALA A O   1 
ATOM   602  C CB  . ALA A 1 86  ? -4.439  7.979   -9.747  1.00 22.90 ? 382 ALA A CB  1 
ATOM   603  N N   . GLY A 1 87  ? -6.509  10.337  -10.867 1.00 19.21 ? 383 GLY A N   1 
ATOM   604  C CA  . GLY A 1 87  ? -7.852  10.587  -11.353 1.00 19.10 ? 383 GLY A CA  1 
ATOM   605  C C   . GLY A 1 87  ? -8.851  10.251  -10.266 1.00 21.97 ? 383 GLY A C   1 
ATOM   606  O O   . GLY A 1 87  ? -8.455  9.808   -9.189  1.00 21.85 ? 383 GLY A O   1 
ATOM   607  N N   . GLN A 1 88  ? -10.140 10.436  -10.545 1.00 21.68 ? 384 GLN A N   1 
ATOM   608  C CA  . GLN A 1 88  ? -11.183 10.174  -9.552  1.00 21.58 ? 384 GLN A CA  1 
ATOM   609  C C   . GLN A 1 88  ? -11.359 8.703   -9.214  1.00 20.60 ? 384 GLN A C   1 
ATOM   610  O O   . GLN A 1 88  ? -11.584 8.353   -8.057  1.00 21.19 ? 384 GLN A O   1 
ATOM   611  C CB  . GLN A 1 88  ? -12.513 10.770  -10.015 1.00 21.93 ? 384 GLN A CB  1 
ATOM   612  C CG  . GLN A 1 88  ? -12.427 12.264  -10.296 1.00 25.25 ? 384 GLN A CG  1 
ATOM   613  C CD  . GLN A 1 88  ? -13.639 12.793  -11.036 1.00 26.41 ? 384 GLN A CD  1 
ATOM   614  O OE1 . GLN A 1 88  ? -13.789 12.591  -12.242 1.00 26.02 ? 384 GLN A OE1 1 
ATOM   615  N NE2 . GLN A 1 88  ? -14.512 13.480  -10.316 1.00 27.20 ? 384 GLN A NE2 1 
ATOM   616  N N   . THR A 1 89  ? -11.273 7.842   -10.220 1.00 22.30 ? 385 THR A N   1 
ATOM   617  C CA  . THR A 1 89  ? -11.399 6.407   -9.988  1.00 22.46 ? 385 THR A CA  1 
ATOM   618  C C   . THR A 1 89  ? -9.999  5.826   -10.104 1.00 20.94 ? 385 THR A C   1 
ATOM   619  O O   . THR A 1 89  ? -9.389  5.860   -11.173 1.00 21.29 ? 385 THR A O   1 
ATOM   620  C CB  . THR A 1 89  ? -12.320 5.731   -11.024 1.00 24.76 ? 385 THR A CB  1 
ATOM   621  O OG1 . THR A 1 89  ? -13.665 6.196   -10.846 1.00 27.18 ? 385 THR A OG1 1 
ATOM   622  C CG2 . THR A 1 89  ? -12.295 4.216   -10.840 1.00 26.88 ? 385 THR A CG2 1 
ATOM   623  N N   . VAL A 1 90  ? -9.490  5.304   -8.997  1.00 18.51 ? 386 VAL A N   1 
ATOM   624  C CA  . VAL A 1 90  ? -8.148  4.748   -8.962  1.00 18.08 ? 386 VAL A CA  1 
ATOM   625  C C   . VAL A 1 90  ? -8.177  3.232   -8.871  1.00 16.81 ? 386 VAL A C   1 
ATOM   626  O O   . VAL A 1 90  ? -8.749  2.668   -7.942  1.00 16.97 ? 386 VAL A O   1 
ATOM   627  C CB  . VAL A 1 90  ? -7.369  5.321   -7.766  1.00 19.40 ? 386 VAL A CB  1 
ATOM   628  C CG1 . VAL A 1 90  ? -5.877  5.008   -7.894  1.00 17.33 ? 386 VAL A CG1 1 
ATOM   629  C CG2 . VAL A 1 90  ? -7.605  6.826   -7.688  1.00 15.70 ? 386 VAL A CG2 1 
ATOM   630  N N   . THR A 1 91  ? -7.567  2.577   -9.850  1.00 18.64 ? 387 THR A N   1 
ATOM   631  C CA  . THR A 1 91  ? -7.518  1.124   -9.878  1.00 17.76 ? 387 THR A CA  1 
ATOM   632  C C   . THR A 1 91  ? -6.116  0.704   -9.510  1.00 15.44 ? 387 THR A C   1 
ATOM   633  O O   . THR A 1 91  ? -5.175  0.889   -10.283 1.00 16.90 ? 387 THR A O   1 
ATOM   634  C CB  . THR A 1 91  ? -7.843  0.568   -11.263 1.00 20.50 ? 387 THR A CB  1 
ATOM   635  O OG1 . THR A 1 91  ? -9.214  0.840   -11.569 1.00 21.95 ? 387 THR A OG1 1 
ATOM   636  C CG2 . THR A 1 91  ? -7.619  -0.939  -11.290 1.00 20.44 ? 387 THR A CG2 1 
ATOM   637  N N   . ILE A 1 92  ? -5.985  0.139   -8.318  1.00 15.85 ? 388 ILE A N   1 
ATOM   638  C CA  . ILE A 1 92  ? -4.693  -0.290  -7.827  1.00 16.22 ? 388 ILE A CA  1 
ATOM   639  C C   . ILE A 1 92  ? -4.574  -1.809  -7.837  1.00 14.15 ? 388 ILE A C   1 
ATOM   640  O O   . ILE A 1 92  ? -5.539  -2.519  -7.546  1.00 13.01 ? 388 ILE A O   1 
ATOM   641  C CB  . ILE A 1 92  ? -4.470  0.205   -6.371  1.00 16.29 ? 388 ILE A CB  1 
ATOM   642  C CG1 . ILE A 1 92  ? -4.343  1.733   -6.344  1.00 16.12 ? 388 ILE A CG1 1 
ATOM   643  C CG2 . ILE A 1 92  ? -3.222  -0.446  -5.777  1.00 17.93 ? 388 ILE A CG2 1 
ATOM   644  C CD1 . ILE A 1 92  ? -4.583  2.352   -4.984  1.00 18.45 ? 388 ILE A CD1 1 
ATOM   645  N N   . ILE A 1 93  ? -3.400  -2.301  -8.213  1.00 15.09 ? 389 ILE A N   1 
ATOM   646  C CA  . ILE A 1 93  ? -3.131  -3.730  -8.160  1.00 13.34 ? 389 ILE A CA  1 
ATOM   647  C C   . ILE A 1 93  ? -2.154  -3.747  -7.004  1.00 13.24 ? 389 ILE A C   1 
ATOM   648  O O   . ILE A 1 93  ? -1.074  -3.158  -7.091  1.00 12.58 ? 389 ILE A O   1 
ATOM   649  C CB  . ILE A 1 93  ? -2.405  -4.272  -9.391  1.00 14.96 ? 389 ILE A CB  1 
ATOM   650  C CG1 . ILE A 1 93  ? -3.281  -4.134  -10.641 1.00 18.00 ? 389 ILE A CG1 1 
ATOM   651  C CG2 . ILE A 1 93  ? -2.043  -5.736  -9.144  1.00 13.70 ? 389 ILE A CG2 1 
ATOM   652  C CD1 . ILE A 1 93  ? -4.743  -4.491  -10.440 1.00 17.52 ? 389 ILE A CD1 1 
ATOM   653  N N   . ALA A 1 94  ? -2.549  -4.392  -5.914  1.00 14.18 ? 390 ALA A N   1 
ATOM   654  C CA  . ALA A 1 94  ? -1.721  -4.446  -4.721  1.00 12.59 ? 390 ALA A CA  1 
ATOM   655  C C   . ALA A 1 94  ? -1.357  -5.877  -4.359  1.00 12.43 ? 390 ALA A C   1 
ATOM   656  O O   . ALA A 1 94  ? -2.057  -6.828  -4.726  1.00 11.61 ? 390 ALA A O   1 
ATOM   657  C CB  . ALA A 1 94  ? -2.460  -3.775  -3.559  1.00 11.49 ? 390 ALA A CB  1 
ATOM   658  N N   . GLN A 1 95  ? -0.249  -6.024  -3.644  1.00 9.27  ? 391 GLN A N   1 
ATOM   659  C CA  . GLN A 1 95  ? 0.205   -7.336  -3.210  1.00 11.96 ? 391 GLN A CA  1 
ATOM   660  C C   . GLN A 1 95  ? 0.880   -7.250  -1.851  1.00 9.52  ? 391 GLN A C   1 
ATOM   661  O O   . GLN A 1 95  ? 1.838   -6.501  -1.665  1.00 10.34 ? 391 GLN A O   1 
ATOM   662  C CB  . GLN A 1 95  ? 1.169   -7.945  -4.226  1.00 12.97 ? 391 GLN A CB  1 
ATOM   663  C CG  . GLN A 1 95  ? 1.539   -9.381  -3.901  1.00 13.55 ? 391 GLN A CG  1 
ATOM   664  C CD  . GLN A 1 95  ? 2.240   -10.062 -5.043  1.00 16.50 ? 391 GLN A CD  1 
ATOM   665  O OE1 . GLN A 1 95  ? 2.884   -9.411  -5.862  1.00 17.42 ? 391 GLN A OE1 1 
ATOM   666  N NE2 . GLN A 1 95  ? 2.120   -11.380 -5.108  1.00 12.40 ? 391 GLN A NE2 1 
ATOM   667  N N   . TYR A 1 96  ? 0.366   -8.028  -0.908  1.00 12.70 ? 392 TYR A N   1 
ATOM   668  C CA  . TYR A 1 96  ? 0.884   -8.067  0.454   1.00 12.30 ? 392 TYR A CA  1 
ATOM   669  C C   . TYR A 1 96  ? 2.307   -8.642  0.516   1.00 13.62 ? 392 TYR A C   1 
ATOM   670  O O   . TYR A 1 96  ? 2.532   -9.799  0.161   1.00 13.47 ? 392 TYR A O   1 
ATOM   671  C CB  . TYR A 1 96  ? -0.068  -8.902  1.320   1.00 11.65 ? 392 TYR A CB  1 
ATOM   672  C CG  . TYR A 1 96  ? 0.141   -8.775  2.814   1.00 11.87 ? 392 TYR A CG  1 
ATOM   673  C CD1 . TYR A 1 96  ? 0.152   -7.524  3.438   1.00 7.90  ? 392 TYR A CD1 1 
ATOM   674  C CD2 . TYR A 1 96  ? 0.326   -9.910  3.605   1.00 10.28 ? 392 TYR A CD2 1 
ATOM   675  C CE1 . TYR A 1 96  ? 0.342   -7.404  4.816   1.00 9.85  ? 392 TYR A CE1 1 
ATOM   676  C CE2 . TYR A 1 96  ? 0.517   -9.803  4.985   1.00 15.33 ? 392 TYR A CE2 1 
ATOM   677  C CZ  . TYR A 1 96  ? 0.525   -8.548  5.586   1.00 12.50 ? 392 TYR A CZ  1 
ATOM   678  O OH  . TYR A 1 96  ? 0.711   -8.443  6.944   1.00 9.23  ? 392 TYR A OH  1 
ATOM   679  N N   . LYS A 1 97  ? 3.257   -7.820  0.965   1.00 15.18 ? 393 LYS A N   1 
ATOM   680  C CA  . LYS A 1 97  ? 4.669   -8.212  1.095   1.00 15.95 ? 393 LYS A CA  1 
ATOM   681  C C   . LYS A 1 97  ? 5.168   -7.719  2.459   1.00 15.07 ? 393 LYS A C   1 
ATOM   682  O O   . LYS A 1 97  ? 5.995   -6.806  2.547   1.00 12.39 ? 393 LYS A O   1 
ATOM   683  C CB  . LYS A 1 97  ? 5.495   -7.571  -0.020  1.00 18.44 ? 393 LYS A CB  1 
ATOM   684  C CG  . LYS A 1 97  ? 5.009   -7.912  -1.417  1.00 20.96 ? 393 LYS A CG  1 
ATOM   685  C CD  . LYS A 1 97  ? 5.892   -8.956  -2.066  1.00 28.78 ? 393 LYS A CD  1 
ATOM   686  C CE  . LYS A 1 97  ? 5.079   -9.903  -2.928  1.00 34.26 ? 393 LYS A CE  1 
ATOM   687  N NZ  . LYS A 1 97  ? 5.936   -10.930 -3.584  1.00 37.08 ? 393 LYS A NZ  1 
ATOM   688  N N   . PRO A 1 98  ? 4.688   -8.354  3.543   1.00 14.37 ? 394 PRO A N   1 
ATOM   689  C CA  . PRO A 1 98  ? 5.050   -7.992  4.918   1.00 13.05 ? 394 PRO A CA  1 
ATOM   690  C C   . PRO A 1 98  ? 6.533   -8.063  5.247   1.00 13.77 ? 394 PRO A C   1 
ATOM   691  O O   . PRO A 1 98  ? 7.048   -7.222  5.990   1.00 13.41 ? 394 PRO A O   1 
ATOM   692  C CB  . PRO A 1 98  ? 4.220   -8.944  5.776   1.00 12.39 ? 394 PRO A CB  1 
ATOM   693  C CG  . PRO A 1 98  ? 3.922   -10.103 4.880   1.00 11.98 ? 394 PRO A CG  1 
ATOM   694  C CD  . PRO A 1 98  ? 3.794   -9.523  3.499   1.00 13.50 ? 394 PRO A CD  1 
ATOM   695  N N   . GLU A 1 99  ? 7.223   -9.061  4.711   1.00 12.42 ? 395 GLU A N   1 
ATOM   696  C CA  . GLU A 1 99  ? 8.641   -9.215  4.970   1.00 13.21 ? 395 GLU A CA  1 
ATOM   697  C C   . GLU A 1 99  ? 9.375   -8.034  4.402   1.00 12.93 ? 395 GLU A C   1 
ATOM   698  O O   . GLU A 1 99  ? 10.243  -7.427  5.050   1.00 13.95 ? 395 GLU A O   1 
ATOM   699  C CB  . GLU A 1 99  ? 9.150   -10.512 4.340   1.00 12.18 ? 395 GLU A CB  1 
ATOM   700  C CG  . GLU A 1 99  ? 8.641   -11.774 5.039   1.00 16.36 ? 395 GLU A CG  1 
ATOM   701  C CD  . GLU A 1 99  ? 7.219   -12.154 4.639   1.00 15.74 ? 395 GLU A CD  1 
ATOM   702  O OE1 . GLU A 1 99  ? 6.796   -11.822 3.508   1.00 16.33 ? 395 GLU A OE1 1 
ATOM   703  O OE2 . GLU A 1 99  ? 6.521   -12.788 5.459   1.00 17.62 ? 395 GLU A OE2 1 
ATOM   704  N N   . GLU A 1 100 ? 9.035   -7.685  3.170   1.00 13.51 ? 396 GLU A N   1 
ATOM   705  C CA  . GLU A 1 100 ? 9.676   -6.548  2.519   1.00 16.35 ? 396 GLU A CA  1 
ATOM   706  C C   . GLU A 1 100 ? 9.314   -5.264  3.271   1.00 14.55 ? 396 GLU A C   1 
ATOM   707  O O   . GLU A 1 100 ? 10.168  -4.434  3.533   1.00 13.58 ? 396 GLU A O   1 
ATOM   708  C CB  . GLU A 1 100 ? 9.225   -6.453  1.062   1.00 20.90 ? 396 GLU A CB  1 
ATOM   709  C CG  . GLU A 1 100 ? 10.129  -7.205  0.075   1.00 30.27 ? 396 GLU A CG  1 
ATOM   710  C CD  . GLU A 1 100 ? 9.637   -8.607  -0.163  1.00 33.53 ? 396 GLU A CD  1 
ATOM   711  O OE1 . GLU A 1 100 ? 9.090   -9.191  0.799   1.00 37.46 ? 396 GLU A OE1 1 
ATOM   712  O OE2 . GLU A 1 100 ? 9.783   -9.130  -1.297  1.00 39.13 ? 396 GLU A OE2 1 
ATOM   713  N N   . TYR A 1 101 ? 8.037   -5.124  3.622   1.00 13.32 ? 397 TYR A N   1 
ATOM   714  C CA  . TYR A 1 101 ? 7.623   -3.926  4.317   1.00 12.63 ? 397 TYR A CA  1 
ATOM   715  C C   . TYR A 1 101 ? 8.289   -3.757  5.692   1.00 14.22 ? 397 TYR A C   1 
ATOM   716  O O   . TYR A 1 101 ? 8.759   -2.665  6.086   1.00 13.62 ? 397 TYR A O   1 
ATOM   717  C CB  . TYR A 1 101 ? 6.080   -3.913  4.497   1.00 13.10 ? 397 TYR A CB  1 
ATOM   718  C CG  . TYR A 1 101 ? 5.672   -2.771  5.381   1.00 12.19 ? 397 TYR A CG  1 
ATOM   719  C CD1 . TYR A 1 101 ? 5.505   -1.508  4.842   1.00 11.51 ? 397 TYR A CD1 1 
ATOM   720  C CD2 . TYR A 1 101 ? 5.598   -2.932  6.765   1.00 11.14 ? 397 TYR A CD2 1 
ATOM   721  C CE1 . TYR A 1 101 ? 5.287   -0.414  5.648   1.00 10.42 ? 397 TYR A CE1 1 
ATOM   722  C CE2 . TYR A 1 101 ? 5.381   -1.834  7.596   1.00 9.41  ? 397 TYR A CE2 1 
ATOM   723  C CZ  . TYR A 1 101 ? 5.233   -0.567  7.028   1.00 11.58 ? 397 TYR A CZ  1 
ATOM   724  O OH  . TYR A 1 101 ? 5.123   0.542   7.846   1.00 10.45 ? 397 TYR A OH  1 
ATOM   725  N N   . SER A 1 102 ? 8.346   -4.849  6.440   1.00 15.84 ? 398 SER A N   1 
ATOM   726  C CA  . SER A 1 102 ? 8.890   -4.819  7.767   1.00 18.02 ? 398 SER A CA  1 
ATOM   727  C C   . SER A 1 102 ? 10.251  -4.164  7.847   1.00 18.51 ? 398 SER A C   1 
ATOM   728  O O   . SER A 1 102 ? 10.633  -3.696  8.907   1.00 16.85 ? 398 SER A O   1 
ATOM   729  C CB  . SER A 1 102 ? 8.946   -6.228  8.333   1.00 19.34 ? 398 SER A CB  1 
ATOM   730  O OG  . SER A 1 102 ? 10.054  -6.943  7.833   1.00 21.21 ? 398 SER A OG  1 
ATOM   731  N N   . ARG A 1 103 ? 10.963  -4.112  6.722   1.00 18.46 ? 399 ARG A N   1 
ATOM   732  C CA  . ARG A 1 103 ? 12.304  -3.517  6.671   1.00 18.28 ? 399 ARG A CA  1 
ATOM   733  C C   . ARG A 1 103 ? 12.305  -2.008  6.937   1.00 17.10 ? 399 ARG A C   1 
ATOM   734  O O   . ARG A 1 103 ? 13.295  -1.442  7.396   1.00 15.58 ? 399 ARG A O   1 
ATOM   735  C CB  . ARG A 1 103 ? 12.922  -3.818  5.299   1.00 24.35 ? 399 ARG A CB  1 
ATOM   736  C CG  . ARG A 1 103 ? 14.237  -3.106  4.984   1.00 39.21 ? 399 ARG A CG  1 
ATOM   737  C CD  . ARG A 1 103 ? 14.686  -3.405  3.545   1.00 44.65 ? 399 ARG A CD  1 
ATOM   738  N NE  . ARG A 1 103 ? 14.217  -4.709  3.067   1.00 49.22 ? 399 ARG A NE  1 
ATOM   739  C CZ  . ARG A 1 103 ? 14.791  -5.400  2.085   1.00 50.38 ? 399 ARG A CZ  1 
ATOM   740  N NH1 . ARG A 1 103 ? 15.862  -4.916  1.469   1.00 51.81 ? 399 ARG A NH1 1 
ATOM   741  N NH2 . ARG A 1 103 ? 14.291  -6.574  1.719   1.00 50.24 ? 399 ARG A NH2 1 
ATOM   742  N N   . PHE A 1 104 ? 11.175  -1.369  6.650   1.00 16.09 ? 400 PHE A N   1 
ATOM   743  C CA  . PHE A 1 104 ? 11.018  0.077   6.813   1.00 15.06 ? 400 PHE A CA  1 
ATOM   744  C C   . PHE A 1 104 ? 10.702  0.560   8.229   1.00 13.24 ? 400 PHE A C   1 
ATOM   745  O O   . PHE A 1 104 ? 11.265  1.542   8.705   1.00 12.67 ? 400 PHE A O   1 
ATOM   746  C CB  . PHE A 1 104 ? 9.899   0.572   5.897   1.00 13.28 ? 400 PHE A CB  1 
ATOM   747  C CG  . PHE A 1 104 ? 10.170  0.376   4.439   1.00 17.73 ? 400 PHE A CG  1 
ATOM   748  C CD1 . PHE A 1 104 ? 10.925  1.305   3.729   1.00 17.23 ? 400 PHE A CD1 1 
ATOM   749  C CD2 . PHE A 1 104 ? 9.615   -0.702  3.756   1.00 16.45 ? 400 PHE A CD2 1 
ATOM   750  C CE1 . PHE A 1 104 ? 11.122  1.157   2.360   1.00 21.49 ? 400 PHE A CE1 1 
ATOM   751  C CE2 . PHE A 1 104 ? 9.806   -0.854  2.395   1.00 18.77 ? 400 PHE A CE2 1 
ATOM   752  C CZ  . PHE A 1 104 ? 10.557  0.078   1.694   1.00 19.72 ? 400 PHE A CZ  1 
ATOM   753  N N   . GLU A 1 105 ? 9.772   -0.122  8.882   1.00 11.24 ? 401 GLU A N   1 
ATOM   754  C CA  . GLU A 1 105 ? 9.347   0.256   10.220  1.00 13.81 ? 401 GLU A CA  1 
ATOM   755  C C   . GLU A 1 105 ? 10.201  -0.379  11.309  1.00 14.14 ? 401 GLU A C   1 
ATOM   756  O O   . GLU A 1 105 ? 10.454  -1.586  11.314  1.00 13.96 ? 401 GLU A O   1 
ATOM   757  C CB  . GLU A 1 105 ? 7.870   -0.113  10.412  1.00 11.46 ? 401 GLU A CB  1 
ATOM   758  C CG  . GLU A 1 105 ? 7.144   0.722   11.445  1.00 10.71 ? 401 GLU A CG  1 
ATOM   759  C CD  . GLU A 1 105 ? 5.650   0.448   11.496  1.00 11.25 ? 401 GLU A CD  1 
ATOM   760  O OE1 . GLU A 1 105 ? 5.078   -0.034  10.496  1.00 10.46 ? 401 GLU A OE1 1 
ATOM   761  O OE2 . GLU A 1 105 ? 5.040   0.719   12.549  1.00 16.29 ? 401 GLU A OE2 1 
ATOM   762  N N   . ALA A 1 106 ? 10.643  0.455   12.240  1.00 14.30 ? 402 ALA A N   1 
ATOM   763  C CA  . ALA A 1 106 ? 11.477  -0.002  13.335  1.00 14.68 ? 402 ALA A CA  1 
ATOM   764  C C   . ALA A 1 106 ? 10.792  -1.073  14.182  1.00 16.15 ? 402 ALA A C   1 
ATOM   765  O O   . ALA A 1 106 ? 9.580   -1.038  14.373  1.00 14.59 ? 402 ALA A O   1 
ATOM   766  C CB  . ALA A 1 106 ? 11.858  1.184   14.205  1.00 14.76 ? 402 ALA A CB  1 
ATOM   767  N N   . ASN A 1 107 ? 11.580  -2.029  14.672  1.00 16.25 ? 403 ASN A N   1 
ATOM   768  C CA  . ASN A 1 107 ? 11.079  -3.092  15.539  1.00 18.84 ? 403 ASN A CA  1 
ATOM   769  C C   . ASN A 1 107 ? 9.877   -3.870  15.001  1.00 18.20 ? 403 ASN A C   1 
ATOM   770  O O   . ASN A 1 107 ? 9.048   -4.356  15.777  1.00 15.97 ? 403 ASN A O   1 
ATOM   771  C CB  . ASN A 1 107 ? 10.728  -2.498  16.909  1.00 23.43 ? 403 ASN A CB  1 
ATOM   772  C CG  . ASN A 1 107 ? 11.932  -1.867  17.600  1.00 26.76 ? 403 ASN A CG  1 
ATOM   773  O OD1 . ASN A 1 107 ? 13.038  -2.414  17.575  1.00 28.55 ? 403 ASN A OD1 1 
ATOM   774  N ND2 . ASN A 1 107 ? 11.722  -0.710  18.219  1.00 30.74 ? 403 ASN A ND2 1 
ATOM   775  N N   . SER A 1 108 ? 9.783   -4.004  13.682  1.00 16.63 ? 404 SER A N   1 
ATOM   776  C CA  . SER A 1 108 ? 8.660   -4.725  13.102  1.00 19.01 ? 404 SER A CA  1 
ATOM   777  C C   . SER A 1 108 ? 9.070   -6.057  12.478  1.00 18.92 ? 404 SER A C   1 
ATOM   778  O O   . SER A 1 108 ? 10.168  -6.202  11.929  1.00 22.13 ? 404 SER A O   1 
ATOM   779  C CB  . SER A 1 108 ? 7.947   -3.848  12.072  1.00 19.38 ? 404 SER A CB  1 
ATOM   780  O OG  . SER A 1 108 ? 8.771   -3.623  10.949  1.00 31.43 ? 404 SER A OG  1 
ATOM   781  N N   . ARG A 1 109 ? 8.174   -7.033  12.574  1.00 15.77 ? 405 ARG A N   1 
ATOM   782  C CA  . ARG A 1 109 ? 8.425   -8.365  12.049  1.00 14.83 ? 405 ARG A CA  1 
ATOM   783  C C   . ARG A 1 109 ? 7.105   -8.953  11.576  1.00 12.60 ? 405 ARG A C   1 
ATOM   784  O O   . ARG A 1 109 ? 6.060   -8.320  11.687  1.00 15.26 ? 405 ARG A O   1 
ATOM   785  C CB  . ARG A 1 109 ? 9.035   -9.243  13.146  1.00 15.18 ? 405 ARG A CB  1 
ATOM   786  C CG  . ARG A 1 109 ? 8.207   -9.245  14.415  1.00 10.83 ? 405 ARG A CG  1 
ATOM   787  C CD  . ARG A 1 109 ? 8.904   -9.911  15.587  1.00 16.55 ? 405 ARG A CD  1 
ATOM   788  N NE  . ARG A 1 109 ? 8.051   -9.809  16.765  1.00 18.96 ? 405 ARG A NE  1 
ATOM   789  C CZ  . ARG A 1 109 ? 7.068   -10.654 17.061  1.00 14.77 ? 405 ARG A CZ  1 
ATOM   790  N NH1 . ARG A 1 109 ? 6.804   -11.684 16.269  1.00 14.50 ? 405 ARG A NH1 1 
ATOM   791  N NH2 . ARG A 1 109 ? 6.317   -10.432 18.130  1.00 15.63 ? 405 ARG A NH2 1 
ATOM   792  N N   . VAL A 1 110 ? 7.161   -10.172 11.059  1.00 13.51 ? 406 VAL A N   1 
ATOM   793  C CA  . VAL A 1 110 ? 5.982   -10.846 10.543  1.00 15.62 ? 406 VAL A CA  1 
ATOM   794  C C   . VAL A 1 110 ? 5.700   -12.087 11.370  1.00 17.09 ? 406 VAL A C   1 
ATOM   795  O O   . VAL A 1 110 ? 6.621   -12.834 11.679  1.00 20.71 ? 406 VAL A O   1 
ATOM   796  C CB  . VAL A 1 110 ? 6.206   -11.276 9.070   1.00 14.78 ? 406 VAL A CB  1 
ATOM   797  C CG1 . VAL A 1 110 ? 4.926   -11.823 8.481   1.00 15.04 ? 406 VAL A CG1 1 
ATOM   798  C CG2 . VAL A 1 110 ? 6.703   -10.088 8.247   1.00 17.63 ? 406 VAL A CG2 1 
ATOM   799  N N   . ASN A 1 111 ? 4.441   -12.312 11.737  1.00 20.32 ? 407 ASN A N   1 
ATOM   800  C CA  . ASN A 1 111 ? 4.116   -13.509 12.508  1.00 21.46 ? 407 ASN A CA  1 
ATOM   801  C C   . ASN A 1 111 ? 3.689   -14.647 11.579  1.00 20.01 ? 407 ASN A C   1 
ATOM   802  O O   . ASN A 1 111 ? 3.636   -14.472 10.360  1.00 13.53 ? 407 ASN A O   1 
ATOM   803  C CB  . ASN A 1 111 ? 3.049   -13.212 13.578  1.00 23.37 ? 407 ASN A CB  1 
ATOM   804  C CG  . ASN A 1 111 ? 1.666   -12.990 13.001  1.00 22.24 ? 407 ASN A CG  1 
ATOM   805  O OD1 . ASN A 1 111 ? 1.415   -13.266 11.834  1.00 25.61 ? 407 ASN A OD1 1 
ATOM   806  N ND2 . ASN A 1 111 ? 0.755   -12.490 13.833  1.00 16.39 ? 407 ASN A ND2 1 
ATOM   807  N N   . SER A 1 112 ? 3.403   -15.810 12.157  1.00 21.75 ? 408 SER A N   1 
ATOM   808  C CA  . SER A 1 112 ? 3.032   -16.989 11.379  1.00 27.37 ? 408 SER A CA  1 
ATOM   809  C C   . SER A 1 112 ? 1.847   -16.843 10.427  1.00 29.33 ? 408 SER A C   1 
ATOM   810  O O   . SER A 1 112 ? 1.737   -17.598 9.459   1.00 31.93 ? 408 SER A O   1 
ATOM   811  C CB  . SER A 1 112 ? 2.799   -18.184 12.313  1.00 28.13 ? 408 SER A CB  1 
ATOM   812  O OG  . SER A 1 112 ? 1.846   -17.883 13.318  1.00 35.98 ? 408 SER A OG  1 
ATOM   813  N N   . SER A 1 113 ? 0.963   -15.885 10.684  1.00 28.27 ? 409 SER A N   1 
ATOM   814  C CA  . SER A 1 113 ? -0.191  -15.686 9.809   1.00 25.64 ? 409 SER A CA  1 
ATOM   815  C C   . SER A 1 113 ? 0.101   -14.607 8.768   1.00 24.67 ? 409 SER A C   1 
ATOM   816  O O   . SER A 1 113 ? -0.736  -14.310 7.908   1.00 24.19 ? 409 SER A O   1 
ATOM   817  C CB  . SER A 1 113 ? -1.417  -15.294 10.634  1.00 26.42 ? 409 SER A CB  1 
ATOM   818  O OG  . SER A 1 113 ? -1.266  -13.998 11.171  1.00 29.84 ? 409 SER A OG  1 
ATOM   819  N N   . GLY A 1 114 ? 1.296   -14.030 8.849   1.00 21.88 ? 410 GLY A N   1 
ATOM   820  C CA  . GLY A 1 114 ? 1.685   -12.989 7.915   1.00 19.30 ? 410 GLY A CA  1 
ATOM   821  C C   . GLY A 1 114 ? 1.455   -11.583 8.438   1.00 19.61 ? 410 GLY A C   1 
ATOM   822  O O   . GLY A 1 114 ? 1.763   -10.604 7.756   1.00 17.46 ? 410 GLY A O   1 
ATOM   823  N N   . ARG A 1 115 ? 0.917   -11.476 9.651   1.00 17.97 ? 411 ARG A N   1 
ATOM   824  C CA  . ARG A 1 115 ? 0.646   -10.176 10.242  1.00 20.09 ? 411 ARG A CA  1 
ATOM   825  C C   . ARG A 1 115 ? 1.925   -9.441  10.624  1.00 19.61 ? 411 ARG A C   1 
ATOM   826  O O   . ARG A 1 115 ? 2.862   -10.030 11.171  1.00 17.97 ? 411 ARG A O   1 
ATOM   827  C CB  . ARG A 1 115 ? -0.240  -10.315 11.489  1.00 22.60 ? 411 ARG A CB  1 
ATOM   828  C CG  . ARG A 1 115 ? -1.496  -11.148 11.301  1.00 29.92 ? 411 ARG A CG  1 
ATOM   829  C CD  . ARG A 1 115 ? -2.668  -10.291 10.880  1.00 33.36 ? 411 ARG A CD  1 
ATOM   830  N NE  . ARG A 1 115 ? -3.930  -11.031 10.805  1.00 37.26 ? 411 ARG A NE  1 
ATOM   831  C CZ  . ARG A 1 115 ? -4.085  -12.220 10.230  1.00 38.56 ? 411 ARG A CZ  1 
ATOM   832  N NH1 . ARG A 1 115 ? -3.057  -12.839 9.667   1.00 40.34 ? 411 ARG A NH1 1 
ATOM   833  N NH2 . ARG A 1 115 ? -5.282  -12.786 10.193  1.00 42.33 ? 411 ARG A NH2 1 
ATOM   834  N N   . ILE A 1 116 ? 1.949   -8.146  10.324  1.00 16.85 ? 412 ILE A N   1 
ATOM   835  C CA  . ILE A 1 116 ? 3.077   -7.293  10.651  1.00 16.71 ? 412 ILE A CA  1 
ATOM   836  C C   . ILE A 1 116 ? 2.936   -6.878  12.116  1.00 18.41 ? 412 ILE A C   1 
ATOM   837  O O   . ILE A 1 116 ? 1.993   -6.173  12.492  1.00 16.39 ? 412 ILE A O   1 
ATOM   838  C CB  . ILE A 1 116 ? 3.094   -6.027  9.776   1.00 16.26 ? 412 ILE A CB  1 
ATOM   839  C CG1 . ILE A 1 116 ? 3.375   -6.409  8.323   1.00 15.09 ? 412 ILE A CG1 1 
ATOM   840  C CG2 . ILE A 1 116 ? 4.136   -5.046  10.300  1.00 16.38 ? 412 ILE A CG2 1 
ATOM   841  C CD1 . ILE A 1 116 ? 3.068   -5.309  7.333   1.00 16.07 ? 412 ILE A CD1 1 
ATOM   842  N N   . VAL A 1 117 ? 3.879   -7.326  12.935  1.00 19.60 ? 413 VAL A N   1 
ATOM   843  C CA  . VAL A 1 117 ? 3.884   -7.025  14.360  1.00 18.33 ? 413 VAL A CA  1 
ATOM   844  C C   . VAL A 1 117 ? 5.029   -6.081  14.678  1.00 17.29 ? 413 VAL A C   1 
ATOM   845  O O   . VAL A 1 117 ? 6.147   -6.249  14.191  1.00 17.18 ? 413 VAL A O   1 
ATOM   846  C CB  . VAL A 1 117 ? 4.076   -8.305  15.194  1.00 17.65 ? 413 VAL A CB  1 
ATOM   847  C CG1 . VAL A 1 117 ? 4.197   -7.958  16.672  1.00 23.12 ? 413 VAL A CG1 1 
ATOM   848  C CG2 . VAL A 1 117 ? 2.914   -9.255  14.955  1.00 21.24 ? 413 VAL A CG2 1 
ATOM   849  N N   . THR A 1 118 ? 4.750   -5.085  15.499  1.00 17.15 ? 414 THR A N   1 
ATOM   850  C CA  . THR A 1 118 ? 5.780   -4.134  15.883  1.00 19.72 ? 414 THR A CA  1 
ATOM   851  C C   . THR A 1 118 ? 5.985   -4.231  17.390  1.00 21.06 ? 414 THR A C   1 
ATOM   852  O O   . THR A 1 118 ? 5.021   -4.188  18.149  1.00 23.01 ? 414 THR A O   1 
ATOM   853  C CB  . THR A 1 118 ? 5.368   -2.699  15.510  1.00 19.18 ? 414 THR A CB  1 
ATOM   854  O OG1 . THR A 1 118 ? 5.257   -2.592  14.085  1.00 21.54 ? 414 THR A OG1 1 
ATOM   855  C CG2 . THR A 1 118 ? 6.393   -1.697  16.013  1.00 15.41 ? 414 THR A CG2 1 
ATOM   856  N N   . ASN A 1 119 ? 7.238   -4.365  17.819  1.00 24.05 ? 415 ASN A N   1 
ATOM   857  C CA  . ASN A 1 119 ? 7.554   -4.477  19.242  1.00 27.29 ? 415 ASN A CA  1 
ATOM   858  C C   . ASN A 1 119 ? 7.999   -3.154  19.873  1.00 29.84 ? 415 ASN A C   1 
ATOM   859  O O   . ASN A 1 119 ? 8.104   -2.143  19.148  1.00 31.51 ? 415 ASN A O   1 
ATOM   860  C CB  . ASN A 1 119 ? 8.633   -5.546  19.453  1.00 25.14 ? 415 ASN A CB  1 
ATOM   861  C CG  . ASN A 1 119 ? 8.298   -6.860  18.758  1.00 25.46 ? 415 ASN A CG  1 
ATOM   862  O OD1 . ASN A 1 119 ? 7.427   -7.607  19.204  1.00 20.10 ? 415 ASN A OD1 1 
ATOM   863  N ND2 . ASN A 1 119 ? 8.989   -7.144  17.657  1.00 23.46 ? 415 ASN A ND2 1 
ATOM   864  O OXT . ASN A 1 119 ? 8.242   -3.143  21.099  1.00 35.37 ? 415 ASN A OXT 1 
ATOM   865  N N   . LYS B 2 1   ? 11.904  8.209   2.734   1.00 35.61 ? 5   LYS B N   1 
ATOM   866  C CA  . LYS B 2 1   ? 10.844  9.223   2.452   1.00 31.70 ? 5   LYS B CA  1 
ATOM   867  C C   . LYS B 2 1   ? 9.451   8.633   2.638   1.00 28.85 ? 5   LYS B C   1 
ATOM   868  O O   . LYS B 2 1   ? 9.237   7.440   2.417   1.00 29.08 ? 5   LYS B O   1 
ATOM   869  C CB  . LYS B 2 1   ? 11.003  9.762   1.025   1.00 33.53 ? 5   LYS B CB  1 
ATOM   870  N N   . GLN B 2 2   ? 8.511   9.475   3.054   1.00 25.12 ? 6   GLN B N   1 
ATOM   871  C CA  . GLN B 2 2   ? 7.128   9.056   3.259   1.00 22.72 ? 6   GLN B CA  1 
ATOM   872  C C   . GLN B 2 2   ? 6.207   10.146  2.750   1.00 20.89 ? 6   GLN B C   1 
ATOM   873  O O   . GLN B 2 2   ? 6.362   11.313  3.105   1.00 21.39 ? 6   GLN B O   1 
ATOM   874  C CB  . GLN B 2 2   ? 6.848   8.822   4.740   1.00 21.86 ? 6   GLN B CB  1 
ATOM   875  C CG  . GLN B 2 2   ? 7.415   7.542   5.265   1.00 24.26 ? 6   GLN B CG  1 
ATOM   876  C CD  . GLN B 2 2   ? 6.441   6.776   6.139   1.00 23.46 ? 6   GLN B CD  1 
ATOM   877  O OE1 . GLN B 2 2   ? 5.215   6.904   6.016   1.00 21.71 ? 6   GLN B OE1 1 
ATOM   878  N NE2 . GLN B 2 2   ? 6.986   5.961   7.026   1.00 26.30 ? 6   GLN B NE2 1 
ATOM   879  N N   . THR B 2 3   ? 5.241   9.764   1.926   1.00 17.70 ? 7   THR B N   1 
ATOM   880  C CA  . THR B 2 3   ? 4.308   10.731  1.368   1.00 17.88 ? 7   THR B CA  1 
ATOM   881  C C   . THR B 2 3   ? 2.862   10.295  1.567   1.00 17.05 ? 7   THR B C   1 
ATOM   882  O O   . THR B 2 3   ? 2.521   9.132   1.365   1.00 16.06 ? 7   THR B O   1 
ATOM   883  C CB  . THR B 2 3   ? 4.569   10.942  -0.147  1.00 14.05 ? 7   THR B CB  1 
ATOM   884  O OG1 . THR B 2 3   ? 5.929   11.347  -0.343  1.00 17.31 ? 7   THR B OG1 1 
ATOM   885  C CG2 . THR B 2 3   ? 3.652   12.007  -0.713  1.00 13.72 ? 7   THR B CG2 1 
ATOM   886  N N   . SER B 2 4   ? 2.019   11.232  1.985   1.00 14.96 ? 8   SER B N   1 
ATOM   887  C CA  . SER B 2 4   ? 0.612   10.935  2.175   1.00 16.48 ? 8   SER B CA  1 
ATOM   888  C C   . SER B 2 4   ? -0.092  11.212  0.842   1.00 17.61 ? 8   SER B C   1 
ATOM   889  O O   . SER B 2 4   ? 0.128   12.250  0.207   1.00 19.05 ? 8   SER B O   1 
ATOM   890  C CB  . SER B 2 4   ? 0.030   11.804  3.299   1.00 16.65 ? 8   SER B CB  1 
ATOM   891  O OG  . SER B 2 4   ? 0.517   13.130  3.235   1.00 27.09 ? 8   SER B OG  1 
ATOM   892  N N   . VAL B 2 5   ? -0.926  10.274  0.412   1.00 16.11 ? 9   VAL B N   1 
ATOM   893  C CA  . VAL B 2 5   ? -1.640  10.408  -0.852  1.00 15.65 ? 9   VAL B CA  1 
ATOM   894  C C   . VAL B 2 5   ? -3.141  10.182  -0.681  1.00 14.44 ? 9   VAL B C   1 
ATOM   895  O O   . VAL B 2 5   ? -3.882  10.343  -1.672  1.00 16.00 ? 9   VAL B O   1 
ATOM   896  C CB  . VAL B 2 5   ? -1.104  9.397   -1.896  1.00 11.15 ? 9   VAL B CB  1 
ATOM   897  C CG1 . VAL B 2 5   ? 0.395   9.591   -2.099  1.00 14.96 ? 9   VAL B CG1 1 
ATOM   898  C CG2 . VAL B 2 5   ? -1.383  7.983   -1.431  1.00 9.83  ? 9   VAL B CG2 1 
ATOM   899  O OXT . VAL B 2 5   ? -3.561  9.833   0.438   1.00 15.84 ? 9   VAL B OXT 1 
HETATM 900  O O   . HOH C 3 .   ? -1.847  -9.818  -1.448  1.00 12.71 ? 1   HOH A O   1 
HETATM 901  O O   . HOH C 3 .   ? 5.783   -0.908  -6.114  1.00 11.94 ? 2   HOH A O   1 
HETATM 902  O O   . HOH C 3 .   ? 6.428   2.663   14.019  1.00 10.16 ? 3   HOH A O   1 
HETATM 903  O O   . HOH C 3 .   ? 3.152   -15.924 6.271   1.00 24.55 ? 4   HOH A O   1 
HETATM 904  O O   . HOH C 3 .   ? -3.309  -1.607  8.040   1.00 23.73 ? 5   HOH A O   1 
HETATM 905  O O   . HOH C 3 .   ? 10.393  -12.535 1.593   1.00 43.65 ? 6   HOH A O   1 
HETATM 906  O O   . HOH C 3 .   ? -9.672  3.506   -12.854 1.00 26.97 ? 7   HOH A O   1 
HETATM 907  O O   . HOH C 3 .   ? -8.084  5.847   4.100   1.00 8.75  ? 8   HOH A O   1 
HETATM 908  O O   . HOH C 3 .   ? 0.265   -4.354  -12.006 1.00 28.81 ? 9   HOH A O   1 
HETATM 909  O O   . HOH C 3 .   ? -8.595  -0.663  3.875   1.00 14.57 ? 10  HOH A O   1 
HETATM 910  O O   . HOH C 3 .   ? 3.124   0.532   -17.018 1.00 20.07 ? 11  HOH A O   1 
HETATM 911  O O   . HOH C 3 .   ? 7.995   -12.781 13.997  1.00 13.24 ? 12  HOH A O   1 
HETATM 912  O O   . HOH C 3 .   ? 2.887   -11.510 -1.844  1.00 12.30 ? 13  HOH A O   1 
HETATM 913  O O   . HOH C 3 .   ? -3.546  -0.661  -12.004 1.00 12.97 ? 14  HOH A O   1 
HETATM 914  O O   . HOH C 3 .   ? -5.014  -19.939 7.022   1.00 28.13 ? 15  HOH A O   1 
HETATM 915  O O   . HOH C 3 .   ? 9.934   -11.453 10.478  1.00 23.27 ? 16  HOH A O   1 
HETATM 916  O O   . HOH C 3 .   ? 2.051   -4.923  16.396  1.00 57.50 ? 17  HOH A O   1 
HETATM 917  O O   . HOH C 3 .   ? -7.831  -6.633  -1.741  1.00 21.18 ? 18  HOH A O   1 
HETATM 918  O O   . HOH C 3 .   ? 11.686  -6.867  15.240  1.00 29.16 ? 19  HOH A O   1 
HETATM 919  O O   . HOH C 3 .   ? -4.088  -9.454  1.036   1.00 13.93 ? 20  HOH A O   1 
HETATM 920  O O   . HOH C 3 .   ? -13.470 3.953   -1.070  1.00 29.18 ? 21  HOH A O   1 
HETATM 921  O O   . HOH C 3 .   ? -0.742  -4.902  8.168   1.00 23.69 ? 22  HOH A O   1 
HETATM 922  O O   . HOH C 3 .   ? 4.538   -13.264 -0.425  1.00 12.23 ? 23  HOH A O   1 
HETATM 923  O O   . HOH C 3 .   ? -1.820  7.952   -12.862 1.00 34.41 ? 24  HOH A O   1 
HETATM 924  O O   . HOH C 3 .   ? -12.849 -3.001  -5.721  1.00 33.75 ? 25  HOH A O   1 
HETATM 925  O O   . HOH C 3 .   ? 14.288  -1.417  14.321  1.00 21.20 ? 26  HOH A O   1 
HETATM 926  O O   . HOH C 3 .   ? -2.622  10.610  7.317   1.00 20.99 ? 27  HOH A O   1 
HETATM 927  O O   . HOH C 3 .   ? 0.255   -14.108 4.914   1.00 28.99 ? 28  HOH A O   1 
HETATM 928  O O   . HOH C 3 .   ? -13.759 9.353   2.642   1.00 21.20 ? 29  HOH A O   1 
HETATM 929  O O   . HOH C 3 .   ? 8.166   -15.701 10.615  1.00 47.06 ? 30  HOH A O   1 
HETATM 930  O O   . HOH C 3 .   ? -11.251 -8.165  -14.847 1.00 63.73 ? 31  HOH A O   1 
HETATM 931  O O   . HOH C 3 .   ? 12.055  -3.877  11.282  1.00 21.59 ? 32  HOH A O   1 
HETATM 932  O O   . HOH C 3 .   ? -6.215  12.885  -9.328  1.00 17.10 ? 33  HOH A O   1 
HETATM 933  O O   . HOH C 3 .   ? -0.455  -7.183  8.958   1.00 25.35 ? 34  HOH A O   1 
HETATM 934  O O   . HOH C 3 .   ? -15.262 7.786   7.257   1.00 32.13 ? 35  HOH A O   1 
HETATM 935  O O   . HOH C 3 .   ? -6.055  -6.365  2.542   1.00 28.83 ? 36  HOH A O   1 
HETATM 936  O O   . HOH C 3 .   ? -14.970 8.926   -7.678  1.00 21.52 ? 37  HOH A O   1 
HETATM 937  O O   . HOH C 3 .   ? -6.601  -2.269  6.372   1.00 30.49 ? 38  HOH A O   1 
HETATM 938  O O   . HOH C 3 .   ? -5.763  -16.987 3.151   1.00 64.69 ? 39  HOH A O   1 
HETATM 939  O O   . HOH C 3 .   ? -14.442 6.376   -1.204  1.00 40.09 ? 40  HOH A O   1 
HETATM 940  O O   . HOH C 3 .   ? 10.448  13.432  -9.618  1.00 35.56 ? 41  HOH A O   1 
HETATM 941  O O   . HOH C 3 .   ? 4.017   0.382   17.024  1.00 24.57 ? 42  HOH A O   1 
HETATM 942  O O   . HOH C 3 .   ? -9.483  -6.268  -3.947  1.00 22.21 ? 43  HOH A O   1 
HETATM 943  O O   . HOH C 3 .   ? -13.857 3.647   8.904   1.00 33.03 ? 44  HOH A O   1 
HETATM 944  O O   . HOH C 3 .   ? 4.919   -15.624 8.089   1.00 20.03 ? 45  HOH A O   1 
HETATM 945  O O   . HOH C 3 .   ? 12.158  -5.724  19.211  1.00 38.53 ? 46  HOH A O   1 
HETATM 946  O O   . HOH C 3 .   ? -3.521  -7.137  2.336   1.00 15.62 ? 47  HOH A O   1 
HETATM 947  O O   . HOH C 3 .   ? -6.128  16.616  -0.155  1.00 31.42 ? 48  HOH A O   1 
HETATM 948  O O   . HOH C 3 .   ? 3.883   14.603  -4.093  1.00 30.59 ? 49  HOH A O   1 
HETATM 949  O O   . HOH C 3 .   ? 9.648   -5.585  -4.222  1.00 52.25 ? 50  HOH A O   1 
HETATM 950  O O   . HOH C 3 .   ? 1.459   -18.072 4.963   1.00 58.59 ? 51  HOH A O   1 
HETATM 951  O O   . HOH C 3 .   ? -13.097 0.099   -3.075  1.00 66.84 ? 52  HOH A O   1 
HETATM 952  O O   . HOH C 3 .   ? 2.148   -3.092  12.953  1.00 41.84 ? 53  HOH A O   1 
HETATM 953  O O   . HOH C 3 .   ? 13.673  8.502   -5.155  1.00 68.85 ? 54  HOH A O   1 
HETATM 954  O O   . HOH C 3 .   ? -4.295  11.616  -4.166  1.00 17.87 ? 55  HOH A O   1 
HETATM 955  O O   . HOH C 3 .   ? -5.739  15.528  -10.663 1.00 34.80 ? 58  HOH A O   1 
HETATM 956  O O   . HOH C 3 .   ? 3.178   -0.313  13.950  1.00 21.35 ? 59  HOH A O   1 
HETATM 957  O O   . HOH C 3 .   ? 12.828  1.553   18.815  1.00 21.63 ? 60  HOH A O   1 
HETATM 958  O O   . HOH C 3 .   ? 7.427   -12.631 -0.652  1.00 48.95 ? 61  HOH A O   1 
HETATM 959  O O   . HOH C 3 .   ? -5.087  0.168   8.771   1.00 23.26 ? 62  HOH A O   1 
HETATM 960  O O   . HOH C 3 .   ? 15.301  -2.932  8.922   1.00 35.54 ? 63  HOH A O   1 
HETATM 961  O O   . HOH C 3 .   ? 2.177   -12.311 16.803  1.00 32.05 ? 64  HOH A O   1 
HETATM 962  O O   . HOH C 3 .   ? -16.073 13.350  -3.266  1.00 26.84 ? 65  HOH A O   1 
HETATM 963  O O   . HOH C 3 .   ? -12.141 -6.555  -9.789  1.00 37.04 ? 66  HOH A O   1 
HETATM 964  O O   . HOH C 3 .   ? -5.035  -2.126  -13.787 1.00 24.22 ? 67  HOH A O   1 
HETATM 965  O O   . HOH C 3 .   ? -2.077  8.937   5.001   1.00 19.72 ? 68  HOH A O   1 
HETATM 966  O O   . HOH C 3 .   ? -10.677 -7.232  2.406   1.00 59.28 ? 69  HOH A O   1 
HETATM 967  O O   . HOH C 3 .   ? -11.745 8.565   -12.700 1.00 34.97 ? 70  HOH A O   1 
HETATM 968  O O   . HOH C 3 .   ? 13.758  0.069   20.528  1.00 29.02 ? 71  HOH A O   1 
HETATM 969  O O   . HOH C 3 .   ? -14.557 3.513   -3.485  1.00 70.57 ? 72  HOH A O   1 
HETATM 970  O O   . HOH C 3 .   ? -8.543  13.173  -8.209  1.00 21.38 ? 73  HOH A O   1 
HETATM 971  O O   . HOH C 3 .   ? 8.441   -1.369  -13.752 1.00 19.87 ? 74  HOH A O   1 
HETATM 972  O O   . HOH C 3 .   ? 8.078   0.688   -12.376 1.00 34.48 ? 75  HOH A O   1 
HETATM 973  O O   . HOH C 3 .   ? 12.344  14.087  -8.210  1.00 44.93 ? 76  HOH A O   1 
HETATM 974  O O   . HOH C 3 .   ? 4.334   9.601   -12.115 1.00 16.96 ? 77  HOH A O   1 
HETATM 975  O O   . HOH C 3 .   ? -14.707 6.128   9.280   1.00 36.52 ? 78  HOH A O   1 
HETATM 976  O O   . HOH C 3 .   ? 5.159   -15.402 15.322  1.00 39.75 ? 79  HOH A O   1 
HETATM 977  O O   . HOH C 3 .   ? -9.141  7.949   -12.743 1.00 49.55 ? 80  HOH A O   1 
HETATM 978  O O   . HOH C 3 .   ? 4.529   -13.094 18.005  1.00 49.05 ? 81  HOH A O   1 
HETATM 979  O O   . HOH C 3 .   ? 12.056  -7.871  11.183  1.00 31.14 ? 82  HOH A O   1 
HETATM 980  O O   . HOH C 3 .   ? 7.290   -10.087 1.876   1.00 45.96 ? 83  HOH A O   1 
HETATM 981  O O   . HOH C 3 .   ? -6.853  -9.905  0.272   1.00 29.23 ? 84  HOH A O   1 
HETATM 982  O O   . HOH C 3 .   ? 3.875   7.041   -13.852 1.00 26.56 ? 86  HOH A O   1 
HETATM 983  O O   . HOH C 3 .   ? -9.110  -8.519  -7.077  1.00 51.44 ? 87  HOH A O   1 
HETATM 984  O O   . HOH C 3 .   ? -14.712 9.627   -12.285 1.00 61.03 ? 88  HOH A O   1 
HETATM 985  O O   . HOH C 3 .   ? 10.488  -10.389 8.027   1.00 38.45 ? 90  HOH A O   1 
HETATM 986  O O   . HOH C 3 .   ? -14.140 15.278  -4.442  1.00 29.43 ? 91  HOH A O   1 
HETATM 987  O O   . HOH C 3 .   ? 13.192  2.339   -1.365  1.00 42.25 ? 92  HOH A O   1 
HETATM 988  O O   . HOH C 3 .   ? 3.901   -5.066  -14.592 1.00 47.21 ? 93  HOH A O   1 
HETATM 989  O O   . HOH C 3 .   ? -4.214  -12.739 -7.856  1.00 40.37 ? 94  HOH A O   1 
HETATM 990  O O   . HOH C 3 .   ? -5.913  -12.549 7.009   1.00 65.32 ? 95  HOH A O   1 
HETATM 991  O O   . HOH C 3 .   ? 14.843  1.902   7.201   1.00 34.29 ? 96  HOH A O   1 
HETATM 992  O O   . HOH C 3 .   ? -5.990  -9.222  10.255  1.00 66.97 ? 97  HOH A O   1 
HETATM 993  O O   . HOH C 3 .   ? 14.627  -5.419  17.338  1.00 52.16 ? 98  HOH A O   1 
HETATM 994  O O   . HOH C 3 .   ? -8.025  -4.620  4.818   1.00 46.22 ? 99  HOH A O   1 
HETATM 995  O O   . HOH C 3 .   ? -10.067 10.228  -14.874 1.00 59.53 ? 100 HOH A O   1 
HETATM 996  O O   . HOH C 3 .   ? -4.084  -16.715 19.038  1.00 41.48 ? 102 HOH A O   1 
HETATM 997  O O   . HOH C 3 .   ? 11.776  10.837  -5.195  1.00 27.81 ? 103 HOH A O   1 
HETATM 998  O O   . HOH C 3 .   ? 11.258  -4.568  -1.283  1.00 26.28 ? 104 HOH A O   1 
HETATM 999  O O   . HOH C 3 .   ? 13.250  -7.467  4.860   1.00 52.30 ? 105 HOH A O   1 
HETATM 1000 O O   . HOH C 3 .   ? -15.271 2.181   10.479  1.00 44.97 ? 106 HOH A O   1 
HETATM 1001 O O   . HOH C 3 .   ? -5.753  11.080  -14.915 1.00 49.85 ? 107 HOH A O   1 
HETATM 1002 O O   . HOH C 3 .   ? 0.572   -2.416  -14.995 1.00 48.56 ? 108 HOH A O   1 
HETATM 1003 O O   . HOH C 3 .   ? 10.609  0.867   -6.546  1.00 38.81 ? 109 HOH A O   1 
HETATM 1004 O O   . HOH C 3 .   ? 12.203  -3.350  1.601   1.00 43.55 ? 110 HOH A O   1 
HETATM 1005 O O   . HOH C 3 .   ? 7.491   1.040   -16.287 1.00 29.33 ? 111 HOH A O   1 
HETATM 1006 O O   . HOH C 3 .   ? 9.501   -4.541  -6.712  1.00 31.87 ? 112 HOH A O   1 
HETATM 1007 O O   . HOH C 3 .   ? 0.753   -16.914 7.076   1.00 30.40 ? 113 HOH A O   1 
HETATM 1008 O O   . HOH C 3 .   ? 16.520  -9.136  1.391   1.00 63.69 ? 114 HOH A O   1 
HETATM 1009 O O   . HOH C 3 .   ? 18.321  1.610   -1.379  1.00 52.71 ? 115 HOH A O   1 
HETATM 1010 O O   . HOH C 3 .   ? -10.852 11.689  -12.942 1.00 32.64 ? 116 HOH A O   1 
HETATM 1011 O O   . HOH C 3 .   ? 5.605   2.826   -14.886 1.00 18.75 ? 117 HOH A O   1 
HETATM 1012 O O   . HOH C 3 .   ? 0.541   13.072  -13.484 1.00 59.39 ? 119 HOH A O   1 
HETATM 1013 O O   . HOH C 3 .   ? -1.801  -5.572  11.539  1.00 52.23 ? 120 HOH A O   1 
HETATM 1014 O O   . HOH C 3 .   ? 7.029   -14.055 7.640   1.00 25.00 ? 122 HOH A O   1 
HETATM 1015 O O   . HOH C 3 .   ? 2.747   -4.141  -12.288 1.00 31.00 ? 123 HOH A O   1 
HETATM 1016 O O   . HOH C 3 .   ? 19.667  2.141   -6.702  1.00 53.26 ? 124 HOH A O   1 
HETATM 1017 O O   . HOH C 3 .   ? -10.703 10.635  8.323   1.00 59.51 ? 125 HOH A O   1 
HETATM 1018 O O   . HOH C 3 .   ? -13.041 -3.822  -8.825  1.00 51.60 ? 126 HOH A O   1 
HETATM 1019 O O   . HOH C 3 .   ? -1.138  -15.421 14.048  1.00 54.58 ? 127 HOH A O   1 
HETATM 1020 O O   . HOH C 3 .   ? -13.825 -7.107  1.369   1.00 29.86 ? 128 HOH A O   1 
HETATM 1021 O O   . HOH C 3 .   ? -6.160  0.202   -15.055 1.00 26.09 ? 129 HOH A O   1 
HETATM 1022 O O   . HOH C 3 .   ? -2.971  -17.451 2.180   1.00 52.18 ? 130 HOH A O   1 
HETATM 1023 O O   . HOH C 3 .   ? -1.932  -16.704 -0.311  1.00 30.83 ? 131 HOH A O   1 
HETATM 1024 O O   . HOH C 3 .   ? -8.179  -7.429  0.651   1.00 30.96 ? 132 HOH A O   1 
HETATM 1025 O O   . HOH C 3 .   ? -4.380  -7.508  11.587  1.00 45.05 ? 133 HOH A O   1 
HETATM 1026 O O   . HOH C 3 .   ? -0.437  -10.369 15.016  1.00 44.69 ? 134 HOH A O   1 
HETATM 1027 O O   . HOH C 3 .   ? -15.859 -0.142  -8.243  1.00 48.35 ? 135 HOH A O   1 
HETATM 1028 O O   . HOH C 3 .   ? -13.268 11.219  0.332   1.00 39.53 ? 136 HOH A O   1 
HETATM 1029 O O   . HOH C 3 .   ? 2.621   -3.483  -16.798 1.00 37.80 ? 137 HOH A O   1 
HETATM 1030 O O   . HOH C 3 .   ? -16.316 -1.267  1.032   1.00 43.98 ? 138 HOH A O   1 
HETATM 1031 O O   . HOH C 3 .   ? -0.318  -21.955 6.391   1.00 48.13 ? 140 HOH A O   1 
HETATM 1032 O O   . HOH C 3 .   ? 1.082   2.148   -18.557 1.00 70.55 ? 141 HOH A O   1 
HETATM 1033 O O   . HOH C 3 .   ? -7.075  14.349  1.569   1.00 65.65 ? 142 HOH A O   1 
HETATM 1034 O O   . HOH C 3 .   ? -9.481  14.315  1.033   1.00 48.88 ? 143 HOH A O   1 
HETATM 1035 O O   . HOH C 3 .   ? 1.414   15.969  -7.677  1.00 68.72 ? 144 HOH A O   1 
HETATM 1036 O O   . HOH C 3 .   ? -2.959  -3.411  -14.869 1.00 40.27 ? 146 HOH A O   1 
HETATM 1037 O O   . HOH D 3 .   ? -3.433  10.641  3.326   1.00 16.70 ? 56  HOH B O   1 
HETATM 1038 O O   . HOH D 3 .   ? 1.340   14.573  0.379   1.00 20.64 ? 57  HOH B O   1 
HETATM 1039 O O   . HOH D 3 .   ? 6.401   13.793  4.786   1.00 23.73 ? 85  HOH B O   1 
HETATM 1040 O O   . HOH D 3 .   ? 7.131   12.845  -2.669  1.00 36.51 ? 89  HOH B O   1 
HETATM 1041 O O   . HOH D 3 .   ? 9.634   12.201  2.603   1.00 53.29 ? 101 HOH B O   1 
HETATM 1042 O O   . HOH D 3 .   ? 10.879  5.757   1.493   1.00 44.76 ? 118 HOH B O   1 
HETATM 1043 O O   . HOH D 3 .   ? 12.402  9.601   6.172   1.00 52.80 ? 121 HOH B O   1 
HETATM 1044 O O   . HOH D 3 .   ? 6.755   13.593  0.669   1.00 38.91 ? 139 HOH B O   1 
HETATM 1045 O O   . HOH D 3 .   ? 13.960  6.855   4.068   1.00 51.08 ? 145 HOH B O   1 
# 
